data_2GBI
#
_entry.id   2GBI
#
_cell.length_a   208.547
_cell.length_b   208.547
_cell.length_c   208.547
_cell.angle_alpha   90.00
_cell.angle_beta   90.00
_cell.angle_gamma   90.00
#
_symmetry.space_group_name_H-M   'P 21 3'
#
loop_
_entity.id
_entity.type
_entity.pdbx_description
1 polymer 'Dipeptidyl peptidase 4'
2 non-polymer 2-({8-[(3R)-3-AMINOPIPERIDIN-1-YL]-1,3-DIMETHYL-2,6-DIOXO-1,2,3,6-TETRAHYDRO-7H-PURIN-7-YL}METHYL)BENZONITRILE
#
_entity_poly.entity_id   1
_entity_poly.type   'polypeptide(L)'
_entity_poly.pdbx_seq_one_letter_code
;RRTYTLADYLKNTFRVKSYSLRWVSDSEYLYKQENNILLFNAEHGNSSIFLENSTFEIFGDSISDYSVSPDRLFVLLEYN
YVKQWRHSYTASYSIYDLNKRQLITEEKIPNNTQWITWSQEGHKLAYVWKNDIYVKIEPHLPSHRITSTGKENVIFNGIN
DWVYEEEIFGAYSALWWSPNGTFLAYAQFNDTGVPLIEYSFYSDESLQYPKTVWIPYPKAGAVNPTVKFFIVNTDSLSST
TTTIPMQITAPASVTTGDHYLCDVAWVSEDRISLQWLRRIQNYSVMAICDYDKTTLVWNCPTTQEHIETSATGWCGRFRP
AEPHFTSDGSSFYKIVSDKDGYKHICQFQKDRKPEQVCTFITKGAWEVISIEALTSDYLYYISNEYKEMPGGRNLYKIQL
TDHTNKKCLSCDLNPERCQYYSVSLSKEAKYYQLGCRGPGLPLYTLHRSTDQKELRVLEDNSALDKMLQDVQMPSKKLDF
IVLNETRFWYQMILPPHFDKSKKYPLLIDVYAGPCSQKADAAFRLNWATYLASTENIIVASFDGRGSGYQGDKIMHAINK
RLGTLEVEDQIEAARQFLKMGFVDSKRVAIWGWSYGGYVTSMVLGSGSGVFKCGIAVAPVSRWEYYDSVYTERYMGLPTP
EDNLDHYRNSTVMSRAENFKQVEYLLIHGTADDNVHFQQSAQISKALVDAGVDFQAMWYTDEDHGIASSTAHQHIYSHMS
HFLQQCFSLR
;
_entity_poly.pdbx_strand_id   A,B
#
# COMPACT_ATOMS: atom_id res chain seq x y z
N ARG A 1 -44.38 -7.70 3.18
CA ARG A 1 -43.60 -8.98 3.17
C ARG A 1 -42.20 -8.78 2.55
N ARG A 2 -41.73 -7.53 2.53
CA ARG A 2 -40.41 -7.20 1.98
C ARG A 2 -39.38 -7.32 3.11
N THR A 3 -38.18 -7.79 2.79
CA THR A 3 -37.13 -7.92 3.80
C THR A 3 -36.37 -6.58 3.80
N TYR A 4 -35.41 -6.43 4.69
CA TYR A 4 -34.60 -5.20 4.75
C TYR A 4 -33.35 -5.43 3.90
N THR A 5 -33.39 -4.96 2.66
CA THR A 5 -32.30 -5.12 1.69
C THR A 5 -30.98 -4.45 2.11
N LEU A 6 -29.85 -4.91 1.54
CA LEU A 6 -28.55 -4.30 1.85
C LEU A 6 -28.63 -2.89 1.29
N ALA A 7 -29.38 -2.75 0.21
CA ALA A 7 -29.55 -1.45 -0.41
C ALA A 7 -30.25 -0.54 0.59
N ASP A 8 -31.30 -1.03 1.24
CA ASP A 8 -32.02 -0.23 2.21
C ASP A 8 -31.00 0.41 3.15
N TYR A 9 -30.04 -0.42 3.59
CA TYR A 9 -28.99 0.05 4.47
C TYR A 9 -28.05 1.05 3.81
N LEU A 10 -27.44 0.63 2.71
CA LEU A 10 -26.49 1.46 1.98
C LEU A 10 -27.02 2.79 1.46
N LYS A 11 -28.24 2.78 0.91
CA LYS A 11 -28.85 3.98 0.36
C LYS A 11 -29.64 4.75 1.40
N ASN A 12 -29.62 4.23 2.63
CA ASN A 12 -30.35 4.83 3.75
C ASN A 12 -31.77 5.17 3.34
N THR A 13 -32.55 4.15 3.03
CA THR A 13 -33.93 4.33 2.60
C THR A 13 -34.86 4.69 3.74
N PHE A 14 -34.75 3.95 4.84
CA PHE A 14 -35.60 4.24 5.99
C PHE A 14 -34.86 5.18 6.93
N ARG A 15 -35.20 6.47 6.80
CA ARG A 15 -34.59 7.54 7.58
C ARG A 15 -35.04 7.56 9.03
N VAL A 16 -34.09 7.68 9.95
CA VAL A 16 -34.39 7.79 11.37
C VAL A 16 -34.24 9.25 11.73
N LYS A 17 -35.30 9.90 12.20
CA LYS A 17 -35.21 11.32 12.54
C LYS A 17 -34.73 11.60 13.96
N SER A 18 -34.49 12.88 14.23
CA SER A 18 -34.04 13.33 15.53
C SER A 18 -34.32 14.82 15.71
N TYR A 19 -34.07 15.33 16.91
CA TYR A 19 -34.30 16.74 17.17
C TYR A 19 -33.05 17.27 17.83
N SER A 20 -32.19 17.90 17.03
CA SER A 20 -30.96 18.45 17.56
C SER A 20 -31.17 19.93 17.72
N LEU A 21 -31.32 20.38 18.96
CA LEU A 21 -31.54 21.79 19.24
C LEU A 21 -30.30 22.44 19.83
N ARG A 22 -30.36 23.76 19.94
CA ARG A 22 -29.28 24.52 20.52
C ARG A 22 -29.87 25.53 21.48
N TRP A 23 -29.76 25.24 22.78
CA TRP A 23 -30.28 26.13 23.80
C TRP A 23 -29.57 27.45 23.68
N VAL A 24 -30.33 28.53 23.58
CA VAL A 24 -29.74 29.84 23.44
C VAL A 24 -29.78 30.59 24.75
N SER A 25 -30.77 30.25 25.57
CA SER A 25 -30.93 30.87 26.87
C SER A 25 -31.55 29.82 27.79
N ASP A 26 -32.03 30.24 28.95
CA ASP A 26 -32.61 29.30 29.88
C ASP A 26 -34.01 28.97 29.45
N SER A 27 -34.49 29.59 28.37
CA SER A 27 -35.86 29.36 27.94
C SER A 27 -36.16 29.38 26.43
N GLU A 28 -35.13 29.48 25.60
CA GLU A 28 -35.34 29.49 24.15
C GLU A 28 -34.23 28.67 23.52
N TYR A 29 -34.51 28.08 22.35
CA TYR A 29 -33.52 27.28 21.67
C TYR A 29 -33.62 27.43 20.17
N LEU A 30 -32.60 26.97 19.46
CA LEU A 30 -32.57 27.08 18.02
C LEU A 30 -32.76 25.70 17.39
N TYR A 31 -33.44 25.69 16.24
CA TYR A 31 -33.71 24.46 15.51
C TYR A 31 -33.72 24.67 14.01
N LYS A 32 -33.07 23.75 13.31
CA LYS A 32 -32.98 23.83 11.86
C LYS A 32 -34.20 23.14 11.28
N GLN A 33 -35.04 23.91 10.58
CA GLN A 33 -36.24 23.37 9.95
C GLN A 33 -36.27 23.79 8.49
N GLU A 34 -36.12 22.81 7.60
CA GLU A 34 -36.12 23.06 6.16
C GLU A 34 -35.13 24.18 5.83
N ASN A 35 -33.89 24.01 6.28
CA ASN A 35 -32.83 25.00 6.05
C ASN A 35 -33.18 26.43 6.49
N ASN A 36 -33.86 26.52 7.64
CA ASN A 36 -34.25 27.79 8.23
C ASN A 36 -33.99 27.63 9.70
N ILE A 37 -33.25 28.56 10.29
CA ILE A 37 -32.99 28.46 11.70
C ILE A 37 -34.12 29.15 12.44
N LEU A 38 -34.81 28.38 13.27
CA LEU A 38 -35.93 28.90 14.03
C LEU A 38 -35.62 29.01 15.52
N LEU A 39 -36.34 29.91 16.18
CA LEU A 39 -36.17 30.13 17.61
C LEU A 39 -37.42 29.66 18.32
N PHE A 40 -37.31 28.63 19.14
CA PHE A 40 -38.47 28.14 19.86
C PHE A 40 -38.49 28.53 21.32
N ASN A 41 -39.68 28.75 21.83
CA ASN A 41 -39.88 29.11 23.21
C ASN A 41 -40.25 27.85 23.97
N ALA A 42 -39.36 27.36 24.83
CA ALA A 42 -39.70 26.17 25.59
C ALA A 42 -40.76 26.63 26.57
N GLU A 43 -41.94 26.02 26.49
CA GLU A 43 -43.07 26.33 27.35
C GLU A 43 -44.28 26.35 26.44
N HIS A 44 -44.22 27.16 25.38
CA HIS A 44 -45.31 27.24 24.41
C HIS A 44 -44.67 26.94 23.06
N GLY A 45 -45.45 26.50 22.08
CA GLY A 45 -44.86 26.24 20.79
C GLY A 45 -44.30 27.50 20.13
N ASN A 46 -44.63 28.66 20.72
CA ASN A 46 -44.19 29.99 20.25
C ASN A 46 -42.90 29.81 19.45
N SER A 47 -42.95 30.02 18.14
CA SER A 47 -41.74 29.89 17.33
C SER A 47 -41.33 31.27 16.80
N SER A 48 -40.54 31.29 15.73
CA SER A 48 -40.07 32.54 15.14
C SER A 48 -38.87 32.28 14.23
N ILE A 49 -38.75 33.03 13.15
CA ILE A 49 -37.65 32.86 12.21
C ILE A 49 -36.39 33.60 12.66
N PHE A 50 -35.27 32.90 12.73
CA PHE A 50 -34.00 33.50 13.12
C PHE A 50 -33.11 33.71 11.90
N LEU A 51 -33.12 32.75 10.97
CA LEU A 51 -32.35 32.79 9.73
C LEU A 51 -33.15 32.10 8.61
N GLU A 52 -33.28 32.76 7.45
CA GLU A 52 -34.08 32.20 6.36
C GLU A 52 -33.50 31.18 5.37
N ASN A 53 -34.41 30.46 4.72
CA ASN A 53 -34.12 29.46 3.69
C ASN A 53 -33.00 30.14 2.88
N SER A 54 -33.12 31.46 2.78
CA SER A 54 -32.19 32.33 2.07
C SER A 54 -30.74 32.32 2.55
N THR A 55 -30.30 33.43 3.15
CA THR A 55 -28.95 33.62 3.69
C THR A 55 -27.93 32.51 3.42
N PHE A 56 -28.32 31.27 3.72
CA PHE A 56 -27.46 30.10 3.52
C PHE A 56 -27.08 29.89 2.04
N GLU A 57 -28.02 30.11 1.11
CA GLU A 57 -27.74 29.88 -0.31
C GLU A 57 -26.90 30.95 -1.03
N ILE A 58 -26.38 31.93 -0.28
CA ILE A 58 -25.54 32.96 -0.89
C ILE A 58 -24.21 32.26 -1.22
N PHE A 59 -23.67 31.58 -0.21
CA PHE A 59 -22.44 30.82 -0.37
C PHE A 59 -22.90 29.48 -1.00
N GLY A 60 -24.13 29.50 -1.50
CA GLY A 60 -24.73 28.35 -2.15
C GLY A 60 -24.94 27.03 -1.42
N ASP A 61 -24.30 26.00 -1.97
CA ASP A 61 -24.37 24.64 -1.48
C ASP A 61 -23.20 24.22 -0.59
N SER A 62 -22.28 25.15 -0.33
CA SER A 62 -21.10 24.83 0.48
C SER A 62 -21.13 25.28 1.94
N ILE A 63 -22.28 25.77 2.40
CA ILE A 63 -22.40 26.19 3.79
C ILE A 63 -22.37 24.94 4.66
N SER A 64 -21.20 24.65 5.22
CA SER A 64 -21.01 23.46 6.04
C SER A 64 -21.73 23.51 7.38
N ASP A 65 -21.60 24.62 8.09
CA ASP A 65 -22.23 24.76 9.39
C ASP A 65 -22.35 26.21 9.80
N TYR A 66 -23.02 26.45 10.91
CA TYR A 66 -23.21 27.80 11.40
C TYR A 66 -23.02 27.82 12.91
N SER A 67 -22.65 28.98 13.43
CA SER A 67 -22.42 29.14 14.85
C SER A 67 -22.92 30.51 15.24
N VAL A 68 -23.90 30.56 16.13
CA VAL A 68 -24.45 31.85 16.54
C VAL A 68 -23.76 32.39 17.79
N SER A 69 -23.27 33.62 17.72
CA SER A 69 -22.62 34.23 18.86
C SER A 69 -23.62 34.21 20.02
N PRO A 70 -23.12 34.22 21.25
CA PRO A 70 -24.06 34.18 22.37
C PRO A 70 -24.93 35.41 22.60
N ASP A 71 -24.64 36.55 21.97
CA ASP A 71 -25.53 37.68 22.17
C ASP A 71 -26.51 37.68 21.00
N ARG A 72 -26.41 36.66 20.18
CA ARG A 72 -27.29 36.51 19.04
C ARG A 72 -27.26 37.73 18.15
N LEU A 73 -26.12 38.40 18.09
CA LEU A 73 -26.03 39.56 17.25
C LEU A 73 -25.33 39.22 15.95
N PHE A 74 -24.62 38.09 15.93
CA PHE A 74 -23.92 37.65 14.73
C PHE A 74 -23.99 36.14 14.53
N VAL A 75 -23.74 35.71 13.31
CA VAL A 75 -23.74 34.29 13.00
C VAL A 75 -22.51 33.93 12.16
N LEU A 76 -21.88 32.82 12.51
CA LEU A 76 -20.70 32.33 11.81
C LEU A 76 -21.08 31.39 10.69
N LEU A 77 -20.59 31.67 9.50
CA LEU A 77 -20.88 30.81 8.36
C LEU A 77 -19.64 30.07 7.89
N GLU A 78 -19.65 28.77 8.13
CA GLU A 78 -18.57 27.87 7.77
C GLU A 78 -18.82 27.32 6.36
N TYR A 79 -17.77 27.32 5.55
CA TYR A 79 -17.86 26.82 4.17
C TYR A 79 -16.48 26.42 3.67
N ASN A 80 -16.44 25.56 2.66
CA ASN A 80 -15.18 25.08 2.11
C ASN A 80 -14.51 24.14 3.11
N TYR A 81 -15.35 23.32 3.75
CA TYR A 81 -14.91 22.35 4.73
C TYR A 81 -14.03 21.32 4.05
N VAL A 82 -12.93 20.96 4.72
CA VAL A 82 -12.00 19.96 4.24
C VAL A 82 -11.51 19.17 5.44
N LYS A 83 -11.86 17.89 5.47
CA LYS A 83 -11.48 17.00 6.57
C LYS A 83 -9.98 16.83 6.71
N GLN A 84 -9.57 16.33 7.87
CA GLN A 84 -8.18 16.09 8.21
C GLN A 84 -8.19 15.41 9.57
N TRP A 85 -8.25 14.09 9.59
CA TRP A 85 -8.27 13.33 10.85
C TRP A 85 -9.70 13.28 11.35
N ARG A 86 -9.89 12.60 12.48
CA ARG A 86 -11.22 12.44 13.06
C ARG A 86 -11.98 13.76 13.29
N HIS A 87 -11.36 14.70 13.97
CA HIS A 87 -12.04 15.95 14.27
C HIS A 87 -11.46 17.18 13.61
N SER A 88 -10.17 17.18 13.34
CA SER A 88 -9.54 18.32 12.69
C SER A 88 -10.17 18.56 11.31
N TYR A 89 -9.99 19.76 10.78
CA TYR A 89 -10.51 20.13 9.47
C TYR A 89 -10.33 21.62 9.32
N THR A 90 -10.30 22.09 8.07
CA THR A 90 -10.15 23.50 7.80
C THR A 90 -11.30 24.03 6.94
N ALA A 91 -11.81 25.19 7.33
CA ALA A 91 -12.91 25.82 6.59
C ALA A 91 -12.59 27.28 6.33
N SER A 92 -13.58 27.96 5.74
CA SER A 92 -13.49 29.39 5.46
C SER A 92 -14.68 29.96 6.19
N TYR A 93 -14.62 31.22 6.61
CA TYR A 93 -15.74 31.77 7.35
C TYR A 93 -16.14 33.20 7.03
N SER A 94 -17.41 33.49 7.27
CA SER A 94 -17.98 34.82 7.07
C SER A 94 -18.89 35.13 8.26
N ILE A 95 -18.84 36.36 8.74
CA ILE A 95 -19.66 36.75 9.87
C ILE A 95 -20.90 37.47 9.35
N TYR A 96 -22.09 37.09 9.83
CA TYR A 96 -23.32 37.74 9.38
C TYR A 96 -23.87 38.63 10.48
N ASP A 97 -24.07 39.91 10.17
CA ASP A 97 -24.59 40.83 11.16
C ASP A 97 -26.11 40.79 11.18
N LEU A 98 -26.66 40.09 12.15
CA LEU A 98 -28.11 39.97 12.25
C LEU A 98 -28.82 41.30 12.27
N ASN A 99 -28.25 42.26 12.99
CA ASN A 99 -28.88 43.56 13.09
C ASN A 99 -28.75 44.36 11.79
N LYS A 100 -27.52 44.65 11.39
CA LYS A 100 -27.25 45.41 10.17
C LYS A 100 -27.82 44.67 8.94
N ARG A 101 -28.25 43.42 9.17
CA ARG A 101 -28.81 42.56 8.14
C ARG A 101 -27.93 42.36 6.91
N GLN A 102 -26.68 41.99 7.13
CA GLN A 102 -25.75 41.76 6.02
C GLN A 102 -24.44 41.13 6.48
N LEU A 103 -23.65 40.68 5.50
CA LEU A 103 -22.36 40.05 5.77
C LEU A 103 -21.26 41.06 6.00
N ILE A 104 -20.58 40.91 7.14
CA ILE A 104 -19.45 41.76 7.49
C ILE A 104 -18.35 41.43 6.49
N THR A 105 -17.80 42.45 5.87
CA THR A 105 -16.79 42.24 4.84
C THR A 105 -15.50 43.01 5.04
N GLU A 106 -15.32 43.60 6.22
CA GLU A 106 -14.11 44.38 6.49
C GLU A 106 -12.91 43.51 6.86
N GLU A 107 -12.71 43.31 8.16
CA GLU A 107 -11.59 42.49 8.61
C GLU A 107 -12.07 41.05 8.56
N LYS A 108 -11.94 40.43 7.39
CA LYS A 108 -12.38 39.04 7.19
C LYS A 108 -11.44 38.10 7.92
N ILE A 109 -11.82 36.84 8.01
CA ILE A 109 -10.95 35.86 8.65
C ILE A 109 -10.37 34.88 7.61
N PRO A 110 -9.07 34.63 7.71
CA PRO A 110 -8.21 33.78 6.89
C PRO A 110 -8.90 32.65 6.14
N ASN A 111 -8.75 32.65 4.81
CA ASN A 111 -9.38 31.66 3.97
C ASN A 111 -8.82 30.24 4.10
N ASN A 112 -8.49 29.83 5.33
CA ASN A 112 -7.97 28.48 5.56
C ASN A 112 -7.86 28.16 7.03
N THR A 113 -8.75 28.74 7.82
CA THR A 113 -8.75 28.57 9.26
C THR A 113 -8.83 27.13 9.77
N GLN A 114 -8.04 26.86 10.81
CA GLN A 114 -7.96 25.56 11.46
C GLN A 114 -8.99 25.37 12.57
N TRP A 115 -9.37 26.47 13.21
CA TRP A 115 -10.35 26.40 14.27
C TRP A 115 -10.81 27.78 14.69
N ILE A 116 -12.05 27.88 15.15
CA ILE A 116 -12.59 29.16 15.57
C ILE A 116 -13.73 28.98 16.56
N THR A 117 -13.95 29.98 17.41
CA THR A 117 -15.02 29.88 18.39
C THR A 117 -15.31 31.21 19.04
N TRP A 118 -16.59 31.45 19.32
CA TRP A 118 -16.99 32.69 19.99
C TRP A 118 -16.53 32.57 21.42
N SER A 119 -16.67 33.65 22.17
CA SER A 119 -16.31 33.61 23.56
C SER A 119 -17.50 32.90 24.20
N GLN A 120 -17.71 33.10 25.49
CA GLN A 120 -18.86 32.48 26.12
C GLN A 120 -19.94 33.57 26.31
N GLU A 121 -19.55 34.83 26.09
CA GLU A 121 -20.45 35.96 26.27
C GLU A 121 -20.67 36.83 25.04
N GLY A 122 -19.78 37.77 24.83
CA GLY A 122 -19.93 38.70 23.72
C GLY A 122 -19.89 38.15 22.31
N HIS A 123 -19.14 38.85 21.47
CA HIS A 123 -18.96 38.48 20.08
C HIS A 123 -17.47 38.30 19.88
N LYS A 124 -16.79 37.96 20.97
CA LYS A 124 -15.36 37.76 20.90
C LYS A 124 -15.08 36.48 20.17
N LEU A 125 -14.10 36.53 19.29
CA LEU A 125 -13.71 35.39 18.50
C LEU A 125 -12.25 35.07 18.72
N ALA A 126 -11.95 33.78 18.72
CA ALA A 126 -10.57 33.33 18.85
C ALA A 126 -10.43 32.28 17.76
N TYR A 127 -9.43 32.38 16.92
CA TYR A 127 -9.28 31.37 15.89
C TYR A 127 -7.83 30.98 15.70
N VAL A 128 -7.62 29.83 15.08
CA VAL A 128 -6.26 29.35 14.86
C VAL A 128 -6.04 29.26 13.37
N TRP A 129 -4.89 29.75 12.93
CA TRP A 129 -4.55 29.76 11.52
C TRP A 129 -3.05 29.61 11.38
N LYS A 130 -2.62 28.76 10.46
CA LYS A 130 -1.19 28.52 10.28
C LYS A 130 -0.59 28.19 11.65
N ASN A 131 -1.38 27.51 12.48
CA ASN A 131 -0.95 27.11 13.81
C ASN A 131 -0.76 28.21 14.85
N ASP A 132 -1.31 29.39 14.62
CA ASP A 132 -1.20 30.47 15.59
C ASP A 132 -2.57 30.99 16.03
N ILE A 133 -2.63 31.51 17.25
CA ILE A 133 -3.89 32.00 17.78
C ILE A 133 -4.09 33.47 17.51
N TYR A 134 -5.29 33.80 17.05
CA TYR A 134 -5.64 35.18 16.74
C TYR A 134 -6.95 35.50 17.44
N VAL A 135 -7.11 36.75 17.85
CA VAL A 135 -8.33 37.19 18.54
C VAL A 135 -8.94 38.46 17.92
N LYS A 136 -10.26 38.57 17.96
CA LYS A 136 -10.95 39.75 17.44
C LYS A 136 -12.02 40.11 18.45
N ILE A 137 -11.82 41.21 19.17
CA ILE A 137 -12.78 41.61 20.19
C ILE A 137 -14.19 41.83 19.62
N GLU A 138 -14.28 42.08 18.31
CA GLU A 138 -15.55 42.36 17.65
C GLU A 138 -15.48 42.00 16.16
N PRO A 139 -16.54 41.37 15.63
CA PRO A 139 -16.61 40.96 14.22
C PRO A 139 -16.13 41.98 13.20
N HIS A 140 -16.35 43.26 13.47
CA HIS A 140 -15.96 44.33 12.56
C HIS A 140 -14.50 44.73 12.71
N LEU A 141 -13.96 44.50 13.90
CA LEU A 141 -12.59 44.88 14.20
C LEU A 141 -11.52 43.96 13.64
N PRO A 142 -10.28 44.46 13.60
CA PRO A 142 -9.12 43.73 13.11
C PRO A 142 -8.64 42.62 14.02
N SER A 143 -7.86 41.71 13.46
CA SER A 143 -7.34 40.56 14.17
C SER A 143 -6.14 40.94 15.02
N HIS A 144 -5.99 40.26 16.16
CA HIS A 144 -4.87 40.48 17.08
C HIS A 144 -4.08 39.18 17.25
N ARG A 145 -2.91 39.10 16.65
CA ARG A 145 -2.11 37.87 16.76
C ARG A 145 -1.66 37.62 18.19
N ILE A 146 -1.89 36.40 18.68
CA ILE A 146 -1.50 36.07 20.05
C ILE A 146 -0.21 35.28 20.11
N THR A 147 0.01 34.37 19.17
CA THR A 147 1.23 33.56 19.13
C THR A 147 1.89 33.64 17.75
N SER A 148 3.19 33.39 17.71
CA SER A 148 3.91 33.44 16.46
C SER A 148 4.89 32.27 16.35
N THR A 149 4.85 31.39 17.33
CA THR A 149 5.73 30.23 17.39
C THR A 149 5.22 29.08 16.53
N GLY A 150 3.97 29.21 16.07
CA GLY A 150 3.36 28.16 15.28
C GLY A 150 4.12 27.73 14.04
N LYS A 151 4.14 26.42 13.80
CA LYS A 151 4.83 25.84 12.62
C LYS A 151 4.30 24.44 12.30
N GLU A 152 3.87 24.26 11.06
CA GLU A 152 3.31 22.98 10.58
C GLU A 152 4.03 21.70 10.98
N ASN A 153 3.27 20.82 11.64
CA ASN A 153 3.75 19.52 12.14
C ASN A 153 4.92 19.66 13.07
N VAL A 154 4.91 20.74 13.84
CA VAL A 154 5.98 21.00 14.78
C VAL A 154 5.45 21.69 16.04
N ILE A 155 4.96 22.92 15.88
CA ILE A 155 4.44 23.66 17.02
C ILE A 155 2.95 23.92 16.83
N PHE A 156 2.16 23.45 17.80
CA PHE A 156 0.73 23.65 17.73
C PHE A 156 0.29 24.58 18.82
N ASN A 157 -0.34 25.69 18.43
CA ASN A 157 -0.83 26.69 19.35
C ASN A 157 -2.34 26.75 19.29
N GLY A 158 -3.01 26.31 20.35
CA GLY A 158 -4.46 26.37 20.37
C GLY A 158 -5.20 25.24 19.68
N ILE A 159 -4.48 24.21 19.25
CA ILE A 159 -5.10 23.06 18.60
C ILE A 159 -4.23 21.87 18.98
N ASN A 160 -4.76 20.65 18.89
CA ASN A 160 -3.97 19.50 19.29
C ASN A 160 -3.18 18.88 18.14
N ASP A 161 -2.10 18.17 18.46
CA ASP A 161 -1.31 17.49 17.43
C ASP A 161 -2.09 16.20 17.15
N TRP A 162 -1.58 15.32 16.29
CA TRP A 162 -2.36 14.12 16.00
C TRP A 162 -2.83 13.29 17.18
N VAL A 163 -1.89 12.87 18.02
CA VAL A 163 -2.24 12.03 19.16
C VAL A 163 -3.15 12.67 20.20
N TYR A 164 -2.92 13.93 20.55
CA TYR A 164 -3.77 14.58 21.53
C TYR A 164 -5.21 14.70 21.01
N GLU A 165 -5.30 15.00 19.72
CA GLU A 165 -6.60 15.16 19.08
C GLU A 165 -7.41 13.88 19.14
N GLU A 166 -6.76 12.76 18.88
CA GLU A 166 -7.43 11.45 18.89
C GLU A 166 -7.59 10.78 20.25
N GLU A 167 -6.53 10.74 21.03
CA GLU A 167 -6.55 10.08 22.34
C GLU A 167 -6.78 10.89 23.62
N ILE A 168 -6.64 12.20 23.58
CA ILE A 168 -6.86 12.97 24.80
C ILE A 168 -8.09 13.86 24.81
N PHE A 169 -8.03 14.96 24.08
CA PHE A 169 -9.15 15.90 24.06
C PHE A 169 -10.37 15.54 23.22
N GLY A 170 -10.22 14.56 22.34
CA GLY A 170 -11.35 14.17 21.50
C GLY A 170 -11.75 15.19 20.47
N ALA A 171 -11.01 16.28 20.35
CA ALA A 171 -11.31 17.32 19.37
C ALA A 171 -10.04 18.06 18.93
N TYR A 172 -10.18 18.95 17.95
CA TYR A 172 -9.04 19.70 17.43
C TYR A 172 -8.70 20.87 18.36
N SER A 173 -9.75 21.47 18.91
CA SER A 173 -9.64 22.62 19.78
C SER A 173 -8.71 22.47 20.98
N ALA A 174 -7.98 23.54 21.28
CA ALA A 174 -7.08 23.59 22.43
C ALA A 174 -7.12 25.03 22.97
N LEU A 175 -8.30 25.62 22.84
CA LEU A 175 -8.61 26.98 23.28
C LEU A 175 -9.67 26.90 24.36
N TRP A 176 -9.71 27.88 25.25
CA TRP A 176 -10.69 27.92 26.33
C TRP A 176 -10.95 29.35 26.79
N TRP A 177 -12.05 29.95 26.34
CA TRP A 177 -12.38 31.30 26.77
C TRP A 177 -12.87 31.27 28.22
N SER A 178 -12.38 32.19 29.04
CA SER A 178 -12.81 32.22 30.42
C SER A 178 -14.20 32.83 30.46
N PRO A 179 -14.94 32.63 31.54
CA PRO A 179 -16.27 33.22 31.59
C PRO A 179 -16.05 34.73 31.63
N ASN A 180 -17.09 35.53 31.43
CA ASN A 180 -16.94 36.98 31.42
C ASN A 180 -15.82 37.37 30.44
N GLY A 181 -15.41 36.41 29.64
CA GLY A 181 -14.38 36.59 28.62
C GLY A 181 -13.21 37.53 28.80
N THR A 182 -12.52 37.45 29.93
CA THR A 182 -11.36 38.33 30.13
C THR A 182 -10.14 37.64 29.54
N PHE A 183 -9.82 36.47 30.08
CA PHE A 183 -8.68 35.69 29.64
C PHE A 183 -9.02 34.69 28.54
N LEU A 184 -7.99 34.21 27.86
CA LEU A 184 -8.15 33.19 26.83
C LEU A 184 -7.03 32.22 27.09
N ALA A 185 -7.37 31.02 27.54
CA ALA A 185 -6.36 30.02 27.84
C ALA A 185 -6.20 29.06 26.69
N TYR A 186 -4.96 28.66 26.41
CA TYR A 186 -4.68 27.74 25.32
C TYR A 186 -3.50 26.84 25.67
N ALA A 187 -3.36 25.75 24.93
CA ALA A 187 -2.26 24.81 25.13
C ALA A 187 -1.38 24.91 23.92
N GLN A 188 -0.13 24.49 24.06
CA GLN A 188 0.82 24.55 22.96
C GLN A 188 1.64 23.26 22.90
N PHE A 189 1.60 22.58 21.77
CA PHE A 189 2.33 21.34 21.64
C PHE A 189 3.52 21.38 20.70
N ASN A 190 4.61 20.78 21.16
CA ASN A 190 5.87 20.69 20.42
C ASN A 190 5.97 19.21 20.07
N ASP A 191 5.98 18.90 18.78
CA ASP A 191 6.07 17.52 18.30
C ASP A 191 7.51 17.23 17.92
N THR A 192 8.38 18.20 18.14
CA THR A 192 9.77 18.07 17.74
C THR A 192 10.43 16.70 17.72
N GLY A 193 10.41 15.97 18.81
CA GLY A 193 11.09 14.68 18.79
C GLY A 193 10.24 13.47 18.44
N VAL A 194 8.98 13.71 18.10
CA VAL A 194 8.06 12.65 17.76
C VAL A 194 8.36 12.16 16.37
N PRO A 195 8.55 10.84 16.22
CA PRO A 195 8.85 10.10 14.99
C PRO A 195 7.79 10.33 13.94
N LEU A 196 8.09 10.03 12.69
CA LEU A 196 7.11 10.23 11.63
C LEU A 196 6.65 8.94 10.97
N ILE A 197 5.41 8.93 10.51
CA ILE A 197 4.86 7.78 9.78
C ILE A 197 4.54 8.38 8.43
N GLU A 198 4.92 7.69 7.37
CA GLU A 198 4.66 8.24 6.05
C GLU A 198 3.96 7.27 5.13
N TYR A 199 2.70 7.55 4.82
CA TYR A 199 1.94 6.70 3.93
C TYR A 199 1.66 7.45 2.60
N SER A 200 1.45 6.72 1.51
CA SER A 200 1.22 7.34 0.22
C SER A 200 -0.24 7.62 -0.14
N PHE A 201 -0.44 8.70 -0.88
CA PHE A 201 -1.78 9.09 -1.31
C PHE A 201 -1.74 9.12 -2.84
N TYR A 202 -2.77 8.57 -3.49
CA TYR A 202 -2.73 8.52 -4.93
C TYR A 202 -3.53 9.54 -5.70
N SER A 203 -4.60 10.05 -5.11
CA SER A 203 -5.42 11.07 -5.76
C SER A 203 -5.90 10.71 -7.17
N ASP A 204 -6.47 11.67 -7.88
CA ASP A 204 -7.00 11.45 -9.23
C ASP A 204 -6.03 10.63 -10.06
N GLU A 205 -6.53 9.93 -11.07
CA GLU A 205 -5.66 9.11 -11.89
C GLU A 205 -4.81 9.99 -12.75
N SER A 206 -5.08 11.30 -12.71
CA SER A 206 -4.29 12.24 -13.52
C SER A 206 -3.01 12.65 -12.82
N LEU A 207 -2.87 12.30 -11.56
CA LEU A 207 -1.65 12.63 -10.84
C LEU A 207 -0.59 11.59 -11.19
N GLN A 208 0.41 11.99 -11.98
CA GLN A 208 1.47 11.08 -12.40
C GLN A 208 2.29 10.49 -11.26
N TYR A 209 2.81 11.32 -10.36
CA TYR A 209 3.59 10.83 -9.22
C TYR A 209 2.77 10.98 -7.95
N PRO A 210 2.49 9.86 -7.28
CA PRO A 210 1.72 9.86 -6.03
C PRO A 210 2.34 10.64 -4.88
N LYS A 211 1.53 11.45 -4.20
CA LYS A 211 1.99 12.28 -3.08
C LYS A 211 2.37 11.40 -1.91
N THR A 212 3.02 12.00 -0.92
CA THR A 212 3.41 11.27 0.28
C THR A 212 2.97 12.10 1.48
N VAL A 213 2.34 11.46 2.47
CA VAL A 213 1.87 12.19 3.65
C VAL A 213 2.59 11.78 4.91
N TRP A 214 3.20 12.73 5.60
CA TRP A 214 3.88 12.39 6.85
C TRP A 214 3.15 12.95 8.05
N ILE A 215 3.32 12.31 9.19
CA ILE A 215 2.65 12.77 10.39
C ILE A 215 3.42 12.44 11.65
N PRO A 216 3.66 13.44 12.50
CA PRO A 216 4.39 13.10 13.71
C PRO A 216 3.42 12.23 14.51
N TYR A 217 3.73 10.95 14.63
CA TYR A 217 2.87 9.98 15.32
C TYR A 217 3.65 9.12 16.32
N PRO A 218 3.29 9.22 17.60
CA PRO A 218 4.07 8.38 18.52
C PRO A 218 3.50 7.01 18.73
N LYS A 219 4.25 6.00 18.31
CA LYS A 219 3.83 4.62 18.51
C LYS A 219 4.21 4.25 19.94
N ALA A 220 3.61 3.20 20.47
CA ALA A 220 3.89 2.81 21.84
C ALA A 220 5.36 2.93 22.21
N GLY A 221 5.61 3.54 23.37
CA GLY A 221 6.96 3.69 23.87
C GLY A 221 7.89 4.69 23.20
N ALA A 222 7.44 5.35 22.14
CA ALA A 222 8.27 6.32 21.46
C ALA A 222 8.15 7.69 22.11
N VAL A 223 8.97 8.62 21.64
CA VAL A 223 8.99 9.98 22.16
C VAL A 223 7.66 10.71 21.96
N ASN A 224 7.06 11.17 23.05
CA ASN A 224 5.79 11.86 22.96
C ASN A 224 5.92 13.35 22.82
N PRO A 225 4.87 14.00 22.31
CA PRO A 225 4.86 15.44 22.14
C PRO A 225 4.86 16.06 23.52
N THR A 226 5.37 17.28 23.64
CA THR A 226 5.41 17.95 24.94
C THR A 226 4.35 19.05 25.02
N VAL A 227 4.02 19.50 26.22
CA VAL A 227 2.98 20.53 26.40
C VAL A 227 3.37 21.73 27.26
N LYS A 228 2.61 22.80 27.09
CA LYS A 228 2.76 24.04 27.86
C LYS A 228 1.38 24.66 27.88
N PHE A 229 1.03 25.31 28.98
CA PHE A 229 -0.29 25.94 29.08
C PHE A 229 -0.19 27.43 29.32
N PHE A 230 -0.97 28.21 28.59
CA PHE A 230 -0.94 29.65 28.74
C PHE A 230 -2.33 30.28 28.90
N ILE A 231 -2.35 31.50 29.42
CA ILE A 231 -3.57 32.27 29.59
C ILE A 231 -3.14 33.68 29.19
N VAL A 232 -3.83 34.29 28.24
CA VAL A 232 -3.48 35.63 27.81
C VAL A 232 -4.60 36.59 28.17
N ASN A 233 -4.27 37.79 28.62
CA ASN A 233 -5.29 38.76 28.98
C ASN A 233 -5.82 39.46 27.75
N THR A 234 -7.03 39.09 27.37
CA THR A 234 -7.68 39.65 26.20
C THR A 234 -8.05 41.13 26.22
N ASP A 235 -8.35 41.66 27.40
CA ASP A 235 -8.76 43.06 27.55
C ASP A 235 -7.70 44.10 27.17
N SER A 236 -6.43 43.74 27.23
CA SER A 236 -5.35 44.68 26.92
C SER A 236 -5.12 44.93 25.44
N LEU A 237 -5.21 43.86 24.65
CA LEU A 237 -4.97 43.90 23.21
C LEU A 237 -4.96 45.23 22.48
N SER A 238 -6.00 46.05 22.67
CA SER A 238 -6.10 47.34 21.99
C SER A 238 -5.00 48.34 22.31
N SER A 239 -4.35 48.18 23.46
CA SER A 239 -3.31 49.09 23.91
C SER A 239 -1.86 48.64 23.73
N THR A 240 -1.61 47.66 22.87
CA THR A 240 -0.25 47.16 22.64
C THR A 240 -0.13 46.66 21.24
N THR A 241 1.08 46.26 20.87
CA THR A 241 1.33 45.70 19.55
C THR A 241 1.41 44.21 19.80
N THR A 242 1.94 43.86 20.96
CA THR A 242 2.12 42.46 21.37
C THR A 242 1.71 42.31 22.83
N THR A 243 1.11 41.19 23.18
CA THR A 243 0.75 40.95 24.58
C THR A 243 1.48 39.72 25.02
N ILE A 244 1.96 39.72 26.26
CA ILE A 244 2.71 38.57 26.77
C ILE A 244 1.91 37.60 27.62
N PRO A 245 1.58 36.43 27.05
CA PRO A 245 0.81 35.42 27.77
C PRO A 245 1.51 34.92 29.01
N MET A 246 0.72 34.59 30.03
CA MET A 246 1.26 34.07 31.26
C MET A 246 1.07 32.56 31.19
N GLN A 247 2.10 31.85 31.63
CA GLN A 247 2.12 30.39 31.59
C GLN A 247 1.95 29.69 32.93
N ILE A 248 1.20 28.59 32.91
CA ILE A 248 0.97 27.80 34.10
C ILE A 248 1.85 26.56 33.96
N THR A 249 2.66 26.26 34.96
CA THR A 249 3.52 25.09 34.85
C THR A 249 2.83 23.93 35.54
N ALA A 250 2.80 22.77 34.90
CA ALA A 250 2.14 21.63 35.51
C ALA A 250 2.70 21.36 36.90
N PRO A 251 1.97 20.57 37.70
CA PRO A 251 2.40 20.23 39.07
C PRO A 251 3.62 19.34 39.15
N ALA A 252 4.53 19.69 40.05
CA ALA A 252 5.78 18.98 40.29
C ALA A 252 5.71 17.47 40.25
N SER A 253 4.67 16.92 40.87
CA SER A 253 4.49 15.48 40.92
C SER A 253 4.10 14.94 39.56
N VAL A 254 4.62 15.54 38.49
CA VAL A 254 4.29 15.12 37.13
C VAL A 254 5.39 15.52 36.12
N THR A 255 6.11 16.60 36.46
CA THR A 255 7.17 17.19 35.68
C THR A 255 8.51 16.45 35.73
N THR A 256 8.52 15.23 36.29
CA THR A 256 9.75 14.46 36.38
C THR A 256 10.02 13.65 35.14
N GLY A 257 8.97 13.28 34.43
CA GLY A 257 9.09 12.49 33.22
C GLY A 257 7.94 12.81 32.29
N ASP A 258 7.84 12.12 31.16
CA ASP A 258 6.75 12.37 30.22
C ASP A 258 5.41 12.45 30.97
N HIS A 259 4.46 13.22 30.44
CA HIS A 259 3.15 13.39 31.06
C HIS A 259 2.16 14.04 30.06
N TYR A 260 0.89 14.18 30.45
CA TYR A 260 -0.08 14.77 29.53
C TYR A 260 -0.97 15.82 30.18
N LEU A 261 -1.76 16.48 29.33
CA LEU A 261 -2.71 17.48 29.78
C LEU A 261 -4.11 16.82 29.60
N CYS A 262 -4.68 16.33 30.69
CA CYS A 262 -5.97 15.66 30.65
C CYS A 262 -7.11 16.55 30.26
N ASP A 263 -7.39 17.55 31.08
CA ASP A 263 -8.51 18.40 30.79
C ASP A 263 -8.39 19.80 31.37
N VAL A 264 -9.09 20.74 30.75
CA VAL A 264 -9.08 22.13 31.15
C VAL A 264 -10.51 22.51 31.47
N ALA A 265 -10.72 23.22 32.56
CA ALA A 265 -12.08 23.63 32.91
C ALA A 265 -12.09 24.91 33.73
N TRP A 266 -12.72 25.96 33.19
CA TRP A 266 -12.80 27.24 33.90
C TRP A 266 -13.81 27.16 35.03
N VAL A 267 -13.43 27.64 36.21
CA VAL A 267 -14.30 27.61 37.37
C VAL A 267 -15.04 28.92 37.46
N SER A 268 -14.30 29.99 37.73
CA SER A 268 -14.86 31.33 37.82
C SER A 268 -13.82 32.09 37.03
N GLU A 269 -13.99 33.38 36.80
CA GLU A 269 -13.00 34.04 36.00
C GLU A 269 -11.62 34.27 36.61
N ASP A 270 -11.43 33.91 37.87
CA ASP A 270 -10.11 34.09 38.45
C ASP A 270 -9.64 32.72 38.93
N ARG A 271 -10.31 31.69 38.45
CA ARG A 271 -9.97 30.33 38.82
C ARG A 271 -10.16 29.40 37.63
N ILE A 272 -9.19 28.52 37.43
CA ILE A 272 -9.26 27.59 36.32
C ILE A 272 -8.77 26.24 36.86
N SER A 273 -9.32 25.15 36.31
CA SER A 273 -8.97 23.82 36.74
C SER A 273 -8.34 22.98 35.64
N LEU A 274 -7.08 22.61 35.86
CA LEU A 274 -6.32 21.80 34.90
C LEU A 274 -6.06 20.41 35.47
N GLN A 275 -6.18 19.39 34.61
CA GLN A 275 -5.92 18.00 35.02
C GLN A 275 -4.72 17.46 34.24
N TRP A 276 -3.76 16.90 34.98
CA TRP A 276 -2.57 16.36 34.37
C TRP A 276 -2.46 14.85 34.54
N LEU A 277 -1.75 14.21 33.63
CA LEU A 277 -1.61 12.76 33.68
C LEU A 277 -0.16 12.33 33.44
N ARG A 278 0.30 11.32 34.17
CA ARG A 278 1.64 10.82 33.96
C ARG A 278 1.60 9.92 32.74
N ARG A 279 2.73 9.72 32.06
CA ARG A 279 2.72 8.90 30.87
C ARG A 279 2.18 7.55 31.21
N ILE A 280 2.44 7.13 32.43
CA ILE A 280 1.91 5.85 32.92
C ILE A 280 0.68 6.33 33.68
N GLN A 281 -0.49 6.19 33.08
CA GLN A 281 -1.75 6.67 33.66
C GLN A 281 -2.26 5.95 34.93
N ASN A 282 -1.28 5.64 35.77
CA ASN A 282 -1.34 4.98 37.09
C ASN A 282 -1.68 6.17 38.01
N TYR A 283 -1.20 7.36 37.63
CA TYR A 283 -1.33 8.59 38.43
C TYR A 283 -1.84 9.83 37.71
N SER A 284 -2.59 10.68 38.41
CA SER A 284 -3.11 11.90 37.81
C SER A 284 -3.34 12.99 38.85
N VAL A 285 -3.11 14.25 38.48
CA VAL A 285 -3.31 15.38 39.38
C VAL A 285 -4.16 16.46 38.76
N MET A 286 -5.09 16.99 39.54
CA MET A 286 -5.98 18.04 39.10
C MET A 286 -5.74 19.27 39.95
N ALA A 287 -4.95 20.21 39.45
CA ALA A 287 -4.68 21.42 40.20
C ALA A 287 -5.72 22.49 39.93
N ILE A 288 -5.97 23.32 40.94
CA ILE A 288 -6.90 24.41 40.80
C ILE A 288 -5.99 25.61 40.87
N CYS A 289 -6.12 26.54 39.93
CA CYS A 289 -5.25 27.70 39.93
C CYS A 289 -6.01 29.01 39.99
N ASP A 290 -5.50 29.92 40.82
CA ASP A 290 -6.08 31.24 41.03
C ASP A 290 -5.26 32.38 40.42
N TYR A 291 -5.95 33.41 39.96
CA TYR A 291 -5.31 34.57 39.38
C TYR A 291 -4.93 35.54 40.49
N ASP A 292 -3.70 36.06 40.44
CA ASP A 292 -3.21 37.03 41.41
C ASP A 292 -3.32 38.42 40.81
N LYS A 293 -4.29 39.21 41.26
CA LYS A 293 -4.51 40.55 40.72
C LYS A 293 -3.26 41.40 40.86
N THR A 294 -2.65 41.33 42.04
CA THR A 294 -1.46 42.11 42.36
C THR A 294 -0.18 41.82 41.60
N THR A 295 0.20 40.56 41.46
CA THR A 295 1.43 40.24 40.75
C THR A 295 1.15 39.78 39.31
N LEU A 296 -0.12 39.80 38.92
CA LEU A 296 -0.55 39.41 37.57
C LEU A 296 0.07 38.08 37.16
N VAL A 297 -0.24 37.06 37.96
CA VAL A 297 0.28 35.70 37.78
C VAL A 297 -0.74 34.68 38.27
N TRP A 298 -0.70 33.46 37.74
CA TRP A 298 -1.62 32.44 38.20
C TRP A 298 -0.88 31.49 39.13
N ASN A 299 -1.47 31.20 40.29
CA ASN A 299 -0.86 30.29 41.26
C ASN A 299 -1.64 28.99 41.30
N CYS A 300 -0.93 27.89 41.48
CA CYS A 300 -1.57 26.59 41.56
C CYS A 300 -1.03 25.84 42.77
N PRO A 301 -1.26 26.41 43.96
CA PRO A 301 -0.86 25.93 45.28
C PRO A 301 -1.11 24.45 45.52
N THR A 302 -0.06 23.74 45.91
CA THR A 302 -0.15 22.31 46.20
C THR A 302 -1.31 22.02 47.15
N THR A 303 -1.76 23.02 47.89
CA THR A 303 -2.84 22.84 48.83
C THR A 303 -4.12 22.51 48.11
N GLN A 304 -4.20 22.87 46.82
CA GLN A 304 -5.40 22.62 46.03
C GLN A 304 -5.06 21.65 44.92
N GLU A 305 -4.13 20.75 45.21
CA GLU A 305 -3.67 19.77 44.24
C GLU A 305 -4.70 18.71 43.84
N HIS A 306 -5.12 17.85 44.77
CA HIS A 306 -6.11 16.80 44.44
C HIS A 306 -5.57 15.67 43.55
N ILE A 307 -5.27 14.53 44.17
CA ILE A 307 -4.74 13.40 43.44
C ILE A 307 -5.69 12.24 43.19
N GLU A 308 -5.64 11.69 41.97
CA GLU A 308 -6.47 10.55 41.62
C GLU A 308 -5.50 9.42 41.26
N THR A 309 -5.75 8.21 41.77
CA THR A 309 -4.85 7.11 41.51
C THR A 309 -5.58 5.77 41.31
N SER A 310 -4.87 4.76 40.82
CA SER A 310 -5.47 3.43 40.58
C SER A 310 -4.49 2.25 40.71
N ALA A 311 -4.67 1.44 41.75
CA ALA A 311 -3.77 0.30 41.95
C ALA A 311 -4.17 -0.91 41.12
N THR A 312 -5.34 -0.83 40.51
CA THR A 312 -5.89 -1.91 39.68
C THR A 312 -5.47 -1.81 38.22
N GLY A 313 -5.48 -0.59 37.68
CA GLY A 313 -5.13 -0.39 36.30
C GLY A 313 -4.79 1.04 35.91
N TRP A 314 -5.76 1.79 35.42
CA TRP A 314 -5.52 3.16 34.99
C TRP A 314 -6.62 4.12 35.41
N CYS A 315 -6.37 5.43 35.29
CA CYS A 315 -7.37 6.42 35.70
C CYS A 315 -8.48 6.73 34.74
N GLY A 316 -9.71 6.64 35.24
CA GLY A 316 -10.87 6.93 34.42
C GLY A 316 -11.17 5.89 33.36
N ARG A 317 -12.24 6.16 32.62
CA ARG A 317 -12.67 5.27 31.56
C ARG A 317 -11.64 5.37 30.43
N PHE A 318 -11.41 6.60 29.95
CA PHE A 318 -10.43 6.84 28.91
C PHE A 318 -9.55 8.02 29.30
N ARG A 319 -9.87 8.58 30.47
CA ARG A 319 -9.16 9.72 31.06
C ARG A 319 -10.00 10.25 32.20
N PRO A 320 -9.35 10.82 33.21
CA PRO A 320 -10.04 11.37 34.38
C PRO A 320 -11.30 12.12 33.97
N ALA A 321 -12.39 11.95 34.73
CA ALA A 321 -13.63 12.63 34.42
C ALA A 321 -13.51 14.12 34.72
N GLU A 322 -14.30 14.93 34.01
CA GLU A 322 -14.28 16.37 34.19
C GLU A 322 -14.95 16.84 35.50
N PRO A 323 -14.35 17.81 36.18
CA PRO A 323 -14.95 18.29 37.43
C PRO A 323 -16.08 19.29 37.18
N HIS A 324 -17.03 19.34 38.10
CA HIS A 324 -18.17 20.26 38.02
C HIS A 324 -18.21 21.12 39.28
N PHE A 325 -17.92 22.41 39.10
CA PHE A 325 -17.85 23.35 40.20
C PHE A 325 -19.12 24.11 40.50
N THR A 326 -19.24 24.53 41.75
CA THR A 326 -20.39 25.29 42.21
C THR A 326 -20.17 26.76 41.79
N SER A 327 -21.19 27.59 41.90
CA SER A 327 -21.07 28.99 41.53
C SER A 327 -19.90 29.64 42.25
N ASP A 328 -19.88 29.55 43.58
CA ASP A 328 -18.82 30.16 44.36
C ASP A 328 -17.53 29.38 44.25
N GLY A 329 -17.55 28.35 43.41
CA GLY A 329 -16.39 27.51 43.16
C GLY A 329 -15.71 26.96 44.40
N SER A 330 -16.45 26.88 45.50
CA SER A 330 -15.91 26.38 46.76
C SER A 330 -15.73 24.87 46.75
N SER A 331 -16.70 24.17 46.16
CA SER A 331 -16.67 22.72 46.07
C SER A 331 -16.98 22.31 44.65
N PHE A 332 -16.69 21.05 44.33
CA PHE A 332 -16.96 20.52 43.01
C PHE A 332 -17.26 19.03 43.12
N TYR A 333 -18.08 18.54 42.19
CA TYR A 333 -18.44 17.12 42.16
C TYR A 333 -17.76 16.49 40.96
N LYS A 334 -17.25 15.28 41.13
CA LYS A 334 -16.54 14.59 40.05
C LYS A 334 -16.76 13.07 40.10
N ILE A 335 -16.77 12.44 38.93
CA ILE A 335 -16.96 10.99 38.87
C ILE A 335 -15.66 10.23 39.08
N VAL A 336 -15.63 9.40 40.13
CA VAL A 336 -14.45 8.61 40.44
C VAL A 336 -14.83 7.23 40.99
N SER A 337 -13.95 6.26 40.84
CA SER A 337 -14.22 4.92 41.34
C SER A 337 -14.29 4.91 42.87
N ASP A 338 -15.31 4.26 43.42
CA ASP A 338 -15.42 4.18 44.87
C ASP A 338 -14.64 2.98 45.41
N LYS A 339 -14.80 2.71 46.70
CA LYS A 339 -14.08 1.60 47.32
C LYS A 339 -14.28 0.25 46.63
N ASP A 340 -15.43 0.07 45.97
CA ASP A 340 -15.72 -1.20 45.31
C ASP A 340 -15.40 -1.23 43.83
N GLY A 341 -14.94 -0.10 43.30
CA GLY A 341 -14.57 -0.04 41.89
C GLY A 341 -15.70 0.43 41.01
N TYR A 342 -16.66 1.13 41.61
CA TYR A 342 -17.79 1.64 40.85
C TYR A 342 -17.76 3.14 40.66
N LYS A 343 -17.62 3.54 39.40
CA LYS A 343 -17.57 4.94 39.04
C LYS A 343 -18.80 5.72 39.56
N HIS A 344 -18.61 6.48 40.64
CA HIS A 344 -19.69 7.27 41.22
C HIS A 344 -19.38 8.74 41.36
N ILE A 345 -20.30 9.46 41.95
CA ILE A 345 -20.12 10.89 42.13
C ILE A 345 -19.72 11.22 43.55
N CYS A 346 -18.71 12.06 43.74
CA CYS A 346 -18.43 12.49 45.11
C CYS A 346 -17.91 13.91 45.18
N GLN A 347 -18.20 14.54 46.32
CA GLN A 347 -17.85 15.93 46.58
C GLN A 347 -16.43 16.15 47.02
N PHE A 348 -15.87 17.27 46.55
CA PHE A 348 -14.53 17.66 46.91
C PHE A 348 -14.63 19.10 47.34
N GLN A 349 -13.63 19.54 48.10
CA GLN A 349 -13.52 20.93 48.56
C GLN A 349 -12.34 21.46 47.75
N LYS A 350 -12.36 22.74 47.42
CA LYS A 350 -11.24 23.31 46.67
C LYS A 350 -9.93 22.78 47.26
N ASP A 351 -9.72 22.93 48.57
CA ASP A 351 -8.49 22.44 49.20
C ASP A 351 -8.54 20.92 49.35
N ARG A 352 -7.37 20.28 49.35
CA ARG A 352 -7.31 18.83 49.49
C ARG A 352 -7.46 18.47 50.95
N LYS A 353 -7.78 17.22 51.22
CA LYS A 353 -7.93 16.72 52.59
C LYS A 353 -7.19 15.39 52.73
N PRO A 354 -6.40 15.24 53.80
CA PRO A 354 -5.65 14.01 54.03
C PRO A 354 -6.48 12.71 54.06
N GLU A 355 -6.47 11.99 52.94
CA GLU A 355 -7.19 10.73 52.77
C GLU A 355 -8.68 10.82 53.13
N GLN A 356 -9.32 11.89 52.67
CA GLN A 356 -10.73 12.15 52.92
C GLN A 356 -11.25 13.15 51.90
N VAL A 357 -10.48 13.41 50.83
CA VAL A 357 -10.88 14.40 49.83
C VAL A 357 -12.29 14.17 49.26
N CYS A 358 -12.82 12.98 49.43
CA CYS A 358 -14.15 12.72 48.90
C CYS A 358 -15.25 12.42 49.90
N THR A 359 -16.44 12.28 49.36
CA THR A 359 -17.64 11.96 50.10
C THR A 359 -18.58 11.61 48.96
N PHE A 360 -18.82 10.33 48.75
CA PHE A 360 -19.69 9.95 47.66
C PHE A 360 -21.15 10.25 47.88
N ILE A 361 -21.78 10.68 46.79
CA ILE A 361 -23.18 11.04 46.76
C ILE A 361 -23.97 9.89 46.13
N THR A 362 -23.22 8.95 45.55
CA THR A 362 -23.82 7.81 44.90
C THR A 362 -23.13 6.49 45.27
N LYS A 363 -23.94 5.50 45.65
CA LYS A 363 -23.42 4.20 46.04
C LYS A 363 -24.13 3.18 45.16
N GLY A 364 -23.63 1.95 45.18
CA GLY A 364 -24.25 0.89 44.41
C GLY A 364 -23.37 0.16 43.42
N ALA A 365 -23.95 -0.88 42.82
CA ALA A 365 -23.26 -1.69 41.83
C ALA A 365 -23.77 -1.31 40.46
N TRP A 366 -23.44 -0.10 40.07
CA TRP A 366 -23.81 0.45 38.80
C TRP A 366 -22.94 1.69 38.75
N GLU A 367 -22.96 2.42 37.65
CA GLU A 367 -22.10 3.59 37.57
C GLU A 367 -22.76 4.81 37.00
N VAL A 368 -22.21 5.97 37.35
CA VAL A 368 -22.74 7.23 36.84
C VAL A 368 -22.02 7.43 35.52
N ILE A 369 -22.77 7.53 34.44
CA ILE A 369 -22.14 7.72 33.15
C ILE A 369 -21.54 9.10 33.01
N SER A 370 -22.34 10.11 33.33
CA SER A 370 -21.91 11.48 33.18
C SER A 370 -22.77 12.48 33.93
N ILE A 371 -22.13 13.50 34.47
CA ILE A 371 -22.85 14.54 35.18
C ILE A 371 -23.38 15.45 34.10
N GLU A 372 -24.65 15.84 34.16
CA GLU A 372 -25.19 16.67 33.11
C GLU A 372 -25.42 18.14 33.46
N ALA A 373 -25.61 18.44 34.74
CA ALA A 373 -25.85 19.83 35.14
C ALA A 373 -25.78 20.01 36.64
N LEU A 374 -25.31 21.19 37.06
CA LEU A 374 -25.23 21.50 38.49
C LEU A 374 -25.99 22.77 38.80
N THR A 375 -27.11 22.62 39.49
CA THR A 375 -27.95 23.73 39.88
C THR A 375 -27.54 24.19 41.28
N SER A 376 -28.18 25.24 41.75
CA SER A 376 -27.89 25.77 43.06
C SER A 376 -28.32 24.76 44.11
N ASP A 377 -29.28 23.91 43.74
CA ASP A 377 -29.81 22.91 44.68
C ASP A 377 -29.93 21.51 44.10
N TYR A 378 -29.66 21.37 42.81
CA TYR A 378 -29.76 20.06 42.14
C TYR A 378 -28.56 19.65 41.29
N LEU A 379 -28.39 18.34 41.16
CA LEU A 379 -27.32 17.79 40.35
C LEU A 379 -27.97 16.76 39.42
N TYR A 380 -28.02 17.06 38.12
CA TYR A 380 -28.61 16.16 37.13
C TYR A 380 -27.52 15.29 36.55
N TYR A 381 -27.77 14.00 36.43
CA TYR A 381 -26.78 13.11 35.88
C TYR A 381 -27.41 11.98 35.07
N ILE A 382 -26.59 11.03 34.61
CA ILE A 382 -27.13 9.92 33.84
C ILE A 382 -26.43 8.63 34.20
N SER A 383 -27.19 7.63 34.61
CA SER A 383 -26.57 6.36 34.98
C SER A 383 -27.30 5.17 34.39
N ASN A 384 -26.73 4.00 34.63
CA ASN A 384 -27.29 2.77 34.14
C ASN A 384 -27.75 1.98 35.34
N GLU A 385 -28.29 2.68 36.32
CA GLU A 385 -28.77 2.05 37.54
C GLU A 385 -30.10 1.32 37.35
N TYR A 386 -31.02 1.96 36.64
CA TYR A 386 -32.34 1.38 36.43
C TYR A 386 -32.32 -0.06 35.96
N LYS A 387 -33.26 -0.84 36.47
CA LYS A 387 -33.42 -2.25 36.12
C LYS A 387 -32.13 -3.04 36.07
N GLU A 388 -31.11 -2.56 36.78
CA GLU A 388 -29.81 -3.20 36.81
C GLU A 388 -29.26 -3.52 35.41
N MET A 389 -29.74 -2.76 34.41
CA MET A 389 -29.30 -2.92 33.02
C MET A 389 -28.15 -1.94 32.78
N PRO A 390 -26.91 -2.44 32.80
CA PRO A 390 -25.72 -1.60 32.58
C PRO A 390 -25.72 -1.11 31.15
N GLY A 391 -26.57 -1.73 30.33
CA GLY A 391 -26.66 -1.34 28.94
C GLY A 391 -27.74 -0.29 28.73
N GLY A 392 -28.33 0.19 29.81
CA GLY A 392 -29.37 1.19 29.71
C GLY A 392 -28.88 2.55 30.13
N ARG A 393 -29.58 3.61 29.72
CA ARG A 393 -29.19 4.97 30.07
C ARG A 393 -30.37 5.80 30.55
N ASN A 394 -30.33 6.26 31.80
CA ASN A 394 -31.42 7.09 32.34
C ASN A 394 -30.99 8.36 33.05
N LEU A 395 -31.86 9.36 33.00
CA LEU A 395 -31.60 10.66 33.60
C LEU A 395 -32.11 10.86 35.04
N TYR A 396 -31.19 10.88 35.99
CA TYR A 396 -31.53 11.08 37.39
C TYR A 396 -31.21 12.49 37.88
N LYS A 397 -31.62 12.80 39.12
CA LYS A 397 -31.37 14.11 39.71
C LYS A 397 -31.34 14.03 41.24
N ILE A 398 -30.36 14.68 41.87
CA ILE A 398 -30.25 14.68 43.31
C ILE A 398 -30.30 16.07 43.91
N GLN A 399 -31.05 16.22 45.00
CA GLN A 399 -31.14 17.50 45.69
C GLN A 399 -29.87 17.60 46.51
N LEU A 400 -29.15 18.70 46.35
CA LEU A 400 -27.88 18.86 47.04
C LEU A 400 -27.98 18.79 48.53
N THR A 401 -28.84 19.63 49.07
CA THR A 401 -29.05 19.70 50.51
C THR A 401 -29.50 18.36 51.11
N ASP A 402 -30.26 17.58 50.33
CA ASP A 402 -30.76 16.29 50.79
C ASP A 402 -30.36 15.16 49.83
N HIS A 403 -29.24 14.51 50.08
CA HIS A 403 -28.78 13.43 49.22
C HIS A 403 -29.73 12.23 49.14
N THR A 404 -30.93 12.40 49.68
CA THR A 404 -31.91 11.33 49.66
C THR A 404 -32.88 11.62 48.56
N ASN A 405 -33.16 12.89 48.38
CA ASN A 405 -34.07 13.34 47.35
C ASN A 405 -33.55 13.07 45.93
N LYS A 406 -33.33 11.78 45.65
CA LYS A 406 -32.82 11.30 44.37
C LYS A 406 -33.95 10.67 43.56
N LYS A 407 -34.39 11.35 42.51
CA LYS A 407 -35.48 10.86 41.67
C LYS A 407 -35.08 10.66 40.20
N CYS A 408 -35.57 9.59 39.59
CA CYS A 408 -35.28 9.31 38.18
C CYS A 408 -36.32 10.06 37.34
N LEU A 409 -35.89 10.74 36.29
CA LEU A 409 -36.80 11.51 35.47
C LEU A 409 -37.25 10.90 34.16
N SER A 410 -36.65 9.76 33.77
CA SER A 410 -37.01 9.13 32.49
C SER A 410 -37.39 7.68 32.61
N CYS A 411 -37.12 7.09 33.77
CA CYS A 411 -37.44 5.68 34.00
C CYS A 411 -38.89 5.34 33.63
N ASP A 412 -39.84 6.07 34.21
CA ASP A 412 -41.28 5.88 33.98
C ASP A 412 -41.67 6.11 32.53
N LEU A 413 -41.69 7.36 32.12
CA LEU A 413 -42.05 7.77 30.77
C LEU A 413 -42.60 6.71 29.80
N ASN A 414 -41.73 6.00 29.09
CA ASN A 414 -42.15 4.98 28.13
C ASN A 414 -41.30 3.72 28.24
N PRO A 415 -41.36 3.03 29.39
CA PRO A 415 -40.61 1.81 29.71
C PRO A 415 -40.61 0.74 28.63
N GLU A 416 -41.58 0.78 27.74
CA GLU A 416 -41.67 -0.21 26.68
C GLU A 416 -40.71 0.17 25.55
N ARG A 417 -40.76 1.44 25.15
CA ARG A 417 -39.96 1.97 24.05
C ARG A 417 -38.60 2.56 24.44
N CYS A 418 -38.50 3.13 25.62
CA CYS A 418 -37.26 3.80 26.00
C CYS A 418 -36.52 3.35 27.25
N GLN A 419 -35.26 2.96 27.07
CA GLN A 419 -34.37 2.52 28.15
C GLN A 419 -32.97 3.14 27.99
N TYR A 420 -32.79 3.88 26.90
CA TYR A 420 -31.52 4.54 26.61
C TYR A 420 -31.81 6.02 26.33
N TYR A 421 -31.50 6.88 27.30
CA TYR A 421 -31.78 8.30 27.13
C TYR A 421 -30.59 9.24 26.91
N SER A 422 -30.85 10.30 26.14
CA SER A 422 -29.87 11.35 25.86
C SER A 422 -30.53 12.58 26.49
N VAL A 423 -29.75 13.52 26.99
CA VAL A 423 -30.38 14.70 27.58
C VAL A 423 -29.83 16.01 27.03
N SER A 424 -30.39 17.12 27.49
CA SER A 424 -29.97 18.44 27.05
C SER A 424 -30.77 19.47 27.82
N LEU A 425 -30.16 20.10 28.82
CA LEU A 425 -30.89 21.07 29.60
C LEU A 425 -30.59 22.51 29.20
N SER A 426 -31.59 23.36 29.37
CA SER A 426 -31.46 24.77 29.05
C SER A 426 -30.41 25.41 29.97
N LYS A 427 -29.82 26.51 29.53
CA LYS A 427 -28.77 27.19 30.27
C LYS A 427 -28.76 26.97 31.79
N GLU A 428 -29.88 27.29 32.44
CA GLU A 428 -29.95 27.12 33.88
C GLU A 428 -30.86 26.00 34.36
N ALA A 429 -31.20 25.10 33.43
CA ALA A 429 -32.00 23.92 33.72
C ALA A 429 -33.47 24.14 34.01
N LYS A 430 -34.11 25.07 33.30
CA LYS A 430 -35.52 25.33 33.54
C LYS A 430 -36.34 24.32 32.75
N TYR A 431 -35.74 23.84 31.66
CA TYR A 431 -36.36 22.86 30.80
C TYR A 431 -35.33 21.83 30.45
N TYR A 432 -35.74 20.73 29.84
CA TYR A 432 -34.79 19.71 29.47
C TYR A 432 -35.39 18.83 28.41
N GLN A 433 -34.64 18.63 27.33
CA GLN A 433 -35.09 17.78 26.26
C GLN A 433 -34.60 16.36 26.53
N LEU A 434 -35.40 15.38 26.11
CA LEU A 434 -35.01 14.00 26.29
C LEU A 434 -34.82 13.32 24.95
N GLY A 435 -33.78 12.50 24.88
CA GLY A 435 -33.48 11.77 23.66
C GLY A 435 -33.65 10.30 23.95
N CYS A 436 -34.77 9.76 23.48
CA CYS A 436 -35.04 8.35 23.66
C CYS A 436 -34.38 7.62 22.49
N ARG A 437 -33.32 6.90 22.77
CA ARG A 437 -32.62 6.12 21.73
C ARG A 437 -33.06 4.70 22.04
N GLY A 438 -33.74 4.57 23.19
CA GLY A 438 -34.26 3.33 23.72
C GLY A 438 -34.62 2.27 22.71
N PRO A 439 -34.88 1.03 23.16
CA PRO A 439 -35.24 -0.14 22.37
C PRO A 439 -36.06 0.17 21.11
N GLY A 440 -37.09 0.98 21.25
CA GLY A 440 -37.93 1.30 20.12
C GLY A 440 -37.47 2.51 19.35
N LEU A 441 -38.22 2.92 18.33
CA LEU A 441 -37.85 4.09 17.54
C LEU A 441 -37.65 5.29 18.45
N PRO A 442 -36.54 6.02 18.25
CA PRO A 442 -36.16 7.20 19.03
C PRO A 442 -37.30 8.22 19.20
N LEU A 443 -37.47 8.68 20.43
CA LEU A 443 -38.52 9.61 20.80
C LEU A 443 -37.98 10.85 21.49
N TYR A 444 -38.11 12.00 20.84
CA TYR A 444 -37.60 13.23 21.41
C TYR A 444 -38.68 14.10 22.01
N THR A 445 -38.64 14.22 23.33
CA THR A 445 -39.61 15.02 24.05
C THR A 445 -38.91 16.08 24.87
N LEU A 446 -39.63 17.17 25.17
CA LEU A 446 -39.09 18.26 25.97
C LEU A 446 -39.95 18.49 27.20
N HIS A 447 -39.30 18.68 28.34
CA HIS A 447 -40.02 18.84 29.61
C HIS A 447 -39.65 20.12 30.32
N ARG A 448 -40.43 20.47 31.34
CA ARG A 448 -40.16 21.65 32.16
C ARG A 448 -39.57 21.15 33.49
N SER A 449 -38.29 21.47 33.70
CA SER A 449 -37.56 21.05 34.88
C SER A 449 -38.35 21.08 36.18
N THR A 450 -39.08 22.17 36.39
CA THR A 450 -39.89 22.40 37.59
C THR A 450 -40.66 21.22 38.16
N ASP A 451 -41.50 20.59 37.34
CA ASP A 451 -42.32 19.45 37.76
C ASP A 451 -42.27 18.25 36.80
N GLN A 452 -41.47 18.38 35.74
CA GLN A 452 -41.30 17.34 34.73
C GLN A 452 -42.51 17.18 33.81
N LYS A 453 -43.36 18.19 33.75
CA LYS A 453 -44.55 18.15 32.90
C LYS A 453 -44.03 18.09 31.49
N GLU A 454 -44.32 17.01 30.76
CA GLU A 454 -43.89 16.89 29.38
C GLU A 454 -44.66 17.93 28.58
N LEU A 455 -44.00 19.03 28.24
CA LEU A 455 -44.64 20.11 27.51
C LEU A 455 -45.20 19.61 26.20
N ARG A 456 -44.35 18.99 25.38
CA ARG A 456 -44.80 18.44 24.11
C ARG A 456 -43.84 17.44 23.50
N VAL A 457 -44.28 16.80 22.43
CA VAL A 457 -43.48 15.81 21.73
C VAL A 457 -42.79 16.48 20.54
N LEU A 458 -41.47 16.54 20.62
CA LEU A 458 -40.66 17.16 19.58
C LEU A 458 -40.53 16.33 18.32
N GLU A 459 -40.37 15.02 18.51
CA GLU A 459 -40.24 14.10 17.39
C GLU A 459 -40.45 12.67 17.80
N ASP A 460 -41.44 12.05 17.15
CA ASP A 460 -41.80 10.65 17.35
C ASP A 460 -41.57 10.16 15.93
N ASN A 461 -40.78 9.11 15.72
CA ASN A 461 -40.57 8.71 14.34
C ASN A 461 -41.77 8.04 13.68
N SER A 462 -42.93 8.67 13.86
CA SER A 462 -44.18 8.19 13.31
C SER A 462 -44.00 7.82 11.84
N ALA A 463 -43.39 8.72 11.07
CA ALA A 463 -43.16 8.51 9.64
C ALA A 463 -42.40 7.21 9.39
N LEU A 464 -41.23 7.10 10.01
CA LEU A 464 -40.43 5.90 9.87
C LEU A 464 -41.26 4.71 10.33
N ASP A 465 -42.05 4.90 11.38
CA ASP A 465 -42.89 3.83 11.91
C ASP A 465 -43.81 3.34 10.81
N LYS A 466 -44.51 4.26 10.16
CA LYS A 466 -45.44 3.91 9.10
C LYS A 466 -44.80 3.13 7.97
N MET A 467 -43.51 3.37 7.72
CA MET A 467 -42.80 2.68 6.65
C MET A 467 -42.31 1.28 7.00
N LEU A 468 -41.85 1.10 8.22
CA LEU A 468 -41.34 -0.19 8.66
C LEU A 468 -42.47 -1.22 8.80
N GLN A 469 -43.71 -0.72 8.78
CA GLN A 469 -44.87 -1.59 8.87
C GLN A 469 -44.87 -2.61 7.74
N ASP A 470 -44.63 -2.14 6.52
CA ASP A 470 -44.60 -3.01 5.36
C ASP A 470 -43.30 -3.79 5.21
N VAL A 471 -42.48 -3.84 6.27
CA VAL A 471 -41.21 -4.56 6.19
C VAL A 471 -40.96 -5.52 7.35
N GLN A 472 -40.37 -6.67 7.04
CA GLN A 472 -40.08 -7.70 8.05
C GLN A 472 -38.86 -7.40 8.91
N MET A 473 -38.93 -6.37 9.77
CA MET A 473 -37.81 -6.01 10.65
C MET A 473 -37.50 -7.15 11.62
N PRO A 474 -36.22 -7.30 11.98
CA PRO A 474 -35.86 -8.36 12.91
C PRO A 474 -36.04 -7.81 14.32
N SER A 475 -35.85 -8.65 15.33
CA SER A 475 -35.99 -8.20 16.70
C SER A 475 -34.60 -8.13 17.36
N LYS A 476 -34.54 -7.59 18.56
CA LYS A 476 -33.29 -7.47 19.27
C LYS A 476 -33.46 -7.90 20.71
N LYS A 477 -32.77 -8.97 21.10
CA LYS A 477 -32.87 -9.44 22.47
C LYS A 477 -31.67 -8.89 23.24
N LEU A 478 -31.91 -8.44 24.47
CA LEU A 478 -30.84 -7.91 25.30
C LEU A 478 -30.87 -8.55 26.67
N ASP A 479 -30.14 -9.63 26.81
CA ASP A 479 -30.11 -10.36 28.07
C ASP A 479 -28.66 -10.49 28.55
N PHE A 480 -28.45 -11.38 29.51
CA PHE A 480 -27.13 -11.61 30.01
C PHE A 480 -26.98 -13.07 30.35
N ILE A 481 -25.76 -13.58 30.23
CA ILE A 481 -25.47 -14.95 30.56
C ILE A 481 -24.61 -14.79 31.82
N VAL A 482 -24.22 -15.88 32.48
CA VAL A 482 -23.40 -15.75 33.67
C VAL A 482 -22.27 -16.75 33.75
N LEU A 483 -21.05 -16.25 33.88
CA LEU A 483 -19.85 -17.08 33.96
C LEU A 483 -19.19 -16.83 35.33
N ASN A 484 -18.42 -17.80 35.81
CA ASN A 484 -17.73 -17.70 37.11
C ASN A 484 -18.53 -16.84 38.11
N GLU A 485 -19.86 -16.96 38.06
CA GLU A 485 -20.78 -16.23 38.94
C GLU A 485 -20.89 -14.70 38.75
N THR A 486 -20.94 -14.25 37.50
CA THR A 486 -21.03 -12.82 37.20
C THR A 486 -21.90 -12.54 35.99
N ARG A 487 -22.72 -11.50 36.05
CA ARG A 487 -23.55 -11.14 34.91
C ARG A 487 -22.69 -10.60 33.76
N PHE A 488 -22.86 -11.14 32.56
CA PHE A 488 -22.14 -10.67 31.36
C PHE A 488 -23.19 -10.51 30.29
N TRP A 489 -23.54 -9.26 29.99
CA TRP A 489 -24.59 -8.99 29.01
C TRP A 489 -24.22 -9.21 27.55
N TYR A 490 -25.23 -9.40 26.73
CA TYR A 490 -25.00 -9.64 25.32
C TYR A 490 -26.25 -9.21 24.58
N GLN A 491 -26.16 -9.09 23.27
CA GLN A 491 -27.33 -8.72 22.53
C GLN A 491 -27.32 -9.50 21.25
N MET A 492 -28.51 -9.93 20.81
CA MET A 492 -28.66 -10.68 19.58
C MET A 492 -29.70 -10.03 18.68
N ILE A 493 -29.39 -9.99 17.39
CA ILE A 493 -30.31 -9.44 16.41
C ILE A 493 -30.91 -10.68 15.77
N LEU A 494 -32.17 -10.97 16.13
CA LEU A 494 -32.89 -12.13 15.63
C LEU A 494 -33.66 -11.81 14.38
N PRO A 495 -33.49 -12.65 13.36
CA PRO A 495 -34.18 -12.47 12.07
C PRO A 495 -35.69 -12.63 12.21
N PRO A 496 -36.45 -11.89 11.39
CA PRO A 496 -37.91 -11.89 11.36
C PRO A 496 -38.67 -12.92 12.19
N HIS A 497 -39.26 -13.90 11.53
CA HIS A 497 -40.07 -14.91 12.21
C HIS A 497 -39.22 -15.94 12.95
N PHE A 498 -38.27 -15.45 13.74
CA PHE A 498 -37.37 -16.31 14.50
C PHE A 498 -38.07 -17.46 15.19
N ASP A 499 -37.63 -18.67 14.88
CA ASP A 499 -38.20 -19.90 15.43
C ASP A 499 -37.12 -20.69 16.18
N LYS A 500 -37.18 -20.62 17.52
CA LYS A 500 -36.21 -21.29 18.41
C LYS A 500 -35.94 -22.77 18.13
N SER A 501 -36.76 -23.36 17.27
CA SER A 501 -36.61 -24.77 16.94
C SER A 501 -35.59 -24.99 15.82
N LYS A 502 -35.55 -24.04 14.89
CA LYS A 502 -34.63 -24.12 13.77
C LYS A 502 -33.19 -23.77 14.17
N LYS A 503 -32.29 -23.81 13.20
CA LYS A 503 -30.88 -23.51 13.41
C LYS A 503 -30.45 -22.39 12.46
N TYR A 504 -29.81 -21.36 13.00
CA TYR A 504 -29.37 -20.23 12.20
C TYR A 504 -27.86 -20.02 12.29
N PRO A 505 -27.28 -19.37 11.27
CA PRO A 505 -25.85 -19.10 11.29
C PRO A 505 -25.62 -17.92 12.22
N LEU A 506 -24.45 -17.91 12.86
CA LEU A 506 -24.12 -16.86 13.81
C LEU A 506 -22.95 -15.98 13.44
N LEU A 507 -23.10 -14.68 13.67
CA LEU A 507 -22.05 -13.73 13.38
C LEU A 507 -21.83 -12.90 14.65
N ILE A 508 -20.58 -12.83 15.09
CA ILE A 508 -20.28 -12.03 16.28
C ILE A 508 -19.76 -10.68 15.80
N ASP A 509 -20.30 -9.60 16.35
CA ASP A 509 -19.87 -8.24 16.02
C ASP A 509 -18.95 -7.91 17.17
N VAL A 510 -17.74 -7.43 16.86
CA VAL A 510 -16.82 -7.14 17.95
C VAL A 510 -16.18 -5.77 18.06
N TYR A 511 -15.80 -5.49 19.29
CA TYR A 511 -15.09 -4.29 19.70
C TYR A 511 -14.30 -4.97 20.81
N ALA A 512 -14.92 -5.10 21.96
CA ALA A 512 -14.29 -5.79 23.07
C ALA A 512 -13.04 -5.10 23.59
N GLY A 513 -12.85 -3.84 23.23
CA GLY A 513 -11.69 -3.12 23.73
C GLY A 513 -12.01 -2.62 25.14
N PRO A 514 -11.01 -2.16 25.88
CA PRO A 514 -11.23 -1.66 27.25
C PRO A 514 -12.36 -0.64 27.31
N CYS A 515 -13.26 -0.87 28.26
CA CYS A 515 -14.39 0.04 28.47
C CYS A 515 -15.31 0.18 27.26
N SER A 516 -15.39 -0.88 26.47
CA SER A 516 -16.25 -0.91 25.29
C SER A 516 -17.59 -1.47 25.71
N GLN A 517 -18.62 -1.23 24.90
CA GLN A 517 -19.94 -1.77 25.21
C GLN A 517 -20.72 -1.94 23.92
N LYS A 518 -20.93 -3.19 23.52
CA LYS A 518 -21.68 -3.45 22.31
C LYS A 518 -23.12 -3.87 22.62
N ALA A 519 -23.31 -4.36 23.84
CA ALA A 519 -24.61 -4.82 24.30
C ALA A 519 -25.35 -3.72 25.07
N ASP A 520 -26.11 -2.89 24.36
CA ASP A 520 -26.87 -1.83 25.00
C ASP A 520 -28.28 -1.82 24.42
N ALA A 521 -29.15 -1.01 25.02
CA ALA A 521 -30.54 -0.93 24.58
C ALA A 521 -30.86 0.15 23.55
N ALA A 522 -29.95 0.40 22.62
CA ALA A 522 -30.19 1.43 21.61
C ALA A 522 -30.74 0.91 20.28
N PHE A 523 -31.59 1.72 19.66
CA PHE A 523 -32.17 1.35 18.38
C PHE A 523 -31.22 1.69 17.27
N ARG A 524 -31.05 0.77 16.33
CA ARG A 524 -30.14 1.01 15.21
C ARG A 524 -30.54 0.29 13.94
N LEU A 525 -30.32 0.96 12.82
CA LEU A 525 -30.59 0.38 11.51
C LEU A 525 -29.21 0.33 10.87
N ASN A 526 -28.59 -0.84 10.90
CA ASN A 526 -27.24 -1.04 10.35
C ASN A 526 -27.15 -2.23 9.42
N TRP A 527 -25.93 -2.67 9.17
CA TRP A 527 -25.69 -3.81 8.31
C TRP A 527 -26.26 -5.07 8.94
N ALA A 528 -26.07 -5.20 10.24
CA ALA A 528 -26.58 -6.36 10.96
C ALA A 528 -28.07 -6.56 10.71
N THR A 529 -28.77 -5.49 10.37
CA THR A 529 -30.20 -5.59 10.13
C THR A 529 -30.42 -6.40 8.85
N TYR A 530 -29.77 -5.98 7.76
CA TYR A 530 -29.86 -6.69 6.49
C TYR A 530 -29.45 -8.14 6.75
N LEU A 531 -28.34 -8.32 7.42
CA LEU A 531 -27.87 -9.66 7.70
C LEU A 531 -28.93 -10.55 8.35
N ALA A 532 -29.76 -9.97 9.23
CA ALA A 532 -30.80 -10.74 9.88
C ALA A 532 -32.09 -10.76 9.07
N SER A 533 -32.58 -9.59 8.69
CA SER A 533 -33.81 -9.53 7.92
C SER A 533 -33.80 -10.28 6.60
N THR A 534 -32.68 -10.24 5.89
CA THR A 534 -32.65 -10.88 4.59
C THR A 534 -31.80 -12.13 4.44
N GLU A 535 -30.73 -12.24 5.22
CA GLU A 535 -29.88 -13.42 5.11
C GLU A 535 -30.21 -14.40 6.22
N ASN A 536 -31.13 -14.01 7.09
CA ASN A 536 -31.55 -14.87 8.20
C ASN A 536 -30.36 -15.30 9.01
N ILE A 537 -29.50 -14.34 9.33
CA ILE A 537 -28.30 -14.61 10.11
C ILE A 537 -28.47 -13.93 11.45
N ILE A 538 -28.04 -14.59 12.51
CA ILE A 538 -28.15 -13.98 13.83
C ILE A 538 -26.88 -13.18 14.12
N VAL A 539 -27.03 -11.90 14.40
CA VAL A 539 -25.88 -11.05 14.69
C VAL A 539 -25.86 -10.82 16.20
N ALA A 540 -24.77 -11.19 16.85
CA ALA A 540 -24.65 -11.04 18.29
C ALA A 540 -23.35 -10.39 18.76
N SER A 541 -23.41 -9.72 19.89
CA SER A 541 -22.25 -9.06 20.47
C SER A 541 -22.25 -9.47 21.93
N PHE A 542 -21.09 -9.48 22.55
CA PHE A 542 -21.00 -9.89 23.94
C PHE A 542 -19.99 -9.07 24.70
N ASP A 543 -20.44 -8.30 25.69
CA ASP A 543 -19.50 -7.48 26.48
C ASP A 543 -18.90 -8.34 27.58
N GLY A 544 -17.66 -8.78 27.37
CA GLY A 544 -17.01 -9.62 28.35
C GLY A 544 -16.07 -8.86 29.28
N ARG A 545 -15.06 -9.56 29.78
CA ARG A 545 -14.10 -8.96 30.69
C ARG A 545 -13.36 -7.78 30.09
N GLY A 546 -13.05 -6.81 30.95
CA GLY A 546 -12.36 -5.61 30.52
C GLY A 546 -13.39 -4.93 29.65
N SER A 547 -14.29 -4.17 30.25
CA SER A 547 -15.31 -3.55 29.44
C SER A 547 -16.36 -2.78 30.20
N GLY A 548 -17.31 -2.28 29.41
CA GLY A 548 -18.44 -1.55 29.91
C GLY A 548 -18.37 -0.81 31.21
N TYR A 549 -19.53 -0.35 31.64
CA TYR A 549 -19.64 0.42 32.85
C TYR A 549 -20.26 -0.47 33.92
N GLN A 550 -19.47 -1.46 34.32
CA GLN A 550 -19.90 -2.43 35.30
C GLN A 550 -18.92 -2.49 36.45
N GLY A 551 -18.08 -1.49 36.56
CA GLY A 551 -17.12 -1.49 37.64
C GLY A 551 -15.75 -1.87 37.17
N ASP A 552 -14.74 -1.39 37.89
CA ASP A 552 -13.35 -1.66 37.54
C ASP A 552 -12.95 -3.13 37.61
N LYS A 553 -13.52 -3.90 38.54
CA LYS A 553 -13.15 -5.30 38.65
C LYS A 553 -13.16 -5.93 37.27
N ILE A 554 -14.23 -5.66 36.52
CA ILE A 554 -14.40 -6.18 35.18
C ILE A 554 -13.53 -5.47 34.14
N MET A 555 -13.59 -4.14 34.11
CA MET A 555 -12.82 -3.34 33.16
C MET A 555 -11.30 -3.54 33.26
N HIS A 556 -10.74 -3.36 34.45
CA HIS A 556 -9.30 -3.51 34.66
C HIS A 556 -8.85 -4.96 34.55
N ALA A 557 -9.80 -5.87 34.39
CA ALA A 557 -9.47 -7.29 34.28
C ALA A 557 -8.40 -7.54 33.23
N ILE A 558 -8.33 -6.65 32.25
CA ILE A 558 -7.39 -6.73 31.15
C ILE A 558 -6.06 -6.01 31.35
N ASN A 559 -6.01 -5.08 32.31
CA ASN A 559 -4.82 -4.28 32.56
C ASN A 559 -3.49 -5.01 32.37
N LYS A 560 -2.60 -4.36 31.61
CA LYS A 560 -1.25 -4.85 31.29
C LYS A 560 -1.24 -6.06 30.36
N ARG A 561 -2.40 -6.56 29.96
CA ARG A 561 -2.38 -7.73 29.10
C ARG A 561 -3.54 -7.91 28.12
N LEU A 562 -3.60 -7.02 27.13
CA LEU A 562 -4.62 -7.07 26.10
C LEU A 562 -4.40 -8.34 25.28
N GLY A 563 -5.40 -8.73 24.50
CA GLY A 563 -5.30 -9.93 23.68
C GLY A 563 -5.35 -11.22 24.50
N THR A 564 -5.99 -11.12 25.67
CA THR A 564 -6.13 -12.22 26.60
C THR A 564 -7.60 -12.52 26.89
N LEU A 565 -8.02 -12.20 28.10
CA LEU A 565 -9.36 -12.46 28.53
C LEU A 565 -10.46 -11.92 27.63
N GLU A 566 -10.30 -10.71 27.08
CA GLU A 566 -11.36 -10.17 26.24
C GLU A 566 -11.55 -11.08 25.02
N VAL A 567 -10.46 -11.68 24.57
CA VAL A 567 -10.54 -12.59 23.43
C VAL A 567 -11.23 -13.86 23.88
N GLU A 568 -10.62 -14.58 24.82
CA GLU A 568 -11.22 -15.81 25.33
C GLU A 568 -12.72 -15.68 25.53
N ASP A 569 -13.12 -14.76 26.41
CA ASP A 569 -14.54 -14.52 26.68
C ASP A 569 -15.38 -14.36 25.41
N GLN A 570 -14.77 -13.86 24.35
CA GLN A 570 -15.53 -13.69 23.13
C GLN A 570 -15.82 -15.07 22.57
N ILE A 571 -14.93 -16.01 22.86
CA ILE A 571 -15.12 -17.37 22.41
C ILE A 571 -16.20 -18.04 23.27
N GLU A 572 -16.03 -18.01 24.59
CA GLU A 572 -17.00 -18.59 25.49
C GLU A 572 -18.40 -18.11 25.10
N ALA A 573 -18.53 -16.83 24.80
CA ALA A 573 -19.82 -16.29 24.43
C ALA A 573 -20.43 -17.07 23.26
N ALA A 574 -19.59 -17.54 22.35
CA ALA A 574 -20.11 -18.28 21.22
C ALA A 574 -20.47 -19.67 21.69
N ARG A 575 -19.67 -20.22 22.60
CA ARG A 575 -19.93 -21.53 23.15
C ARG A 575 -21.34 -21.47 23.72
N GLN A 576 -21.53 -20.53 24.65
CA GLN A 576 -22.81 -20.31 25.32
C GLN A 576 -23.97 -20.15 24.36
N PHE A 577 -23.74 -19.42 23.28
CA PHE A 577 -24.78 -19.22 22.29
C PHE A 577 -25.16 -20.53 21.63
N LEU A 578 -24.19 -21.41 21.48
CA LEU A 578 -24.46 -22.68 20.86
C LEU A 578 -25.31 -23.48 21.84
N LYS A 579 -24.90 -23.46 23.10
CA LYS A 579 -25.63 -24.20 24.14
C LYS A 579 -27.06 -23.69 24.24
N MET A 580 -27.34 -22.57 23.61
CA MET A 580 -28.69 -22.05 23.66
C MET A 580 -29.59 -22.81 22.72
N GLY A 581 -29.00 -23.51 21.75
CA GLY A 581 -29.80 -24.29 20.83
C GLY A 581 -29.89 -23.81 19.39
N PHE A 582 -30.65 -22.73 19.17
CA PHE A 582 -30.89 -22.15 17.84
C PHE A 582 -29.73 -21.72 16.93
N VAL A 583 -28.52 -22.16 17.22
CA VAL A 583 -27.38 -21.77 16.39
C VAL A 583 -26.73 -22.96 15.71
N ASP A 584 -26.54 -22.86 14.39
CA ASP A 584 -25.92 -23.91 13.58
C ASP A 584 -24.43 -24.01 13.85
N SER A 585 -24.04 -24.89 14.77
CA SER A 585 -22.62 -25.04 15.11
C SER A 585 -21.63 -25.03 13.94
N LYS A 586 -22.08 -25.43 12.76
CA LYS A 586 -21.21 -25.49 11.58
C LYS A 586 -21.19 -24.23 10.73
N ARG A 587 -21.74 -23.15 11.27
CA ARG A 587 -21.76 -21.90 10.53
C ARG A 587 -21.80 -20.70 11.47
N VAL A 588 -20.67 -20.49 12.13
CA VAL A 588 -20.47 -19.41 13.08
C VAL A 588 -19.26 -18.60 12.65
N ALA A 589 -19.48 -17.31 12.38
CA ALA A 589 -18.41 -16.40 11.98
C ALA A 589 -18.15 -15.33 13.03
N ILE A 590 -17.32 -14.36 12.67
CA ILE A 590 -16.97 -13.26 13.57
C ILE A 590 -16.19 -12.21 12.80
N TRP A 591 -16.49 -10.96 13.07
CA TRP A 591 -15.80 -9.87 12.39
C TRP A 591 -15.71 -8.69 13.32
N GLY A 592 -14.80 -7.79 12.99
CA GLY A 592 -14.63 -6.62 13.81
C GLY A 592 -13.87 -5.56 13.05
N TRP A 593 -13.98 -4.34 13.55
CA TRP A 593 -13.31 -3.20 12.98
C TRP A 593 -12.35 -2.76 14.08
N SER A 594 -11.28 -2.06 13.71
CA SER A 594 -10.31 -1.59 14.69
C SER A 594 -9.98 -2.61 15.76
N TYR A 595 -10.19 -2.27 17.02
CA TYR A 595 -9.87 -3.18 18.10
C TYR A 595 -10.59 -4.50 17.86
N GLY A 596 -11.81 -4.40 17.33
CA GLY A 596 -12.60 -5.59 17.07
C GLY A 596 -11.93 -6.46 16.02
N GLY A 597 -11.35 -5.80 15.02
CA GLY A 597 -10.67 -6.53 13.97
C GLY A 597 -9.50 -7.26 14.57
N TYR A 598 -8.97 -6.73 15.65
CA TYR A 598 -7.86 -7.37 16.33
C TYR A 598 -8.38 -8.68 16.91
N VAL A 599 -9.26 -8.57 17.90
CA VAL A 599 -9.86 -9.71 18.54
C VAL A 599 -10.33 -10.72 17.49
N THR A 600 -11.08 -10.25 16.51
CA THR A 600 -11.55 -11.14 15.46
C THR A 600 -10.39 -11.98 14.98
N SER A 601 -9.30 -11.31 14.62
CA SER A 601 -8.11 -12.00 14.13
C SER A 601 -7.53 -12.93 15.21
N MET A 602 -7.36 -12.42 16.41
CA MET A 602 -6.83 -13.22 17.50
C MET A 602 -7.70 -14.45 17.78
N VAL A 603 -9.00 -14.33 17.50
CA VAL A 603 -9.92 -15.44 17.71
C VAL A 603 -9.74 -16.49 16.63
N LEU A 604 -9.80 -16.05 15.38
CA LEU A 604 -9.62 -16.96 14.26
C LEU A 604 -8.28 -17.67 14.42
N GLY A 605 -7.32 -17.00 15.03
CA GLY A 605 -6.02 -17.62 15.19
C GLY A 605 -5.80 -18.44 16.45
N SER A 606 -6.83 -18.57 17.30
CA SER A 606 -6.70 -19.33 18.54
C SER A 606 -6.77 -20.84 18.35
N GLY A 607 -7.29 -21.27 17.20
CA GLY A 607 -7.42 -22.69 16.93
C GLY A 607 -8.46 -23.34 17.84
N SER A 608 -9.47 -22.57 18.22
CA SER A 608 -10.55 -23.05 19.09
C SER A 608 -11.51 -23.89 18.24
N GLY A 609 -11.37 -23.79 16.93
CA GLY A 609 -12.21 -24.53 16.03
C GLY A 609 -13.69 -24.21 16.12
N VAL A 610 -14.04 -23.19 16.89
CA VAL A 610 -15.43 -22.79 17.05
C VAL A 610 -15.95 -21.93 15.91
N PHE A 611 -15.05 -21.18 15.27
CA PHE A 611 -15.43 -20.29 14.19
C PHE A 611 -15.02 -20.80 12.82
N LYS A 612 -15.87 -20.58 11.84
CA LYS A 612 -15.59 -21.04 10.50
C LYS A 612 -14.91 -20.02 9.61
N CYS A 613 -15.18 -18.75 9.84
CA CYS A 613 -14.58 -17.69 9.04
C CYS A 613 -14.73 -16.37 9.76
N GLY A 614 -14.06 -15.35 9.25
CA GLY A 614 -14.15 -14.06 9.89
C GLY A 614 -13.65 -12.92 9.02
N ILE A 615 -13.89 -11.71 9.48
CA ILE A 615 -13.46 -10.53 8.76
C ILE A 615 -12.90 -9.49 9.71
N ALA A 616 -11.70 -9.02 9.41
CA ALA A 616 -11.02 -8.01 10.21
C ALA A 616 -10.79 -6.77 9.35
N VAL A 617 -11.36 -5.64 9.75
CA VAL A 617 -11.19 -4.42 8.99
C VAL A 617 -10.26 -3.49 9.76
N ALA A 618 -9.13 -3.14 9.14
CA ALA A 618 -8.15 -2.25 9.73
C ALA A 618 -7.91 -2.64 11.17
N PRO A 619 -7.42 -3.85 11.38
CA PRO A 619 -7.15 -4.35 12.73
C PRO A 619 -5.77 -3.95 13.23
N VAL A 620 -5.59 -3.95 14.53
CA VAL A 620 -4.29 -3.66 15.08
C VAL A 620 -3.71 -5.06 15.10
N SER A 621 -2.47 -5.24 14.66
CA SER A 621 -1.91 -6.58 14.67
C SER A 621 -0.90 -6.80 15.77
N ARG A 622 -0.37 -5.74 16.35
CA ARG A 622 0.54 -5.86 17.48
C ARG A 622 0.70 -4.48 18.07
N TRP A 623 0.54 -4.40 19.38
CA TRP A 623 0.56 -3.11 20.06
C TRP A 623 1.69 -2.14 19.86
N GLU A 624 2.84 -2.58 19.37
CA GLU A 624 3.89 -1.62 19.14
C GLU A 624 3.49 -0.67 18.01
N TYR A 625 2.74 -1.18 17.04
CA TYR A 625 2.32 -0.35 15.92
C TYR A 625 1.26 0.70 16.24
N TYR A 626 0.62 0.60 17.40
CA TYR A 626 -0.40 1.58 17.70
C TYR A 626 0.10 2.77 18.49
N ASP A 627 -0.68 3.86 18.50
CA ASP A 627 -0.27 5.08 19.18
C ASP A 627 -0.02 4.89 20.65
N SER A 628 0.84 5.73 21.20
CA SER A 628 1.23 5.66 22.59
C SER A 628 0.14 5.86 23.62
N VAL A 629 -0.49 7.02 23.59
CA VAL A 629 -1.53 7.34 24.56
C VAL A 629 -2.54 6.22 24.83
N TYR A 630 -3.11 5.67 23.76
CA TYR A 630 -4.08 4.60 23.92
C TYR A 630 -3.39 3.34 24.43
N THR A 631 -2.50 2.80 23.61
CA THR A 631 -1.79 1.59 23.93
C THR A 631 -1.19 1.51 25.33
N GLU A 632 -0.30 2.43 25.66
CA GLU A 632 0.35 2.42 26.96
C GLU A 632 -0.64 2.51 28.13
N ARG A 633 -1.78 3.14 27.89
CA ARG A 633 -2.77 3.28 28.94
C ARG A 633 -3.14 1.92 29.50
N TYR A 634 -3.09 0.89 28.67
CA TYR A 634 -3.44 -0.44 29.13
C TYR A 634 -2.24 -1.36 29.12
N MET A 635 -1.35 -1.16 28.16
CA MET A 635 -0.19 -2.03 28.03
C MET A 635 1.11 -1.63 28.71
N GLY A 636 1.24 -0.35 29.08
CA GLY A 636 2.48 0.10 29.69
C GLY A 636 3.48 0.35 28.58
N LEU A 637 4.76 0.40 28.92
CA LEU A 637 5.76 0.63 27.89
C LEU A 637 6.31 -0.69 27.40
N PRO A 638 6.53 -0.81 26.09
CA PRO A 638 7.07 -2.04 25.51
C PRO A 638 8.54 -2.25 25.79
N THR A 639 8.94 -2.20 27.05
CA THR A 639 10.35 -2.37 27.40
C THR A 639 10.59 -3.45 28.45
N PRO A 640 11.70 -4.18 28.33
CA PRO A 640 11.98 -5.23 29.32
C PRO A 640 11.86 -4.75 30.75
N GLU A 641 11.98 -3.45 30.96
CA GLU A 641 11.90 -2.94 32.30
C GLU A 641 10.46 -2.88 32.74
N ASP A 642 9.56 -2.80 31.76
CA ASP A 642 8.13 -2.75 32.04
C ASP A 642 7.40 -4.00 31.55
N ASN A 643 6.57 -3.82 30.52
CA ASN A 643 5.75 -4.91 30.00
C ASN A 643 6.06 -5.43 28.59
N LEU A 644 7.31 -5.37 28.16
CA LEU A 644 7.64 -5.85 26.82
C LEU A 644 7.11 -7.25 26.52
N ASP A 645 7.32 -8.16 27.47
CA ASP A 645 6.87 -9.53 27.29
C ASP A 645 5.42 -9.63 26.82
N HIS A 646 4.49 -8.93 27.48
CA HIS A 646 3.09 -9.01 27.06
C HIS A 646 2.82 -8.38 25.71
N TYR A 647 3.68 -7.45 25.31
CA TYR A 647 3.49 -6.85 24.00
C TYR A 647 3.76 -7.95 22.97
N ARG A 648 4.84 -8.69 23.20
CA ARG A 648 5.25 -9.74 22.28
C ARG A 648 4.40 -11.00 22.26
N ASN A 649 3.83 -11.37 23.39
CA ASN A 649 3.02 -12.58 23.43
C ASN A 649 1.58 -12.36 22.94
N SER A 650 1.31 -11.22 22.30
CA SER A 650 -0.03 -10.94 21.81
C SER A 650 -0.08 -10.41 20.39
N THR A 651 0.84 -10.90 19.57
CA THR A 651 0.95 -10.53 18.17
C THR A 651 -0.03 -11.36 17.33
N VAL A 652 -0.74 -10.73 16.39
CA VAL A 652 -1.65 -11.51 15.57
C VAL A 652 -0.83 -12.43 14.68
N MET A 653 0.26 -11.93 14.12
CA MET A 653 1.03 -12.78 13.24
C MET A 653 1.67 -14.00 13.91
N SER A 654 1.80 -13.97 15.23
CA SER A 654 2.41 -15.10 15.92
C SER A 654 1.45 -16.28 15.90
N ARG A 655 0.18 -16.01 15.63
CA ARG A 655 -0.84 -17.06 15.57
C ARG A 655 -1.16 -17.43 14.13
N ALA A 656 -0.25 -17.12 13.22
CA ALA A 656 -0.46 -17.39 11.81
C ALA A 656 -0.83 -18.83 11.47
N GLU A 657 0.04 -19.76 11.88
CA GLU A 657 -0.18 -21.19 11.64
C GLU A 657 -1.64 -21.58 11.76
N ASN A 658 -2.23 -21.34 12.93
CA ASN A 658 -3.61 -21.67 13.23
C ASN A 658 -4.67 -21.09 12.29
N PHE A 659 -4.25 -20.33 11.29
CA PHE A 659 -5.21 -19.76 10.35
C PHE A 659 -5.57 -20.71 9.22
N LYS A 660 -4.99 -21.90 9.20
CA LYS A 660 -5.29 -22.84 8.14
C LYS A 660 -6.70 -23.39 8.25
N GLN A 661 -7.19 -23.44 9.48
CA GLN A 661 -8.52 -23.96 9.76
C GLN A 661 -9.60 -22.90 9.57
N VAL A 662 -9.30 -21.82 8.86
CA VAL A 662 -10.27 -20.74 8.67
C VAL A 662 -10.27 -20.00 7.33
N GLU A 663 -11.43 -19.47 6.94
CA GLU A 663 -11.56 -18.66 5.74
C GLU A 663 -11.47 -17.25 6.34
N TYR A 664 -10.45 -16.50 5.96
CA TYR A 664 -10.22 -15.18 6.53
C TYR A 664 -10.27 -14.04 5.54
N LEU A 665 -10.86 -12.93 5.94
CA LEU A 665 -10.93 -11.74 5.08
C LEU A 665 -10.32 -10.53 5.78
N LEU A 666 -9.22 -10.03 5.23
CA LEU A 666 -8.52 -8.87 5.78
C LEU A 666 -8.75 -7.66 4.89
N ILE A 667 -9.15 -6.54 5.49
CA ILE A 667 -9.42 -5.33 4.73
C ILE A 667 -8.69 -4.11 5.32
N HIS A 668 -8.26 -3.17 4.49
CA HIS A 668 -7.56 -2.02 5.04
C HIS A 668 -7.50 -0.77 4.19
N GLY A 669 -7.63 0.38 4.82
CA GLY A 669 -7.56 1.65 4.10
C GLY A 669 -6.15 2.01 3.71
N THR A 670 -5.97 2.45 2.48
CA THR A 670 -4.63 2.80 2.02
C THR A 670 -4.10 4.06 2.62
N ALA A 671 -5.00 4.88 3.15
CA ALA A 671 -4.61 6.14 3.74
C ALA A 671 -4.99 6.19 5.20
N ASP A 672 -4.98 5.03 5.84
CA ASP A 672 -5.33 4.96 7.25
C ASP A 672 -4.23 5.60 8.11
N ASP A 673 -4.53 6.76 8.69
CA ASP A 673 -3.55 7.45 9.51
C ASP A 673 -3.61 7.01 10.97
N ASN A 674 -4.68 6.30 11.32
CA ASN A 674 -4.90 5.82 12.69
C ASN A 674 -4.27 4.45 12.93
N VAL A 675 -4.68 3.48 12.11
CA VAL A 675 -4.17 2.12 12.18
C VAL A 675 -3.45 1.96 10.85
N HIS A 676 -2.19 2.38 10.86
CA HIS A 676 -1.31 2.46 9.70
C HIS A 676 -1.27 1.57 8.45
N PHE A 677 -1.82 0.37 8.47
CA PHE A 677 -1.80 -0.52 7.28
C PHE A 677 -0.61 -1.44 7.47
N GLN A 678 0.46 -0.85 7.96
CA GLN A 678 1.65 -1.61 8.27
C GLN A 678 1.10 -2.80 9.05
N GLN A 679 0.12 -2.49 9.90
CA GLN A 679 -0.52 -3.49 10.73
C GLN A 679 -1.04 -4.67 9.95
N SER A 680 -1.75 -4.41 8.88
CA SER A 680 -2.28 -5.50 8.10
C SER A 680 -1.19 -6.09 7.21
N ALA A 681 -0.39 -5.23 6.61
CA ALA A 681 0.69 -5.69 5.75
C ALA A 681 1.54 -6.69 6.51
N GLN A 682 1.71 -6.43 7.79
CA GLN A 682 2.51 -7.30 8.62
C GLN A 682 1.80 -8.63 8.82
N ILE A 683 0.46 -8.58 8.88
CA ILE A 683 -0.35 -9.79 9.05
C ILE A 683 -0.30 -10.65 7.81
N SER A 684 -0.68 -10.06 6.67
CA SER A 684 -0.67 -10.77 5.41
C SER A 684 0.65 -11.49 5.32
N LYS A 685 1.73 -10.70 5.34
CA LYS A 685 3.07 -11.24 5.28
C LYS A 685 3.22 -12.51 6.10
N ALA A 686 2.85 -12.42 7.37
CA ALA A 686 2.94 -13.54 8.29
C ALA A 686 2.23 -14.78 7.78
N LEU A 687 0.99 -14.61 7.33
CA LEU A 687 0.18 -15.70 6.82
C LEU A 687 0.82 -16.31 5.58
N VAL A 688 1.38 -15.46 4.74
CA VAL A 688 2.04 -15.92 3.53
C VAL A 688 3.24 -16.79 3.88
N ASP A 689 4.01 -16.36 4.86
CA ASP A 689 5.17 -17.13 5.27
C ASP A 689 4.74 -18.43 5.94
N ALA A 690 3.51 -18.48 6.42
CA ALA A 690 2.98 -19.67 7.08
C ALA A 690 2.39 -20.63 6.05
N GLY A 691 2.21 -20.12 4.83
CA GLY A 691 1.65 -20.94 3.77
C GLY A 691 0.14 -21.01 3.84
N VAL A 692 -0.46 -20.10 4.62
CA VAL A 692 -1.92 -20.02 4.80
C VAL A 692 -2.58 -19.15 3.77
N ASP A 693 -3.66 -19.62 3.16
CA ASP A 693 -4.31 -18.78 2.17
C ASP A 693 -5.43 -17.99 2.82
N PHE A 694 -5.65 -16.77 2.32
CA PHE A 694 -6.70 -15.91 2.85
C PHE A 694 -7.17 -14.94 1.79
N GLN A 695 -8.14 -14.09 2.13
CA GLN A 695 -8.64 -13.12 1.18
C GLN A 695 -8.39 -11.69 1.66
N ALA A 696 -7.89 -10.85 0.75
CA ALA A 696 -7.59 -9.48 1.11
C ALA A 696 -8.29 -8.48 0.19
N MET A 697 -8.29 -7.23 0.65
CA MET A 697 -8.91 -6.12 -0.06
C MET A 697 -8.37 -4.81 0.53
N TRP A 698 -7.82 -3.96 -0.32
CA TRP A 698 -7.30 -2.68 0.12
C TRP A 698 -8.19 -1.61 -0.47
N TYR A 699 -8.35 -0.50 0.23
CA TYR A 699 -9.15 0.57 -0.31
C TYR A 699 -8.28 1.80 -0.53
N THR A 700 -8.00 2.04 -1.79
CA THR A 700 -7.15 3.13 -2.21
C THR A 700 -7.60 4.47 -1.66
N ASP A 701 -6.70 5.14 -0.97
CA ASP A 701 -6.96 6.46 -0.42
C ASP A 701 -8.08 6.60 0.61
N GLU A 702 -8.44 5.50 1.27
CA GLU A 702 -9.50 5.58 2.28
C GLU A 702 -8.95 5.78 3.68
N ASP A 703 -9.73 6.42 4.53
CA ASP A 703 -9.35 6.69 5.92
C ASP A 703 -9.39 5.41 6.75
N HIS A 704 -9.46 5.60 8.06
CA HIS A 704 -9.57 4.45 8.95
C HIS A 704 -11.05 4.16 9.04
N GLY A 705 -11.83 4.84 8.21
CA GLY A 705 -13.25 4.62 8.23
C GLY A 705 -13.78 4.11 6.90
N ILE A 706 -12.98 4.23 5.85
CA ILE A 706 -13.42 3.78 4.54
C ILE A 706 -14.85 4.29 4.45
N ALA A 707 -15.01 5.57 4.76
CA ALA A 707 -16.34 6.16 4.81
C ALA A 707 -16.80 6.95 3.59
N SER A 708 -15.99 7.02 2.55
CA SER A 708 -16.44 7.74 1.39
C SER A 708 -17.70 6.98 0.96
N SER A 709 -18.55 7.59 0.16
CA SER A 709 -19.77 6.90 -0.26
C SER A 709 -19.39 5.62 -1.00
N THR A 710 -18.88 5.78 -2.22
CA THR A 710 -18.47 4.66 -3.05
C THR A 710 -17.77 3.54 -2.30
N ALA A 711 -16.79 3.90 -1.49
CA ALA A 711 -16.06 2.88 -0.73
C ALA A 711 -16.90 2.22 0.35
N HIS A 712 -17.75 3.01 1.00
CA HIS A 712 -18.61 2.48 2.04
C HIS A 712 -19.50 1.38 1.49
N GLN A 713 -20.14 1.68 0.38
CA GLN A 713 -21.03 0.74 -0.26
C GLN A 713 -20.20 -0.47 -0.65
N HIS A 714 -19.10 -0.22 -1.33
CA HIS A 714 -18.23 -1.29 -1.78
C HIS A 714 -17.81 -2.30 -0.72
N ILE A 715 -17.21 -1.83 0.36
CA ILE A 715 -16.76 -2.75 1.37
C ILE A 715 -17.86 -3.57 2.03
N TYR A 716 -19.05 -3.02 2.22
CA TYR A 716 -20.05 -3.85 2.85
C TYR A 716 -20.58 -4.87 1.88
N SER A 717 -20.74 -4.48 0.63
CA SER A 717 -21.22 -5.42 -0.37
C SER A 717 -20.23 -6.57 -0.36
N HIS A 718 -18.94 -6.23 -0.40
CA HIS A 718 -17.92 -7.25 -0.40
C HIS A 718 -18.02 -8.17 0.81
N MET A 719 -18.08 -7.61 2.01
CA MET A 719 -18.15 -8.45 3.18
C MET A 719 -19.38 -9.32 3.14
N SER A 720 -20.47 -8.77 2.61
CA SER A 720 -21.70 -9.53 2.52
C SER A 720 -21.41 -10.78 1.71
N HIS A 721 -20.92 -10.59 0.48
CA HIS A 721 -20.59 -11.72 -0.38
C HIS A 721 -19.63 -12.68 0.32
N PHE A 722 -18.74 -12.15 1.14
CA PHE A 722 -17.82 -13.03 1.82
C PHE A 722 -18.58 -13.91 2.79
N LEU A 723 -19.60 -13.37 3.43
CA LEU A 723 -20.38 -14.16 4.36
C LEU A 723 -21.24 -15.13 3.60
N GLN A 724 -21.78 -14.67 2.48
CA GLN A 724 -22.60 -15.52 1.66
C GLN A 724 -21.77 -16.73 1.25
N GLN A 725 -20.56 -16.50 0.73
CA GLN A 725 -19.70 -17.63 0.35
C GLN A 725 -19.47 -18.51 1.57
N CYS A 726 -19.02 -17.91 2.68
CA CYS A 726 -18.74 -18.67 3.89
C CYS A 726 -19.93 -19.46 4.41
N PHE A 727 -21.12 -18.87 4.38
CA PHE A 727 -22.31 -19.55 4.90
C PHE A 727 -23.08 -20.39 3.89
N SER A 728 -22.48 -20.58 2.72
CA SER A 728 -23.09 -21.38 1.66
C SER A 728 -24.45 -20.87 1.19
N LEU A 729 -24.63 -19.55 1.20
CA LEU A 729 -25.90 -18.95 0.74
C LEU A 729 -25.66 -18.44 -0.67
N ARG A 730 -26.04 -17.19 -0.93
CA ARG A 730 -25.88 -16.55 -2.24
C ARG A 730 -26.24 -17.47 -3.40
N ARG B 1 0.14 -43.13 -13.77
CA ARG B 1 -1.22 -42.51 -13.87
C ARG B 1 -1.35 -41.30 -12.93
N ARG B 2 -0.22 -40.70 -12.55
CA ARG B 2 -0.23 -39.53 -11.67
C ARG B 2 -0.28 -38.28 -12.56
N THR B 3 -0.99 -37.24 -12.10
CA THR B 3 -1.07 -36.00 -12.88
C THR B 3 0.10 -35.13 -12.43
N TYR B 4 0.27 -33.96 -13.05
CA TYR B 4 1.35 -33.05 -12.67
C TYR B 4 0.76 -32.06 -11.65
N THR B 5 0.98 -32.34 -10.37
CA THR B 5 0.47 -31.53 -9.26
C THR B 5 1.00 -30.08 -9.24
N LEU B 6 0.28 -29.17 -8.57
CA LEU B 6 0.71 -27.77 -8.46
C LEU B 6 1.99 -27.82 -7.63
N ALA B 7 2.03 -28.80 -6.72
CA ALA B 7 3.20 -28.99 -5.87
C ALA B 7 4.39 -29.32 -6.77
N ASP B 8 4.18 -30.24 -7.72
CA ASP B 8 5.27 -30.60 -8.62
C ASP B 8 5.91 -29.32 -9.16
N TYR B 9 5.06 -28.39 -9.56
CA TYR B 9 5.52 -27.11 -10.08
C TYR B 9 6.20 -26.25 -9.03
N LEU B 10 5.49 -26.00 -7.95
CA LEU B 10 6.00 -25.16 -6.87
C LEU B 10 7.25 -25.63 -6.17
N LYS B 11 7.32 -26.93 -5.92
CA LYS B 11 8.48 -27.52 -5.25
C LYS B 11 9.54 -27.97 -6.23
N ASN B 12 9.29 -27.71 -7.52
CA ASN B 12 10.20 -28.07 -8.60
C ASN B 12 10.67 -29.51 -8.41
N THR B 13 9.74 -30.45 -8.52
CA THR B 13 10.06 -31.85 -8.35
C THR B 13 10.78 -32.44 -9.55
N PHE B 14 10.26 -32.18 -10.74
CA PHE B 14 10.89 -32.70 -11.93
C PHE B 14 11.89 -31.66 -12.46
N ARG B 15 13.14 -31.89 -12.12
CA ARG B 15 14.23 -31.00 -12.50
C ARG B 15 14.60 -31.09 -13.98
N VAL B 16 14.76 -29.94 -14.63
CA VAL B 16 15.18 -29.89 -16.03
C VAL B 16 16.65 -29.50 -16.02
N LYS B 17 17.54 -30.35 -16.53
CA LYS B 17 18.95 -30.02 -16.50
C LYS B 17 19.43 -29.20 -17.70
N SER B 18 20.69 -28.76 -17.62
CA SER B 18 21.30 -27.97 -18.67
C SER B 18 22.81 -28.04 -18.56
N TYR B 19 23.50 -27.46 -19.54
CA TYR B 19 24.96 -27.47 -19.53
C TYR B 19 25.41 -26.03 -19.78
N SER B 20 25.71 -25.32 -18.69
CA SER B 20 26.18 -23.95 -18.82
C SER B 20 27.69 -23.95 -18.67
N LEU B 21 28.38 -23.76 -19.79
CA LEU B 21 29.85 -23.75 -19.78
C LEU B 21 30.40 -22.36 -19.94
N ARG B 22 31.71 -22.25 -19.76
CA ARG B 22 32.39 -20.99 -19.91
C ARG B 22 33.65 -21.21 -20.73
N TRP B 23 33.59 -20.85 -22.01
CA TRP B 23 34.73 -21.01 -22.90
C TRP B 23 35.88 -20.19 -22.34
N VAL B 24 37.02 -20.84 -22.15
CA VAL B 24 38.18 -20.16 -21.60
C VAL B 24 39.18 -19.82 -22.69
N SER B 25 39.14 -20.60 -23.76
CA SER B 25 40.01 -20.39 -24.90
C SER B 25 39.27 -20.88 -26.13
N ASP B 26 39.97 -21.02 -27.24
CA ASP B 26 39.34 -21.48 -28.45
C ASP B 26 39.17 -22.99 -28.40
N SER B 27 39.62 -23.64 -27.34
CA SER B 27 39.53 -25.08 -27.25
C SER B 27 39.31 -25.72 -25.88
N GLU B 28 39.07 -24.90 -24.86
CA GLU B 28 38.84 -25.44 -23.52
C GLU B 28 37.73 -24.62 -22.86
N TYR B 29 37.00 -25.22 -21.95
CA TYR B 29 35.93 -24.50 -21.27
C TYR B 29 35.82 -24.93 -19.82
N LEU B 30 35.06 -24.16 -19.04
CA LEU B 30 34.87 -24.47 -17.64
C LEU B 30 33.46 -24.97 -17.40
N TYR B 31 33.33 -25.88 -16.44
CA TYR B 31 32.03 -26.45 -16.09
C TYR B 31 31.94 -26.77 -14.60
N LYS B 32 30.81 -26.41 -14.01
CA LYS B 32 30.59 -26.66 -12.60
C LYS B 32 30.00 -28.05 -12.46
N GLN B 33 30.72 -28.94 -11.77
CA GLN B 33 30.26 -30.30 -11.55
C GLN B 33 30.39 -30.62 -10.06
N GLU B 34 29.24 -30.80 -9.41
CA GLU B 34 29.23 -31.11 -7.98
C GLU B 34 30.09 -30.10 -7.21
N ASN B 35 29.82 -28.82 -7.43
CA ASN B 35 30.58 -27.75 -6.76
C ASN B 35 32.10 -27.83 -6.94
N ASN B 36 32.51 -28.22 -8.14
CA ASN B 36 33.92 -28.32 -8.50
C ASN B 36 34.02 -27.71 -9.89
N ILE B 37 34.92 -26.78 -10.08
CA ILE B 37 35.05 -26.20 -11.40
C ILE B 37 36.03 -27.04 -12.18
N LEU B 38 35.56 -27.61 -13.30
CA LEU B 38 36.39 -28.45 -14.13
C LEU B 38 36.73 -27.79 -15.46
N LEU B 39 37.84 -28.23 -16.03
CA LEU B 39 38.31 -27.71 -17.31
C LEU B 39 38.19 -28.82 -18.35
N PHE B 40 37.34 -28.62 -19.34
CA PHE B 40 37.19 -29.63 -20.37
C PHE B 40 37.86 -29.25 -21.67
N ASN B 41 38.35 -30.27 -22.36
CA ASN B 41 39.00 -30.10 -23.63
C ASN B 41 37.98 -30.41 -24.73
N ALA B 42 37.53 -29.40 -25.45
CA ALA B 42 36.58 -29.68 -26.53
C ALA B 42 37.38 -30.42 -27.58
N GLU B 43 36.96 -31.65 -27.89
CA GLU B 43 37.61 -32.52 -28.87
C GLU B 43 37.64 -33.90 -28.25
N HIS B 44 38.20 -33.99 -27.05
CA HIS B 44 38.28 -35.26 -26.31
C HIS B 44 37.63 -34.99 -24.95
N GLY B 45 37.14 -36.03 -24.28
CA GLY B 45 36.52 -35.80 -22.98
C GLY B 45 37.53 -35.28 -21.97
N ASN B 46 38.82 -35.31 -22.34
CA ASN B 46 39.94 -34.85 -21.51
C ASN B 46 39.41 -33.81 -20.52
N SER B 47 39.37 -34.14 -19.23
CA SER B 47 38.90 -33.18 -18.24
C SER B 47 40.07 -32.76 -17.36
N SER B 48 39.76 -32.25 -16.17
CA SER B 48 40.77 -31.80 -15.22
C SER B 48 40.14 -30.88 -14.17
N ILE B 49 40.65 -30.95 -12.94
CA ILE B 49 40.11 -30.11 -11.86
C ILE B 49 40.74 -28.71 -11.85
N PHE B 50 39.89 -27.69 -11.86
CA PHE B 50 40.36 -26.29 -11.84
C PHE B 50 40.18 -25.69 -10.43
N LEU B 51 39.07 -26.03 -9.77
CA LEU B 51 38.76 -25.57 -8.41
C LEU B 51 38.00 -26.68 -7.67
N GLU B 52 38.42 -27.01 -6.46
CA GLU B 52 37.80 -28.11 -5.71
C GLU B 52 36.53 -27.89 -4.89
N ASN B 53 35.86 -29.01 -4.59
CA ASN B 53 34.64 -29.08 -3.77
C ASN B 53 34.97 -28.11 -2.63
N SER B 54 36.25 -28.10 -2.25
CA SER B 54 36.80 -27.27 -1.17
C SER B 54 36.65 -25.75 -1.36
N THR B 55 37.78 -25.09 -1.60
CA THR B 55 37.85 -23.63 -1.79
C THR B 55 36.56 -22.83 -1.56
N PHE B 56 35.48 -23.25 -2.21
CA PHE B 56 34.19 -22.61 -2.10
C PHE B 56 33.64 -22.60 -0.66
N GLU B 57 33.81 -23.70 0.07
CA GLU B 57 33.27 -23.79 1.43
C GLU B 57 34.03 -23.03 2.53
N ILE B 58 35.03 -22.23 2.14
CA ILE B 58 35.78 -21.45 3.12
C ILE B 58 34.85 -20.32 3.56
N PHE B 59 34.29 -19.64 2.56
CA PHE B 59 33.33 -18.58 2.79
C PHE B 59 31.99 -19.30 2.98
N GLY B 60 32.11 -20.61 3.22
CA GLY B 60 30.95 -21.47 3.46
C GLY B 60 29.85 -21.64 2.42
N ASP B 61 28.65 -21.26 2.85
CA ASP B 61 27.43 -21.37 2.06
C ASP B 61 27.02 -20.08 1.36
N SER B 62 27.83 -19.02 1.51
CA SER B 62 27.49 -17.74 0.91
C SER B 62 28.22 -17.37 -0.38
N ILE B 63 28.96 -18.32 -0.95
CA ILE B 63 29.65 -18.06 -2.20
C ILE B 63 28.59 -17.98 -3.31
N SER B 64 28.24 -16.75 -3.67
CA SER B 64 27.23 -16.50 -4.68
C SER B 64 27.66 -16.88 -6.09
N ASP B 65 28.84 -16.47 -6.48
CA ASP B 65 29.33 -16.76 -7.82
C ASP B 65 30.86 -16.62 -7.90
N TYR B 66 31.40 -16.98 -9.05
CA TYR B 66 32.83 -16.91 -9.25
C TYR B 66 33.10 -16.35 -10.64
N SER B 67 34.28 -15.76 -10.81
CA SER B 67 34.68 -15.18 -12.08
C SER B 67 36.17 -15.43 -12.23
N VAL B 68 36.54 -16.15 -13.27
CA VAL B 68 37.95 -16.45 -13.50
C VAL B 68 38.61 -15.43 -14.42
N SER B 69 39.72 -14.85 -13.97
CA SER B 69 40.43 -13.88 -14.78
C SER B 69 40.78 -14.57 -16.10
N PRO B 70 40.96 -13.80 -17.17
CA PRO B 70 41.28 -14.45 -18.44
C PRO B 70 42.66 -15.13 -18.57
N ASP B 71 43.60 -14.85 -17.67
CA ASP B 71 44.88 -15.55 -17.75
C ASP B 71 44.79 -16.76 -16.85
N ARG B 72 43.63 -16.97 -16.27
CA ARG B 72 43.39 -18.10 -15.40
C ARG B 72 44.40 -18.14 -14.28
N LEU B 73 44.83 -16.98 -13.84
CA LEU B 73 45.80 -16.97 -12.77
C LEU B 73 45.10 -16.65 -11.45
N PHE B 74 43.89 -16.09 -11.53
CA PHE B 74 43.12 -15.73 -10.35
C PHE B 74 41.65 -15.99 -10.53
N VAL B 75 40.94 -16.09 -9.41
CA VAL B 75 39.50 -16.31 -9.43
C VAL B 75 38.82 -15.38 -8.45
N LEU B 76 37.71 -14.79 -8.91
CA LEU B 76 36.91 -13.87 -8.12
C LEU B 76 35.85 -14.61 -7.32
N LEU B 77 35.80 -14.36 -6.02
CA LEU B 77 34.79 -15.03 -5.20
C LEU B 77 33.79 -14.02 -4.67
N GLU B 78 32.56 -14.14 -5.18
CA GLU B 78 31.47 -13.25 -4.81
C GLU B 78 30.71 -13.88 -3.66
N TYR B 79 30.38 -13.07 -2.66
CA TYR B 79 29.64 -13.54 -1.50
C TYR B 79 28.95 -12.35 -0.82
N ASN B 80 27.90 -12.64 -0.05
CA ASN B 80 27.13 -11.60 0.62
C ASN B 80 26.32 -10.81 -0.41
N TYR B 81 25.77 -11.55 -1.36
CA TYR B 81 24.96 -11.00 -2.43
C TYR B 81 23.70 -10.43 -1.83
N VAL B 82 23.30 -9.26 -2.34
CA VAL B 82 22.09 -8.59 -1.90
C VAL B 82 21.49 -7.90 -3.13
N LYS B 83 20.31 -8.37 -3.52
CA LYS B 83 19.61 -7.86 -4.68
C LYS B 83 19.23 -6.39 -4.54
N GLN B 84 18.90 -5.79 -5.67
CA GLN B 84 18.51 -4.39 -5.75
C GLN B 84 18.13 -4.16 -7.20
N TRP B 85 16.86 -4.35 -7.53
CA TRP B 85 16.38 -4.17 -8.91
C TRP B 85 16.64 -5.43 -9.71
N ARG B 86 16.24 -5.42 -10.97
CA ARG B 86 16.41 -6.59 -11.82
C ARG B 86 17.83 -7.12 -11.91
N HIS B 87 18.79 -6.24 -12.19
CA HIS B 87 20.17 -6.70 -12.35
C HIS B 87 21.15 -6.19 -11.33
N SER B 88 20.88 -5.00 -10.79
CA SER B 88 21.77 -4.41 -9.81
C SER B 88 21.83 -5.32 -8.58
N TYR B 89 22.87 -5.14 -7.77
CA TYR B 89 23.05 -5.91 -6.55
C TYR B 89 24.43 -5.61 -6.01
N THR B 90 24.63 -5.83 -4.71
CA THR B 90 25.93 -5.59 -4.11
C THR B 90 26.46 -6.84 -3.43
N ALA B 91 27.73 -7.13 -3.64
CA ALA B 91 28.36 -8.28 -3.01
C ALA B 91 29.69 -7.88 -2.37
N SER B 92 30.39 -8.88 -1.86
CA SER B 92 31.70 -8.72 -1.24
C SER B 92 32.57 -9.65 -2.06
N TYR B 93 33.87 -9.35 -2.16
CA TYR B 93 34.72 -10.20 -2.98
C TYR B 93 36.10 -10.50 -2.43
N SER B 94 36.63 -11.65 -2.85
CA SER B 94 37.98 -12.08 -2.48
C SER B 94 38.63 -12.65 -3.73
N ILE B 95 39.91 -12.35 -3.91
CA ILE B 95 40.65 -12.85 -5.07
C ILE B 95 41.43 -14.10 -4.67
N TYR B 96 41.35 -15.17 -5.46
CA TYR B 96 42.07 -16.39 -5.13
C TYR B 96 43.23 -16.57 -6.08
N ASP B 97 44.44 -16.70 -5.52
CA ASP B 97 45.62 -16.88 -6.36
C ASP B 97 45.82 -18.36 -6.70
N LEU B 98 45.39 -18.74 -7.89
CA LEU B 98 45.53 -20.12 -8.33
C LEU B 98 46.95 -20.66 -8.20
N ASN B 99 47.93 -19.85 -8.56
CA ASN B 99 49.31 -20.28 -8.49
C ASN B 99 49.80 -20.37 -7.05
N LYS B 100 49.80 -19.24 -6.34
CA LYS B 100 50.25 -19.17 -4.95
C LYS B 100 49.39 -20.07 -4.06
N ARG B 101 48.32 -20.59 -4.64
CA ARG B 101 47.37 -21.47 -3.96
C ARG B 101 46.79 -20.94 -2.66
N GLN B 102 46.28 -19.72 -2.69
CA GLN B 102 45.68 -19.11 -1.50
C GLN B 102 44.96 -17.80 -1.82
N LEU B 103 44.22 -17.30 -0.82
CA LEU B 103 43.46 -16.06 -0.96
C LEU B 103 44.29 -14.82 -0.72
N ILE B 104 44.25 -13.92 -1.70
CA ILE B 104 44.98 -12.66 -1.62
C ILE B 104 44.29 -11.88 -0.52
N THR B 105 45.08 -11.37 0.42
CA THR B 105 44.53 -10.66 1.55
C THR B 105 45.11 -9.27 1.81
N GLU B 106 45.89 -8.76 0.87
CA GLU B 106 46.51 -7.45 1.03
C GLU B 106 45.56 -6.31 0.71
N GLU B 107 45.58 -5.82 -0.52
CA GLU B 107 44.70 -4.74 -0.91
C GLU B 107 43.37 -5.36 -1.29
N LYS B 108 42.52 -5.59 -0.29
CA LYS B 108 41.21 -6.19 -0.49
C LYS B 108 40.30 -5.22 -1.21
N ILE B 109 39.15 -5.70 -1.65
CA ILE B 109 38.19 -4.82 -2.31
C ILE B 109 36.96 -4.62 -1.42
N PRO B 110 36.51 -3.35 -1.30
CA PRO B 110 35.40 -2.79 -0.52
C PRO B 110 34.26 -3.75 -0.22
N ASN B 111 33.99 -3.94 1.08
CA ASN B 111 32.95 -4.86 1.53
C ASN B 111 31.52 -4.44 1.19
N ASN B 112 31.32 -3.86 0.01
CA ASN B 112 29.99 -3.47 -0.41
C ASN B 112 29.95 -3.05 -1.86
N THR B 113 30.80 -3.67 -2.66
CA THR B 113 30.90 -3.34 -4.08
C THR B 113 29.62 -3.44 -4.89
N GLN B 114 29.44 -2.48 -5.79
CA GLN B 114 28.30 -2.39 -6.68
C GLN B 114 28.49 -3.15 -7.98
N TRP B 115 29.74 -3.28 -8.42
CA TRP B 115 30.02 -3.97 -9.66
C TRP B 115 31.51 -4.16 -9.84
N ILE B 116 31.90 -5.23 -10.51
CA ILE B 116 33.31 -5.51 -10.73
C ILE B 116 33.52 -6.40 -11.95
N THR B 117 34.68 -6.29 -12.59
CA THR B 117 34.93 -7.13 -13.75
C THR B 117 36.39 -7.11 -14.16
N TRP B 118 36.88 -8.26 -14.62
CA TRP B 118 38.26 -8.35 -15.07
C TRP B 118 38.36 -7.59 -16.36
N SER B 119 39.58 -7.43 -16.85
CA SER B 119 39.76 -6.75 -18.11
C SER B 119 39.40 -7.85 -19.12
N GLN B 120 39.86 -7.72 -20.36
CA GLN B 120 39.57 -8.75 -21.35
C GLN B 120 40.83 -9.61 -21.50
N GLU B 121 41.94 -9.14 -20.93
CA GLU B 121 43.20 -9.86 -21.03
C GLU B 121 43.85 -10.29 -19.71
N GLY B 122 44.57 -9.37 -19.10
CA GLY B 122 45.28 -9.69 -17.87
C GLY B 122 44.48 -10.03 -16.64
N HIS B 123 44.88 -9.43 -15.53
CA HIS B 123 44.20 -9.62 -14.25
C HIS B 123 43.78 -8.23 -13.80
N LYS B 124 43.54 -7.36 -14.77
CA LYS B 124 43.12 -6.01 -14.47
C LYS B 124 41.67 -6.04 -14.00
N LEU B 125 41.40 -5.31 -12.92
CA LEU B 125 40.08 -5.23 -12.35
C LEU B 125 39.59 -3.80 -12.31
N ALA B 126 38.30 -3.64 -12.54
CA ALA B 126 37.66 -2.34 -12.51
C ALA B 126 36.41 -2.59 -11.69
N TYR B 127 36.20 -1.81 -10.64
CA TYR B 127 35.00 -1.99 -9.85
C TYR B 127 34.36 -0.67 -9.46
N VAL B 128 33.07 -0.74 -9.10
CA VAL B 128 32.36 0.47 -8.72
C VAL B 128 31.94 0.34 -7.29
N TRP B 129 32.16 1.40 -6.53
CA TRP B 129 31.84 1.40 -5.12
C TRP B 129 31.43 2.79 -4.70
N LYS B 130 30.37 2.90 -3.92
CA LYS B 130 29.88 4.21 -3.51
C LYS B 130 29.75 5.06 -4.77
N ASN B 131 29.36 4.42 -5.87
CA ASN B 131 29.17 5.10 -7.14
C ASN B 131 30.39 5.64 -7.86
N ASP B 132 31.58 5.19 -7.48
CA ASP B 132 32.80 5.64 -8.14
C ASP B 132 33.59 4.48 -8.71
N ILE B 133 34.34 4.76 -9.77
CA ILE B 133 35.13 3.73 -10.44
C ILE B 133 36.53 3.63 -9.89
N TYR B 134 36.94 2.39 -9.59
CA TYR B 134 38.27 2.14 -9.06
C TYR B 134 38.93 1.07 -9.92
N VAL B 135 40.26 1.14 -10.08
CA VAL B 135 41.00 0.18 -10.88
C VAL B 135 42.19 -0.42 -10.13
N LYS B 136 42.51 -1.69 -10.42
CA LYS B 136 43.65 -2.36 -9.81
C LYS B 136 44.37 -3.12 -10.90
N ILE B 137 45.54 -2.63 -11.31
CA ILE B 137 46.29 -3.28 -12.38
C ILE B 137 46.62 -4.74 -12.08
N GLU B 138 46.64 -5.10 -10.79
CA GLU B 138 46.97 -6.46 -10.37
C GLU B 138 46.32 -6.79 -9.03
N PRO B 139 45.76 -7.99 -8.88
CA PRO B 139 45.10 -8.43 -7.65
C PRO B 139 45.81 -8.11 -6.33
N HIS B 140 47.14 -8.10 -6.34
CA HIS B 140 47.91 -7.83 -5.13
C HIS B 140 48.10 -6.33 -4.89
N LEU B 141 48.05 -5.56 -5.98
CA LEU B 141 48.26 -4.12 -5.90
C LEU B 141 47.10 -3.32 -5.35
N PRO B 142 47.38 -2.08 -4.95
CA PRO B 142 46.40 -1.15 -4.40
C PRO B 142 45.42 -0.61 -5.43
N SER B 143 44.31 -0.08 -4.93
CA SER B 143 43.26 0.47 -5.76
C SER B 143 43.60 1.87 -6.25
N HIS B 144 43.12 2.20 -7.45
CA HIS B 144 43.35 3.53 -8.05
C HIS B 144 42.01 4.18 -8.35
N ARG B 145 41.62 5.18 -7.57
CA ARG B 145 40.33 5.82 -7.77
C ARG B 145 40.29 6.56 -9.10
N ILE B 146 39.24 6.33 -9.88
CA ILE B 146 39.13 6.98 -11.17
C ILE B 146 38.18 8.15 -11.13
N THR B 147 37.09 8.03 -10.40
CA THR B 147 36.11 9.13 -10.29
C THR B 147 35.81 9.46 -8.83
N SER B 148 35.36 10.68 -8.58
CA SER B 148 35.05 11.11 -7.23
C SER B 148 33.75 11.91 -7.20
N THR B 149 33.08 11.99 -8.33
CA THR B 149 31.84 12.73 -8.47
C THR B 149 30.65 11.90 -8.02
N GLY B 150 30.88 10.62 -7.79
CA GLY B 150 29.82 9.71 -7.40
C GLY B 150 29.02 10.09 -6.16
N LYS B 151 27.70 9.94 -6.24
CA LYS B 151 26.81 10.26 -5.11
C LYS B 151 25.46 9.54 -5.22
N GLU B 152 25.11 8.80 -4.17
CA GLU B 152 23.88 8.02 -4.11
C GLU B 152 22.61 8.66 -4.65
N ASN B 153 21.99 7.98 -5.61
CA ASN B 153 20.76 8.43 -6.26
C ASN B 153 20.90 9.81 -6.89
N VAL B 154 22.09 10.10 -7.38
CA VAL B 154 22.36 11.36 -8.02
C VAL B 154 23.36 11.23 -9.15
N ILE B 155 24.59 10.86 -8.82
CA ILE B 155 25.61 10.69 -9.85
C ILE B 155 26.06 9.25 -9.93
N PHE B 156 25.91 8.64 -11.11
CA PHE B 156 26.31 7.26 -11.29
C PHE B 156 27.51 7.20 -12.20
N ASN B 157 28.59 6.62 -11.70
CA ASN B 157 29.83 6.45 -12.48
C ASN B 157 30.10 4.99 -12.73
N GLY B 158 29.98 4.54 -13.98
CA GLY B 158 30.27 3.16 -14.25
C GLY B 158 29.16 2.17 -14.01
N ILE B 159 27.96 2.65 -13.69
CA ILE B 159 26.82 1.78 -13.47
C ILE B 159 25.61 2.58 -13.92
N ASN B 160 24.50 1.92 -14.23
CA ASN B 160 23.32 2.64 -14.69
C ASN B 160 22.39 3.05 -13.58
N ASP B 161 21.58 4.09 -13.82
CA ASP B 161 20.60 4.55 -12.83
C ASP B 161 19.42 3.59 -13.01
N TRP B 162 18.34 3.78 -12.29
CA TRP B 162 17.23 2.84 -12.44
C TRP B 162 16.73 2.58 -13.85
N VAL B 163 16.36 3.63 -14.55
CA VAL B 163 15.82 3.47 -15.90
C VAL B 163 16.77 2.90 -16.92
N TYR B 164 18.02 3.35 -16.94
CA TYR B 164 18.97 2.82 -17.91
C TYR B 164 19.19 1.33 -17.68
N GLU B 165 19.28 0.95 -16.40
CA GLU B 165 19.51 -0.42 -16.01
C GLU B 165 18.40 -1.34 -16.50
N GLU B 166 17.17 -0.86 -16.41
CA GLU B 166 16.00 -1.65 -16.84
C GLU B 166 15.65 -1.58 -18.32
N GLU B 167 15.59 -0.37 -18.86
CA GLU B 167 15.21 -0.16 -20.25
C GLU B 167 16.29 0.00 -21.33
N ILE B 168 17.53 0.25 -20.96
CA ILE B 168 18.54 0.41 -22.00
C ILE B 168 19.59 -0.69 -22.06
N PHE B 169 20.52 -0.69 -21.11
CA PHE B 169 21.59 -1.67 -21.12
C PHE B 169 21.25 -3.07 -20.64
N GLY B 170 20.11 -3.22 -19.99
CA GLY B 170 19.76 -4.54 -19.52
C GLY B 170 20.60 -5.06 -18.37
N ALA B 171 21.54 -4.25 -17.87
CA ALA B 171 22.38 -4.67 -16.75
C ALA B 171 22.81 -3.47 -15.90
N TYR B 172 23.50 -3.74 -14.81
CA TYR B 172 23.95 -2.67 -13.92
C TYR B 172 25.22 -2.02 -14.47
N SER B 173 26.07 -2.84 -15.07
CA SER B 173 27.35 -2.40 -15.62
C SER B 173 27.29 -1.25 -16.62
N ALA B 174 28.25 -0.34 -16.49
CA ALA B 174 28.40 0.81 -17.38
C ALA B 174 29.90 1.05 -17.58
N LEU B 175 30.64 -0.05 -17.57
CA LEU B 175 32.08 -0.11 -17.76
C LEU B 175 32.37 -0.88 -19.04
N TRP B 176 33.52 -0.60 -19.65
CA TRP B 176 33.91 -1.28 -20.87
C TRP B 176 35.43 -1.27 -21.05
N TRP B 177 36.09 -2.38 -20.71
CA TRP B 177 37.55 -2.45 -20.88
C TRP B 177 37.85 -2.59 -22.37
N SER B 178 38.82 -1.83 -22.85
CA SER B 178 39.19 -1.91 -24.24
C SER B 178 40.01 -3.19 -24.42
N PRO B 179 40.15 -3.68 -25.66
CA PRO B 179 40.95 -4.89 -25.84
C PRO B 179 42.37 -4.50 -25.48
N ASN B 180 43.26 -5.47 -25.33
CA ASN B 180 44.64 -5.15 -24.97
C ASN B 180 44.66 -4.25 -23.72
N GLY B 181 43.50 -4.16 -23.09
CA GLY B 181 43.33 -3.38 -21.87
C GLY B 181 44.09 -2.11 -21.59
N THR B 182 44.15 -1.20 -22.55
CA THR B 182 44.84 0.06 -22.30
C THR B 182 43.86 1.02 -21.63
N PHE B 183 42.78 1.34 -22.34
CA PHE B 183 41.76 2.26 -21.87
C PHE B 183 40.63 1.56 -21.13
N LEU B 184 39.87 2.35 -20.38
CA LEU B 184 38.70 1.84 -19.67
C LEU B 184 37.64 2.90 -19.88
N ALA B 185 36.62 2.55 -20.66
CA ALA B 185 35.55 3.49 -20.97
C ALA B 185 34.38 3.27 -20.04
N TYR B 186 33.75 4.36 -19.62
CA TYR B 186 32.61 4.26 -18.73
C TYR B 186 31.61 5.38 -19.01
N ALA B 187 30.38 5.21 -18.51
CA ALA B 187 29.34 6.21 -18.70
C ALA B 187 29.06 6.80 -17.34
N GLN B 188 28.51 8.01 -17.32
CA GLN B 188 28.19 8.67 -16.06
C GLN B 188 26.82 9.32 -16.14
N PHE B 189 25.95 8.92 -15.22
CA PHE B 189 24.61 9.47 -15.23
C PHE B 189 24.28 10.41 -14.07
N ASN B 190 23.63 11.51 -14.43
CA ASN B 190 23.19 12.54 -13.49
C ASN B 190 21.66 12.40 -13.46
N ASP B 191 21.11 12.07 -12.30
CA ASP B 191 19.66 11.90 -12.13
C ASP B 191 19.07 13.15 -11.52
N THR B 192 19.93 14.16 -11.35
CA THR B 192 19.50 15.39 -10.71
C THR B 192 18.06 15.87 -10.84
N GLY B 193 17.59 16.05 -12.06
CA GLY B 193 16.22 16.55 -12.20
C GLY B 193 15.12 15.52 -12.32
N VAL B 194 15.48 14.25 -12.21
CA VAL B 194 14.51 13.17 -12.32
C VAL B 194 13.72 13.08 -11.03
N PRO B 195 12.39 13.08 -11.15
CA PRO B 195 11.39 13.00 -10.08
C PRO B 195 11.59 11.75 -9.25
N LEU B 196 10.98 11.70 -8.06
CA LEU B 196 11.14 10.54 -7.22
C LEU B 196 9.83 9.82 -6.97
N ILE B 197 9.92 8.51 -6.76
CA ILE B 197 8.75 7.70 -6.45
C ILE B 197 9.12 7.14 -5.10
N GLU B 198 8.19 7.15 -4.15
CA GLU B 198 8.51 6.65 -2.83
C GLU B 198 7.49 5.67 -2.32
N TYR B 199 7.88 4.41 -2.22
CA TYR B 199 7.01 3.37 -1.71
C TYR B 199 7.51 2.87 -0.33
N SER B 200 6.61 2.34 0.49
CA SER B 200 7.01 1.87 1.81
C SER B 200 7.45 0.42 1.92
N PHE B 201 8.40 0.16 2.80
CA PHE B 201 8.89 -1.19 3.04
C PHE B 201 8.61 -1.50 4.50
N TYR B 202 8.11 -2.69 4.80
CA TYR B 202 7.77 -3.00 6.18
C TYR B 202 8.74 -3.85 6.99
N SER B 203 9.52 -4.69 6.32
CA SER B 203 10.51 -5.51 7.01
C SER B 203 9.94 -6.36 8.14
N ASP B 204 10.82 -6.97 8.94
CA ASP B 204 10.43 -7.83 10.06
C ASP B 204 9.33 -7.16 10.87
N GLU B 205 8.51 -7.96 11.54
CA GLU B 205 7.43 -7.39 12.33
C GLU B 205 8.01 -6.68 13.53
N SER B 206 9.31 -6.78 13.72
CA SER B 206 9.94 -6.13 14.86
C SER B 206 10.27 -4.68 14.57
N LEU B 207 10.16 -4.28 13.31
CA LEU B 207 10.44 -2.90 12.94
C LEU B 207 9.21 -2.07 13.25
N GLN B 208 9.28 -1.24 14.29
CA GLN B 208 8.15 -0.42 14.71
C GLN B 208 7.67 0.58 13.67
N TYR B 209 8.58 1.39 13.11
CA TYR B 209 8.18 2.35 12.07
C TYR B 209 8.70 1.88 10.73
N PRO B 210 7.80 1.63 9.79
CA PRO B 210 8.16 1.18 8.44
C PRO B 210 9.05 2.13 7.65
N LYS B 211 10.11 1.59 7.02
CA LYS B 211 11.06 2.40 6.23
C LYS B 211 10.36 2.95 5.00
N THR B 212 11.04 3.86 4.31
CA THR B 212 10.52 4.44 3.08
C THR B 212 11.62 4.37 2.03
N VAL B 213 11.29 3.95 0.81
CA VAL B 213 12.30 3.85 -0.23
C VAL B 213 12.03 4.79 -1.40
N TRP B 214 13.00 5.66 -1.70
CA TRP B 214 12.82 6.56 -2.82
C TRP B 214 13.71 6.18 -4.00
N ILE B 215 13.28 6.53 -5.20
CA ILE B 215 14.07 6.21 -6.37
C ILE B 215 13.86 7.21 -7.49
N PRO B 216 14.95 7.76 -8.02
CA PRO B 216 14.73 8.72 -9.10
C PRO B 216 14.21 7.86 -10.26
N TYR B 217 12.94 8.03 -10.60
CA TYR B 217 12.26 7.26 -11.63
C TYR B 217 11.51 8.15 -12.63
N PRO B 218 11.92 8.15 -13.90
CA PRO B 218 11.17 9.02 -14.81
C PRO B 218 9.95 8.39 -15.45
N LYS B 219 8.78 8.89 -15.10
CA LYS B 219 7.55 8.39 -15.69
C LYS B 219 7.42 9.04 -17.06
N ALA B 220 6.61 8.47 -17.92
CA ALA B 220 6.45 9.03 -19.26
C ALA B 220 6.41 10.55 -19.28
N GLY B 221 7.17 11.13 -20.20
CA GLY B 221 7.20 12.58 -20.36
C GLY B 221 7.90 13.42 -19.32
N ALA B 222 8.39 12.80 -18.24
CA ALA B 222 9.08 13.56 -17.19
C ALA B 222 10.55 13.74 -17.53
N VAL B 223 11.24 14.49 -16.68
CA VAL B 223 12.66 14.78 -16.88
C VAL B 223 13.51 13.54 -16.79
N ASN B 224 14.26 13.25 -17.86
CA ASN B 224 15.12 12.07 -17.89
C ASN B 224 16.53 12.33 -17.41
N PRO B 225 17.21 11.27 -16.99
CA PRO B 225 18.59 11.38 -16.51
C PRO B 225 19.45 11.77 -17.69
N THR B 226 20.58 12.44 -17.42
CA THR B 226 21.48 12.84 -18.49
C THR B 226 22.73 11.95 -18.54
N VAL B 227 23.44 11.98 -19.65
CA VAL B 227 24.63 11.13 -19.82
C VAL B 227 25.89 11.82 -20.29
N LYS B 228 27.02 11.17 -20.01
CA LYS B 228 28.34 11.62 -20.43
C LYS B 228 29.17 10.36 -20.60
N PHE B 229 30.06 10.34 -21.59
CA PHE B 229 30.90 9.17 -21.82
C PHE B 229 32.38 9.50 -21.69
N PHE B 230 33.12 8.65 -20.97
CA PHE B 230 34.54 8.88 -20.79
C PHE B 230 35.38 7.64 -21.07
N ILE B 231 36.66 7.88 -21.31
CA ILE B 231 37.65 6.82 -21.55
C ILE B 231 38.87 7.30 -20.78
N VAL B 232 39.38 6.46 -19.88
CA VAL B 232 40.53 6.85 -19.08
C VAL B 232 41.70 5.94 -19.44
N ASN B 233 42.90 6.50 -19.53
CA ASN B 233 44.08 5.71 -19.87
C ASN B 233 44.60 4.98 -18.64
N THR B 234 44.34 3.69 -18.60
CA THR B 234 44.76 2.85 -17.49
C THR B 234 46.26 2.67 -17.26
N ASP B 235 47.05 2.69 -18.33
CA ASP B 235 48.50 2.49 -18.23
C ASP B 235 49.28 3.53 -17.41
N SER B 236 48.75 4.74 -17.30
CA SER B 236 49.43 5.81 -16.57
C SER B 236 49.34 5.70 -15.06
N LEU B 237 48.18 5.34 -14.57
CA LEU B 237 47.89 5.22 -13.15
C LEU B 237 49.04 5.22 -12.13
N SER B 238 50.02 4.34 -12.34
CA SER B 238 51.16 4.23 -11.43
C SER B 238 52.02 5.49 -11.28
N SER B 239 51.97 6.36 -12.28
CA SER B 239 52.79 7.57 -12.28
C SER B 239 52.11 8.87 -11.92
N THR B 240 50.94 8.81 -11.28
CA THR B 240 50.21 10.02 -10.90
C THR B 240 49.43 9.75 -9.64
N THR B 241 48.79 10.79 -9.12
CA THR B 241 47.94 10.66 -7.95
C THR B 241 46.51 10.64 -8.50
N THR B 242 46.31 11.40 -9.59
CA THR B 242 45.02 11.51 -10.26
C THR B 242 45.22 11.43 -11.76
N THR B 243 44.30 10.81 -12.47
CA THR B 243 44.41 10.76 -13.92
C THR B 243 43.18 11.44 -14.49
N ILE B 244 43.35 12.20 -15.57
CA ILE B 244 42.23 12.91 -16.16
C ILE B 244 41.56 12.23 -17.34
N PRO B 245 40.38 11.64 -17.12
CA PRO B 245 39.68 10.95 -18.20
C PRO B 245 39.33 11.87 -19.37
N MET B 246 39.31 11.30 -20.57
CA MET B 246 38.96 12.06 -21.75
C MET B 246 37.52 11.71 -22.06
N GLN B 247 36.75 12.73 -22.42
CA GLN B 247 35.34 12.58 -22.71
C GLN B 247 34.96 12.64 -24.18
N ILE B 248 34.00 11.80 -24.56
CA ILE B 248 33.49 11.79 -25.92
C ILE B 248 32.13 12.47 -25.87
N THR B 249 31.91 13.46 -26.73
CA THR B 249 30.61 14.13 -26.71
C THR B 249 29.74 13.49 -27.78
N ALA B 250 28.48 13.20 -27.44
CA ALA B 250 27.62 12.57 -28.40
C ALA B 250 27.55 13.39 -29.69
N PRO B 251 27.05 12.80 -30.78
CA PRO B 251 26.92 13.49 -32.07
C PRO B 251 25.85 14.60 -32.11
N ALA B 252 26.24 15.72 -32.68
CA ALA B 252 25.39 16.92 -32.78
C ALA B 252 23.94 16.66 -33.12
N SER B 253 23.70 15.74 -34.04
CA SER B 253 22.34 15.42 -34.44
C SER B 253 21.60 14.66 -33.34
N VAL B 254 21.90 14.99 -32.10
CA VAL B 254 21.29 14.30 -30.96
C VAL B 254 21.31 15.18 -29.68
N THR B 255 22.29 16.07 -29.64
CA THR B 255 22.56 17.00 -28.54
C THR B 255 21.63 18.21 -28.49
N THR B 256 20.58 18.21 -29.29
CA THR B 256 19.66 19.36 -29.30
C THR B 256 18.58 19.24 -28.22
N GLY B 257 18.25 18.01 -27.83
CA GLY B 257 17.24 17.76 -26.83
C GLY B 257 17.55 16.45 -26.14
N ASP B 258 16.69 16.00 -25.23
CA ASP B 258 16.92 14.76 -24.50
C ASP B 258 17.35 13.67 -25.46
N HIS B 259 18.12 12.71 -24.97
CA HIS B 259 18.61 11.60 -25.81
C HIS B 259 19.18 10.49 -24.95
N TYR B 260 19.58 9.37 -25.55
CA TYR B 260 20.14 8.29 -24.74
C TYR B 260 21.41 7.67 -25.29
N LEU B 261 22.02 6.80 -24.49
CA LEU B 261 23.22 6.08 -24.89
C LEU B 261 22.77 4.63 -25.14
N CYS B 262 22.58 4.28 -26.40
CA CYS B 262 22.14 2.94 -26.78
C CYS B 262 23.09 1.84 -26.45
N ASP B 263 24.26 1.89 -27.06
CA ASP B 263 25.21 0.82 -26.83
C ASP B 263 26.66 1.23 -27.03
N VAL B 264 27.55 0.50 -26.38
CA VAL B 264 28.98 0.74 -26.43
C VAL B 264 29.63 -0.54 -26.94
N ALA B 265 30.55 -0.41 -27.88
CA ALA B 265 31.24 -1.58 -28.41
C ALA B 265 32.66 -1.25 -28.90
N TRP B 266 33.66 -1.87 -28.28
CA TRP B 266 35.05 -1.63 -28.68
C TRP B 266 35.34 -2.36 -29.98
N VAL B 267 35.97 -1.66 -30.92
CA VAL B 267 36.31 -2.24 -32.22
C VAL B 267 37.72 -2.80 -32.16
N SER B 268 38.70 -1.91 -32.05
CA SER B 268 40.09 -2.28 -31.93
C SER B 268 40.49 -1.37 -30.77
N GLU B 269 41.73 -1.45 -30.30
CA GLU B 269 42.07 -0.60 -29.17
C GLU B 269 42.19 0.89 -29.42
N ASP B 270 42.07 1.33 -30.67
CA ASP B 270 42.15 2.75 -30.95
C ASP B 270 40.86 3.17 -31.62
N ARG B 271 39.86 2.30 -31.52
CA ARG B 271 38.56 2.56 -32.11
C ARG B 271 37.46 2.02 -31.23
N ILE B 272 36.42 2.81 -31.02
CA ILE B 272 35.30 2.37 -30.20
C ILE B 272 34.02 2.81 -30.91
N SER B 273 32.96 2.04 -30.74
CA SER B 273 31.68 2.33 -31.37
C SER B 273 30.56 2.62 -30.38
N LEU B 274 30.03 3.83 -30.44
CA LEU B 274 28.96 4.25 -29.54
C LEU B 274 27.68 4.49 -30.34
N GLN B 275 26.54 4.08 -29.77
CA GLN B 275 25.25 4.28 -30.41
C GLN B 275 24.39 5.20 -29.55
N TRP B 276 23.83 6.22 -30.17
CA TRP B 276 23.00 7.18 -29.47
C TRP B 276 21.56 7.16 -29.96
N LEU B 277 20.64 7.56 -29.09
CA LEU B 277 19.23 7.54 -29.43
C LEU B 277 18.54 8.82 -28.99
N ARG B 278 17.64 9.34 -29.83
CA ARG B 278 16.91 10.54 -29.45
C ARG B 278 15.81 10.12 -28.50
N ARG B 279 15.31 11.04 -27.66
CA ARG B 279 14.28 10.65 -26.71
C ARG B 279 13.12 10.05 -27.45
N ILE B 280 12.90 10.55 -28.67
CA ILE B 280 11.86 10.02 -29.52
C ILE B 280 12.68 9.06 -30.38
N GLN B 281 12.58 7.77 -30.09
CA GLN B 281 13.35 6.75 -30.80
C GLN B 281 12.99 6.49 -32.28
N ASN B 282 12.68 7.59 -32.95
CA ASN B 282 12.32 7.76 -34.36
C ASN B 282 13.72 7.79 -35.04
N TYR B 283 14.71 8.30 -34.32
CA TYR B 283 16.08 8.49 -34.83
C TYR B 283 17.23 7.96 -33.95
N SER B 284 18.30 7.49 -34.60
CA SER B 284 19.46 6.97 -33.87
C SER B 284 20.75 7.11 -34.67
N VAL B 285 21.86 7.38 -33.97
CA VAL B 285 23.16 7.53 -34.62
C VAL B 285 24.22 6.68 -33.94
N MET B 286 25.02 6.02 -34.76
CA MET B 286 26.10 5.16 -34.28
C MET B 286 27.41 5.73 -34.77
N ALA B 287 28.09 6.47 -33.92
CA ALA B 287 29.37 7.04 -34.31
C ALA B 287 30.52 6.07 -34.03
N ILE B 288 31.56 6.18 -34.84
CA ILE B 288 32.75 5.36 -34.66
C ILE B 288 33.77 6.40 -34.27
N CYS B 289 34.52 6.14 -33.21
CA CYS B 289 35.49 7.13 -32.77
C CYS B 289 36.88 6.54 -32.70
N ASP B 290 37.85 7.33 -33.17
CA ASP B 290 39.26 6.95 -33.19
C ASP B 290 40.11 7.72 -32.19
N TYR B 291 41.13 7.05 -31.67
CA TYR B 291 42.05 7.66 -30.73
C TYR B 291 43.16 8.39 -31.49
N ASP B 292 43.47 9.62 -31.06
CA ASP B 292 44.51 10.42 -31.68
C ASP B 292 45.74 10.31 -30.78
N LYS B 293 46.75 9.59 -31.25
CA LYS B 293 47.99 9.40 -30.47
C LYS B 293 48.64 10.75 -30.15
N THR B 294 48.71 11.59 -31.16
CA THR B 294 49.34 12.91 -31.06
C THR B 294 48.71 13.93 -30.12
N THR B 295 47.41 14.14 -30.23
CA THR B 295 46.76 15.12 -29.36
C THR B 295 46.09 14.47 -28.15
N LEU B 296 46.21 13.15 -28.04
CA LEU B 296 45.63 12.37 -26.93
C LEU B 296 44.17 12.73 -26.72
N VAL B 297 43.38 12.51 -27.76
CA VAL B 297 41.97 12.82 -27.79
C VAL B 297 41.23 11.85 -28.69
N TRP B 298 39.95 11.63 -28.44
CA TRP B 298 39.18 10.74 -29.31
C TRP B 298 38.35 11.58 -30.27
N ASN B 299 38.39 11.24 -31.56
CA ASN B 299 37.59 11.95 -32.56
C ASN B 299 36.46 11.07 -33.06
N CYS B 300 35.30 11.69 -33.30
CA CYS B 300 34.16 10.95 -33.81
C CYS B 300 33.60 11.67 -35.02
N PRO B 301 34.41 11.78 -36.09
CA PRO B 301 34.14 12.42 -37.36
C PRO B 301 32.79 12.07 -37.96
N THR B 302 32.03 13.10 -38.32
CA THR B 302 30.71 12.92 -38.91
C THR B 302 30.78 11.99 -40.11
N THR B 303 31.97 11.85 -40.69
CA THR B 303 32.16 11.00 -41.85
C THR B 303 31.90 9.54 -41.50
N GLN B 304 32.02 9.21 -40.22
CA GLN B 304 31.80 7.85 -39.75
C GLN B 304 30.56 7.81 -38.84
N GLU B 305 29.60 8.68 -39.14
CA GLU B 305 28.41 8.79 -38.33
C GLU B 305 27.45 7.61 -38.41
N HIS B 306 26.90 7.30 -39.57
CA HIS B 306 25.96 6.17 -39.69
C HIS B 306 24.62 6.35 -38.99
N ILE B 307 23.58 6.65 -39.77
CA ILE B 307 22.24 6.89 -39.23
C ILE B 307 21.22 5.77 -39.45
N GLU B 308 20.45 5.47 -38.41
CA GLU B 308 19.39 4.47 -38.49
C GLU B 308 18.07 5.19 -38.21
N THR B 309 17.05 4.94 -39.01
CA THR B 309 15.80 5.63 -38.82
C THR B 309 14.58 4.74 -39.07
N SER B 310 13.39 5.21 -38.68
CA SER B 310 12.16 4.42 -38.87
C SER B 310 10.89 5.27 -39.06
N ALA B 311 10.33 5.25 -40.28
CA ALA B 311 9.13 6.04 -40.55
C ALA B 311 7.86 5.34 -40.10
N THR B 312 8.00 4.06 -39.73
CA THR B 312 6.89 3.22 -39.30
C THR B 312 6.63 3.27 -37.81
N GLY B 313 7.70 3.30 -37.03
CA GLY B 313 7.56 3.33 -35.58
C GLY B 313 8.81 3.74 -34.82
N TRP B 314 9.61 2.76 -34.42
CA TRP B 314 10.82 3.05 -33.64
C TRP B 314 12.00 2.17 -34.06
N CYS B 315 13.20 2.52 -33.60
CA CYS B 315 14.39 1.76 -33.97
C CYS B 315 14.67 0.50 -33.22
N GLY B 316 14.87 -0.57 -33.97
CA GLY B 316 15.18 -1.85 -33.36
C GLY B 316 14.03 -2.52 -32.64
N ARG B 317 14.32 -3.69 -32.09
CA ARG B 317 13.31 -4.44 -31.37
C ARG B 317 13.02 -3.70 -30.06
N PHE B 318 14.07 -3.46 -29.26
CA PHE B 318 13.96 -2.74 -28.01
C PHE B 318 15.04 -1.66 -27.95
N ARG B 319 15.85 -1.62 -29.00
CA ARG B 319 16.96 -0.67 -29.16
C ARG B 319 17.82 -1.17 -30.31
N PRO B 320 18.47 -0.25 -31.02
CA PRO B 320 19.34 -0.60 -32.15
C PRO B 320 20.19 -1.81 -31.84
N ALA B 321 20.34 -2.70 -32.81
CA ALA B 321 21.13 -3.91 -32.64
C ALA B 321 22.61 -3.57 -32.56
N GLU B 322 23.38 -4.42 -31.88
CA GLU B 322 24.81 -4.21 -31.71
C GLU B 322 25.61 -4.48 -32.99
N PRO B 323 26.61 -3.63 -33.28
CA PRO B 323 27.40 -3.86 -34.49
C PRO B 323 28.49 -4.90 -34.24
N HIS B 324 28.89 -5.59 -35.31
CA HIS B 324 29.93 -6.63 -35.27
C HIS B 324 31.00 -6.28 -36.29
N PHE B 325 32.16 -5.88 -35.77
CA PHE B 325 33.29 -5.47 -36.61
C PHE B 325 34.28 -6.56 -36.99
N THR B 326 34.95 -6.32 -38.11
CA THR B 326 35.96 -7.23 -38.61
C THR B 326 37.27 -6.96 -37.85
N SER B 327 38.25 -7.84 -37.97
CA SER B 327 39.51 -7.65 -37.27
C SER B 327 40.10 -6.28 -37.55
N ASP B 328 40.28 -5.97 -38.83
CA ASP B 328 40.85 -4.69 -39.23
C ASP B 328 39.87 -3.56 -39.04
N GLY B 329 38.71 -3.89 -38.46
CA GLY B 329 37.67 -2.92 -38.19
C GLY B 329 37.27 -2.02 -39.35
N SER B 330 37.53 -2.48 -40.57
CA SER B 330 37.22 -1.72 -41.77
C SER B 330 35.72 -1.71 -42.07
N SER B 331 35.08 -2.85 -41.85
CA SER B 331 33.65 -3.00 -42.08
C SER B 331 33.01 -3.68 -40.87
N PHE B 332 31.68 -3.63 -40.82
CA PHE B 332 30.96 -4.26 -39.73
C PHE B 332 29.58 -4.68 -40.22
N TYR B 333 29.05 -5.73 -39.61
CA TYR B 333 27.73 -6.25 -39.97
C TYR B 333 26.78 -5.94 -38.84
N LYS B 334 25.56 -5.55 -39.17
CA LYS B 334 24.57 -5.19 -38.14
C LYS B 334 23.15 -5.54 -38.58
N ILE B 335 22.31 -5.91 -37.63
CA ILE B 335 20.92 -6.27 -37.93
C ILE B 335 20.02 -5.04 -38.03
N VAL B 336 19.42 -4.85 -39.21
CA VAL B 336 18.53 -3.72 -39.43
C VAL B 336 17.38 -4.12 -40.34
N SER B 337 16.27 -3.40 -40.25
CA SER B 337 15.12 -3.70 -41.07
C SER B 337 15.40 -3.39 -42.54
N ASP B 338 15.05 -4.31 -43.42
CA ASP B 338 15.26 -4.10 -44.85
C ASP B 338 14.08 -3.33 -45.47
N LYS B 339 14.08 -3.24 -46.79
CA LYS B 339 13.04 -2.51 -47.48
C LYS B 339 11.62 -3.01 -47.19
N ASP B 340 11.49 -4.30 -46.84
CA ASP B 340 10.17 -4.87 -46.55
C ASP B 340 9.79 -4.91 -45.07
N GLY B 341 10.70 -4.46 -44.22
CA GLY B 341 10.43 -4.45 -42.80
C GLY B 341 10.91 -5.70 -42.10
N TYR B 342 11.88 -6.40 -42.69
CA TYR B 342 12.38 -7.60 -42.07
C TYR B 342 13.79 -7.45 -41.55
N LYS B 343 13.91 -7.58 -40.24
CA LYS B 343 15.19 -7.47 -39.56
C LYS B 343 16.22 -8.45 -40.14
N HIS B 344 17.15 -7.94 -40.95
CA HIS B 344 18.20 -8.77 -41.54
C HIS B 344 19.61 -8.25 -41.29
N ILE B 345 20.57 -8.95 -41.87
CA ILE B 345 21.95 -8.57 -41.68
C ILE B 345 22.49 -7.82 -42.89
N CYS B 346 23.18 -6.70 -42.68
CA CYS B 346 23.81 -6.06 -43.82
C CYS B 346 25.12 -5.40 -43.48
N GLN B 347 25.99 -5.33 -44.49
CA GLN B 347 27.34 -4.77 -44.37
C GLN B 347 27.43 -3.27 -44.45
N PHE B 348 28.31 -2.73 -43.61
CA PHE B 348 28.57 -1.31 -43.59
C PHE B 348 30.08 -1.12 -43.68
N GLN B 349 30.48 0.06 -44.12
CA GLN B 349 31.89 0.41 -44.22
C GLN B 349 32.08 1.40 -43.09
N LYS B 350 33.27 1.46 -42.50
CA LYS B 350 33.50 2.42 -41.42
C LYS B 350 32.91 3.79 -41.81
N ASP B 351 33.26 4.31 -42.98
CA ASP B 351 32.72 5.59 -43.44
C ASP B 351 31.28 5.41 -43.93
N ARG B 352 30.49 6.47 -43.84
CA ARG B 352 29.09 6.41 -44.28
C ARG B 352 29.05 6.57 -45.80
N LYS B 353 27.93 6.19 -46.40
CA LYS B 353 27.75 6.31 -47.85
C LYS B 353 26.38 6.91 -48.13
N PRO B 354 26.32 7.91 -49.01
CA PRO B 354 25.04 8.56 -49.35
C PRO B 354 23.92 7.62 -49.85
N GLU B 355 23.01 7.28 -48.93
CA GLU B 355 21.87 6.41 -49.21
C GLU B 355 22.25 5.06 -49.83
N GLN B 356 23.31 4.46 -49.28
CA GLN B 356 23.82 3.18 -49.77
C GLN B 356 24.67 2.54 -48.66
N VAL B 357 24.59 3.06 -47.44
CA VAL B 357 25.42 2.54 -46.34
C VAL B 357 25.32 1.03 -46.14
N CYS B 358 24.27 0.41 -46.69
CA CYS B 358 24.12 -1.02 -46.51
C CYS B 358 24.20 -1.87 -47.76
N THR B 359 24.13 -3.16 -47.53
CA THR B 359 24.15 -4.19 -48.56
C THR B 359 23.75 -5.40 -47.74
N PHE B 360 22.50 -5.83 -47.89
CA PHE B 360 22.05 -6.95 -47.11
C PHE B 360 22.63 -8.28 -47.54
N ILE B 361 22.92 -9.09 -46.55
CA ILE B 361 23.49 -10.41 -46.71
C ILE B 361 22.37 -11.44 -46.56
N THR B 362 21.24 -10.97 -46.03
CA THR B 362 20.09 -11.82 -45.79
C THR B 362 18.79 -11.21 -46.29
N LYS B 363 18.02 -12.00 -47.03
CA LYS B 363 16.75 -11.54 -47.59
C LYS B 363 15.71 -12.53 -47.11
N GLY B 364 14.44 -12.20 -47.33
CA GLY B 364 13.38 -13.11 -46.94
C GLY B 364 12.33 -12.57 -45.99
N ALA B 365 11.30 -13.37 -45.76
CA ALA B 365 10.21 -13.02 -44.87
C ALA B 365 10.38 -13.80 -43.59
N TRP B 366 11.44 -13.45 -42.88
CA TRP B 366 11.78 -14.05 -41.62
C TRP B 366 12.84 -13.09 -41.12
N GLU B 367 13.33 -13.28 -39.90
CA GLU B 367 14.31 -12.33 -39.41
C GLU B 367 15.49 -12.97 -38.74
N VAL B 368 16.60 -12.24 -38.70
CA VAL B 368 17.78 -12.73 -38.02
C VAL B 368 17.61 -12.30 -36.59
N ILE B 369 17.61 -13.27 -35.68
CA ILE B 369 17.44 -12.96 -34.27
C ILE B 369 18.67 -12.28 -33.71
N SER B 370 19.83 -12.87 -33.96
CA SER B 370 21.06 -12.34 -33.41
C SER B 370 22.30 -12.87 -34.08
N ILE B 371 23.30 -12.01 -34.25
CA ILE B 371 24.56 -12.42 -34.83
C ILE B 371 25.31 -13.09 -33.67
N GLU B 372 25.89 -14.26 -33.92
CA GLU B 372 26.60 -14.96 -32.85
C GLU B 372 28.12 -14.93 -32.90
N ALA B 373 28.68 -14.79 -34.10
CA ALA B 373 30.13 -14.78 -34.22
C ALA B 373 30.62 -14.33 -35.60
N LEU B 374 31.75 -13.66 -35.65
CA LEU B 374 32.30 -13.23 -36.93
C LEU B 374 33.72 -13.73 -37.08
N THR B 375 33.87 -14.67 -38.01
CA THR B 375 35.15 -15.28 -38.31
C THR B 375 35.81 -14.51 -39.44
N SER B 376 37.03 -14.89 -39.78
CA SER B 376 37.77 -14.24 -40.85
C SER B 376 37.05 -14.49 -42.19
N ASP B 377 36.30 -15.59 -42.24
CA ASP B 377 35.59 -16.00 -43.44
C ASP B 377 34.13 -16.41 -43.23
N TYR B 378 33.69 -16.45 -41.99
CA TYR B 378 32.32 -16.86 -41.68
C TYR B 378 31.59 -15.95 -40.71
N LEU B 379 30.27 -15.95 -40.84
CA LEU B 379 29.40 -15.19 -39.96
C LEU B 379 28.32 -16.16 -39.43
N TYR B 380 28.38 -16.48 -38.13
CA TYR B 380 27.41 -17.37 -37.51
C TYR B 380 26.28 -16.54 -36.92
N TYR B 381 25.05 -16.96 -37.14
CA TYR B 381 23.93 -16.20 -36.60
C TYR B 381 22.78 -17.13 -36.22
N ILE B 382 21.65 -16.55 -35.83
CA ILE B 382 20.50 -17.35 -35.43
C ILE B 382 19.20 -16.75 -35.93
N SER B 383 18.45 -17.49 -36.72
CA SER B 383 17.19 -16.96 -37.22
C SER B 383 16.04 -17.93 -37.08
N ASN B 384 14.85 -17.46 -37.46
CA ASN B 384 13.64 -18.24 -37.37
C ASN B 384 13.18 -18.48 -38.80
N GLU B 385 14.15 -18.71 -39.68
CA GLU B 385 13.83 -18.96 -41.08
C GLU B 385 13.31 -20.36 -41.34
N TYR B 386 13.93 -21.35 -40.72
CA TYR B 386 13.54 -22.73 -40.91
C TYR B 386 12.05 -22.98 -40.78
N LYS B 387 11.54 -23.85 -41.64
CA LYS B 387 10.13 -24.25 -41.68
C LYS B 387 9.14 -23.10 -41.53
N GLU B 388 9.59 -21.89 -41.87
CA GLU B 388 8.76 -20.71 -41.78
C GLU B 388 8.11 -20.55 -40.41
N MET B 389 8.73 -21.13 -39.38
CA MET B 389 8.25 -21.05 -38.01
C MET B 389 8.95 -19.89 -37.32
N PRO B 390 8.27 -18.74 -37.20
CA PRO B 390 8.86 -17.56 -36.55
C PRO B 390 9.07 -17.85 -35.07
N GLY B 391 8.42 -18.91 -34.61
CA GLY B 391 8.55 -19.30 -33.22
C GLY B 391 9.70 -20.27 -33.01
N GLY B 392 10.46 -20.54 -34.06
CA GLY B 392 11.58 -21.46 -33.97
C GLY B 392 12.91 -20.73 -33.95
N ARG B 393 13.96 -21.38 -33.47
CA ARG B 393 15.29 -20.78 -33.40
C ARG B 393 16.37 -21.73 -33.92
N ASN B 394 17.06 -21.33 -34.99
CA ASN B 394 18.13 -22.18 -35.54
C ASN B 394 19.44 -21.45 -35.86
N LEU B 395 20.54 -22.19 -35.76
CA LEU B 395 21.87 -21.67 -35.99
C LEU B 395 22.40 -21.80 -37.40
N TYR B 396 22.47 -20.68 -38.12
CA TYR B 396 22.99 -20.67 -39.49
C TYR B 396 24.40 -20.11 -39.58
N LYS B 397 25.00 -20.19 -40.76
CA LYS B 397 26.34 -19.66 -40.99
C LYS B 397 26.57 -19.29 -42.47
N ILE B 398 27.16 -18.12 -42.72
CA ILE B 398 27.43 -17.68 -44.08
C ILE B 398 28.88 -17.42 -44.33
N GLN B 399 29.36 -17.87 -45.50
CA GLN B 399 30.74 -17.65 -45.89
C GLN B 399 30.77 -16.20 -46.37
N LEU B 400 31.68 -15.41 -45.82
CA LEU B 400 31.79 -14.00 -46.16
C LEU B 400 32.01 -13.78 -47.64
N THR B 401 33.10 -14.37 -48.15
CA THR B 401 33.49 -14.25 -49.55
C THR B 401 32.37 -14.68 -50.50
N ASP B 402 31.60 -15.69 -50.10
CA ASP B 402 30.51 -16.22 -50.92
C ASP B 402 29.18 -16.19 -50.17
N HIS B 403 28.40 -15.13 -50.36
CA HIS B 403 27.10 -15.00 -49.67
C HIS B 403 26.08 -16.05 -50.06
N THR B 404 26.54 -17.07 -50.76
CA THR B 404 25.66 -18.15 -51.18
C THR B 404 25.88 -19.34 -50.25
N ASN B 405 27.13 -19.52 -49.86
CA ASN B 405 27.50 -20.62 -48.98
C ASN B 405 26.87 -20.46 -47.60
N LYS B 406 25.55 -20.42 -47.56
CA LYS B 406 24.74 -20.28 -46.34
C LYS B 406 24.13 -21.62 -45.94
N LYS B 407 24.66 -22.21 -44.88
CA LYS B 407 24.20 -23.51 -44.42
C LYS B 407 23.68 -23.48 -42.99
N CYS B 408 22.60 -24.22 -42.74
CA CYS B 408 22.01 -24.31 -41.39
C CYS B 408 22.73 -25.43 -40.64
N LEU B 409 23.13 -25.16 -39.40
CA LEU B 409 23.85 -26.17 -38.63
C LEU B 409 23.07 -26.97 -37.61
N SER B 410 21.81 -26.61 -37.37
CA SER B 410 21.00 -27.32 -36.37
C SER B 410 19.67 -27.83 -36.89
N CYS B 411 19.27 -27.35 -38.06
CA CYS B 411 18.02 -27.75 -38.66
C CYS B 411 17.85 -29.28 -38.66
N ASP B 412 18.81 -29.98 -39.27
CA ASP B 412 18.81 -31.44 -39.40
C ASP B 412 18.81 -32.15 -38.05
N LEU B 413 19.96 -32.12 -37.38
CA LEU B 413 20.15 -32.76 -36.08
C LEU B 413 19.02 -33.63 -35.52
N ASN B 414 18.06 -33.03 -34.80
CA ASN B 414 16.94 -33.76 -34.21
C ASN B 414 15.61 -33.04 -34.42
N PRO B 415 15.18 -32.93 -35.68
CA PRO B 415 13.94 -32.27 -36.11
C PRO B 415 12.67 -32.63 -35.33
N GLU B 416 12.70 -33.78 -34.67
CA GLU B 416 11.55 -34.22 -33.89
C GLU B 416 11.55 -33.52 -32.54
N ARG B 417 12.72 -33.53 -31.89
CA ARG B 417 12.90 -32.94 -30.56
C ARG B 417 13.34 -31.47 -30.51
N CYS B 418 14.10 -31.03 -31.50
CA CYS B 418 14.62 -29.68 -31.46
C CYS B 418 14.30 -28.72 -32.60
N GLN B 419 13.71 -27.57 -32.26
CA GLN B 419 13.35 -26.51 -33.20
C GLN B 419 13.73 -25.13 -32.62
N TYR B 420 14.19 -25.13 -31.38
CA TYR B 420 14.57 -23.90 -30.67
C TYR B 420 15.98 -24.09 -30.14
N TYR B 421 16.95 -23.47 -30.80
CA TYR B 421 18.35 -23.62 -30.38
C TYR B 421 19.04 -22.41 -29.72
N SER B 422 19.95 -22.72 -28.80
CA SER B 422 20.75 -21.73 -28.09
C SER B 422 22.16 -22.08 -28.55
N VAL B 423 23.05 -21.11 -28.66
CA VAL B 423 24.40 -21.45 -29.09
C VAL B 423 25.48 -20.91 -28.16
N SER B 424 26.74 -21.21 -28.46
CA SER B 424 27.86 -20.76 -27.66
C SER B 424 29.14 -21.25 -28.31
N LEU B 425 29.85 -20.36 -29.01
CA LEU B 425 31.07 -20.78 -29.68
C LEU B 425 32.33 -20.43 -28.92
N SER B 426 33.34 -21.27 -29.08
CA SER B 426 34.63 -21.07 -28.42
C SER B 426 35.23 -19.78 -28.95
N LYS B 427 36.13 -19.18 -28.16
CA LYS B 427 36.77 -17.92 -28.51
C LYS B 427 36.85 -17.59 -30.00
N GLU B 428 37.46 -18.45 -30.79
CA GLU B 428 37.59 -18.20 -32.22
C GLU B 428 36.73 -19.09 -33.10
N ALA B 429 35.75 -19.74 -32.48
CA ALA B 429 34.80 -20.59 -33.20
C ALA B 429 35.30 -21.92 -33.73
N LYS B 430 36.16 -22.60 -32.98
CA LYS B 430 36.67 -23.88 -33.44
C LYS B 430 35.66 -24.96 -33.08
N TYR B 431 34.89 -24.68 -32.03
CA TYR B 431 33.87 -25.60 -31.56
C TYR B 431 32.64 -24.77 -31.25
N TYR B 432 31.52 -25.45 -31.00
CA TYR B 432 30.32 -24.73 -30.67
C TYR B 432 29.35 -25.65 -29.98
N GLN B 433 28.83 -25.21 -28.85
CA GLN B 433 27.86 -25.98 -28.10
C GLN B 433 26.46 -25.61 -28.57
N LEU B 434 25.56 -26.57 -28.55
CA LEU B 434 24.20 -26.31 -28.96
C LEU B 434 23.24 -26.52 -27.81
N GLY B 435 22.27 -25.62 -27.72
CA GLY B 435 21.29 -25.70 -26.67
C GLY B 435 19.94 -25.95 -27.31
N CYS B 436 19.50 -27.19 -27.22
CA CYS B 436 18.22 -27.56 -27.76
C CYS B 436 17.19 -27.29 -26.66
N ARG B 437 16.37 -26.27 -26.87
CA ARG B 437 15.33 -25.93 -25.91
C ARG B 437 14.08 -26.44 -26.60
N GLY B 438 14.28 -26.83 -27.86
CA GLY B 438 13.26 -27.35 -28.76
C GLY B 438 12.10 -28.06 -28.11
N PRO B 439 11.05 -28.34 -28.88
CA PRO B 439 9.81 -29.01 -28.46
C PRO B 439 9.97 -30.05 -27.36
N GLY B 440 10.95 -30.95 -27.54
CA GLY B 440 11.17 -32.01 -26.56
C GLY B 440 12.13 -31.61 -25.47
N LEU B 441 12.43 -32.51 -24.55
CA LEU B 441 13.35 -32.19 -23.45
C LEU B 441 14.66 -31.64 -24.01
N PRO B 442 15.14 -30.54 -23.42
CA PRO B 442 16.38 -29.86 -23.82
C PRO B 442 17.57 -30.81 -23.99
N LEU B 443 18.28 -30.64 -25.11
CA LEU B 443 19.42 -31.47 -25.46
C LEU B 443 20.68 -30.66 -25.73
N TYR B 444 21.67 -30.79 -24.86
CA TYR B 444 22.91 -30.05 -25.01
C TYR B 444 24.04 -30.84 -25.61
N THR B 445 24.40 -30.49 -26.83
CA THR B 445 25.46 -31.16 -27.55
C THR B 445 26.55 -30.17 -27.94
N LEU B 446 27.76 -30.68 -28.16
CA LEU B 446 28.89 -29.85 -28.55
C LEU B 446 29.49 -30.38 -29.84
N HIS B 447 29.79 -29.46 -30.75
CA HIS B 447 30.32 -29.82 -32.07
C HIS B 447 31.65 -29.15 -32.40
N ARG B 448 32.32 -29.65 -33.43
CA ARG B 448 33.57 -29.06 -33.87
C ARG B 448 33.26 -28.24 -35.13
N SER B 449 33.39 -26.94 -35.00
CA SER B 449 33.12 -25.99 -36.09
C SER B 449 33.53 -26.44 -37.49
N THR B 450 34.74 -27.01 -37.59
CA THR B 450 35.31 -27.48 -38.84
C THR B 450 34.38 -28.22 -39.81
N ASP B 451 33.76 -29.30 -39.34
CA ASP B 451 32.87 -30.11 -40.17
C ASP B 451 31.51 -30.40 -39.50
N GLN B 452 31.31 -29.86 -38.31
CA GLN B 452 30.08 -30.07 -37.55
C GLN B 452 29.92 -31.47 -36.97
N LYS B 453 31.03 -32.19 -36.86
CA LYS B 453 31.00 -33.53 -36.30
C LYS B 453 30.58 -33.37 -34.85
N GLU B 454 29.43 -33.94 -34.47
CA GLU B 454 28.98 -33.84 -33.09
C GLU B 454 29.96 -34.65 -32.26
N LEU B 455 30.87 -33.97 -31.56
CA LEU B 455 31.87 -34.65 -30.74
C LEU B 455 31.21 -35.56 -29.71
N ARG B 456 30.31 -35.02 -28.91
CA ARG B 456 29.60 -35.80 -27.91
C ARG B 456 28.36 -35.12 -27.36
N VAL B 457 27.60 -35.87 -26.58
CA VAL B 457 26.39 -35.36 -25.96
C VAL B 457 26.69 -34.91 -24.54
N LEU B 458 26.56 -33.60 -24.32
CA LEU B 458 26.84 -32.99 -23.03
C LEU B 458 25.77 -33.25 -21.99
N GLU B 459 24.51 -33.20 -22.44
CA GLU B 459 23.40 -33.43 -21.55
C GLU B 459 22.12 -33.71 -22.32
N ASP B 460 21.54 -34.88 -22.03
CA ASP B 460 20.28 -35.32 -22.61
C ASP B 460 19.50 -35.49 -21.32
N ASN B 461 18.32 -34.89 -21.18
CA ASN B 461 17.62 -35.05 -19.91
C ASN B 461 17.04 -36.43 -19.69
N SER B 462 17.86 -37.44 -19.94
CA SER B 462 17.48 -38.83 -19.77
C SER B 462 16.81 -39.06 -18.42
N ALA B 463 17.45 -38.54 -17.37
CA ALA B 463 16.92 -38.67 -16.01
C ALA B 463 15.50 -38.13 -15.91
N LEU B 464 15.32 -36.88 -16.29
CA LEU B 464 14.02 -36.27 -16.27
C LEU B 464 13.08 -37.10 -17.14
N ASP B 465 13.60 -37.58 -18.27
CA ASP B 465 12.79 -38.37 -19.18
C ASP B 465 12.24 -39.58 -18.43
N LYS B 466 13.13 -40.31 -17.75
CA LYS B 466 12.73 -41.50 -16.99
C LYS B 466 11.64 -41.23 -15.95
N MET B 467 11.62 -40.02 -15.40
CA MET B 467 10.64 -39.65 -14.39
C MET B 467 9.27 -39.24 -14.94
N LEU B 468 9.27 -38.53 -16.06
CA LEU B 468 8.03 -38.10 -16.67
C LEU B 468 7.24 -39.27 -17.26
N GLN B 469 7.90 -40.43 -17.35
CA GLN B 469 7.25 -41.61 -17.90
C GLN B 469 6.04 -41.98 -17.04
N ASP B 470 6.23 -41.97 -15.72
CA ASP B 470 5.15 -42.31 -14.82
C ASP B 470 4.17 -41.16 -14.57
N VAL B 471 4.20 -40.13 -15.41
CA VAL B 471 3.29 -39.00 -15.25
C VAL B 471 2.53 -38.59 -16.51
N GLN B 472 1.26 -38.21 -16.36
CA GLN B 472 0.44 -37.82 -17.49
C GLN B 472 0.71 -36.40 -18.00
N MET B 473 1.88 -36.18 -18.59
CA MET B 473 2.22 -34.84 -19.13
C MET B 473 1.27 -34.45 -20.24
N PRO B 474 0.98 -33.14 -20.35
CA PRO B 474 0.07 -32.68 -21.41
C PRO B 474 0.90 -32.45 -22.67
N SER B 475 0.25 -32.13 -23.77
CA SER B 475 0.96 -31.89 -25.01
C SER B 475 0.94 -30.41 -25.33
N LYS B 476 1.70 -30.01 -26.35
CA LYS B 476 1.75 -28.61 -26.74
C LYS B 476 1.66 -28.51 -28.24
N LYS B 477 0.59 -27.88 -28.72
CA LYS B 477 0.42 -27.69 -30.16
C LYS B 477 0.93 -26.31 -30.52
N LEU B 478 1.65 -26.22 -31.64
CA LEU B 478 2.16 -24.92 -32.09
C LEU B 478 1.80 -24.69 -33.56
N ASP B 479 0.65 -24.05 -33.77
CA ASP B 479 0.19 -23.80 -35.13
C ASP B 479 -0.07 -22.33 -35.31
N PHE B 480 -0.77 -21.98 -36.37
CA PHE B 480 -1.09 -20.60 -36.64
C PHE B 480 -2.47 -20.54 -37.25
N ILE B 481 -3.16 -19.44 -37.03
CA ILE B 481 -4.47 -19.22 -37.59
C ILE B 481 -4.21 -18.07 -38.56
N VAL B 482 -5.19 -17.68 -39.35
CA VAL B 482 -4.97 -16.59 -40.29
C VAL B 482 -6.11 -15.59 -40.36
N LEU B 483 -5.78 -14.32 -40.12
CA LEU B 483 -6.75 -13.24 -40.15
C LEU B 483 -6.34 -12.26 -41.24
N ASN B 484 -7.31 -11.51 -41.77
CA ASN B 484 -7.06 -10.54 -42.84
C ASN B 484 -5.91 -10.98 -43.76
N GLU B 485 -5.84 -12.29 -44.02
CA GLU B 485 -4.81 -12.91 -44.89
C GLU B 485 -3.36 -12.89 -44.39
N THR B 486 -3.15 -13.18 -43.10
CA THR B 486 -1.81 -13.17 -42.51
C THR B 486 -1.65 -14.25 -41.46
N ARG B 487 -0.50 -14.91 -41.46
CA ARG B 487 -0.25 -15.95 -40.47
C ARG B 487 -0.07 -15.33 -39.07
N PHE B 488 -0.81 -15.84 -38.10
CA PHE B 488 -0.70 -15.39 -36.71
C PHE B 488 -0.60 -16.63 -35.87
N TRP B 489 0.61 -16.90 -35.37
CA TRP B 489 0.85 -18.10 -34.58
C TRP B 489 0.29 -18.10 -33.17
N TYR B 490 0.11 -19.29 -32.63
CA TYR B 490 -0.44 -19.44 -31.29
C TYR B 490 0.02 -20.78 -30.75
N GLN B 491 -0.13 -20.98 -29.46
CA GLN B 491 0.27 -22.25 -28.91
C GLN B 491 -0.73 -22.64 -27.86
N MET B 492 -1.04 -23.93 -27.79
CA MET B 492 -1.99 -24.44 -26.82
C MET B 492 -1.37 -25.58 -26.02
N ILE B 493 -1.65 -25.59 -24.73
CA ILE B 493 -1.16 -26.64 -23.86
C ILE B 493 -2.38 -27.49 -23.66
N LEU B 494 -2.38 -28.66 -24.31
CA LEU B 494 -3.49 -29.59 -24.25
C LEU B 494 -3.31 -30.60 -23.14
N PRO B 495 -4.36 -30.77 -22.32
CA PRO B 495 -4.33 -31.71 -21.20
C PRO B 495 -4.22 -33.16 -21.68
N PRO B 496 -3.54 -34.00 -20.89
CA PRO B 496 -3.31 -35.43 -21.16
C PRO B 496 -4.02 -36.07 -22.34
N HIS B 497 -5.03 -36.89 -22.04
CA HIS B 497 -5.74 -37.62 -23.08
C HIS B 497 -6.73 -36.75 -23.85
N PHE B 498 -6.26 -35.58 -24.28
CA PHE B 498 -7.08 -34.64 -25.03
C PHE B 498 -7.94 -35.29 -26.09
N ASP B 499 -9.24 -35.06 -25.98
CA ASP B 499 -10.23 -35.62 -26.90
C ASP B 499 -11.01 -34.49 -27.57
N LYS B 500 -10.69 -34.22 -28.83
CA LYS B 500 -11.31 -33.16 -29.63
C LYS B 500 -12.85 -33.12 -29.64
N SER B 501 -13.47 -34.17 -29.13
CA SER B 501 -14.92 -34.24 -29.11
C SER B 501 -15.49 -33.55 -27.88
N LYS B 502 -14.78 -33.62 -26.77
CA LYS B 502 -15.22 -33.00 -25.53
C LYS B 502 -15.02 -31.50 -25.54
N LYS B 503 -15.40 -30.86 -24.43
CA LYS B 503 -15.27 -29.41 -24.26
C LYS B 503 -14.43 -29.10 -23.03
N TYR B 504 -13.43 -28.25 -23.18
CA TYR B 504 -12.57 -27.88 -22.07
C TYR B 504 -12.59 -26.37 -21.80
N PRO B 505 -12.24 -25.97 -20.57
CA PRO B 505 -12.21 -24.56 -20.22
C PRO B 505 -10.92 -23.97 -20.80
N LEU B 506 -10.96 -22.70 -21.16
CA LEU B 506 -9.80 -22.07 -21.77
C LEU B 506 -9.21 -20.93 -20.97
N LEU B 507 -7.89 -20.86 -20.95
CA LEU B 507 -7.18 -19.81 -20.25
C LEU B 507 -6.17 -19.22 -21.21
N ILE B 508 -6.19 -17.91 -21.37
CA ILE B 508 -5.23 -17.26 -22.25
C ILE B 508 -4.11 -16.72 -21.39
N ASP B 509 -2.87 -16.99 -21.79
CA ASP B 509 -1.70 -16.51 -21.07
C ASP B 509 -1.29 -15.30 -21.89
N VAL B 510 -1.08 -14.15 -21.26
CA VAL B 510 -0.72 -12.98 -22.04
C VAL B 510 0.52 -12.19 -21.69
N TYR B 511 0.98 -11.49 -22.73
CA TYR B 511 2.11 -10.59 -22.72
C TYR B 511 1.54 -9.65 -23.75
N ALA B 512 1.74 -9.99 -25.01
CA ALA B 512 1.19 -9.21 -26.09
C ALA B 512 1.76 -7.81 -26.19
N GLY B 513 2.88 -7.57 -25.52
CA GLY B 513 3.48 -6.25 -25.61
C GLY B 513 4.30 -6.17 -26.89
N PRO B 514 4.70 -4.97 -27.31
CA PRO B 514 5.50 -4.81 -28.53
C PRO B 514 6.67 -5.78 -28.59
N CYS B 515 6.80 -6.45 -29.73
CA CYS B 515 7.89 -7.39 -29.95
C CYS B 515 7.94 -8.55 -28.95
N SER B 516 6.77 -8.92 -28.45
CA SER B 516 6.65 -10.03 -27.51
C SER B 516 6.38 -11.30 -28.29
N GLN B 517 6.66 -12.46 -27.70
CA GLN B 517 6.39 -13.72 -28.37
C GLN B 517 6.08 -14.81 -27.36
N LYS B 518 4.83 -15.24 -27.30
CA LYS B 518 4.46 -16.27 -26.35
C LYS B 518 4.33 -17.61 -27.04
N ALA B 519 4.12 -17.57 -28.35
CA ALA B 519 3.96 -18.78 -29.15
C ALA B 519 5.29 -19.20 -29.79
N ASP B 520 6.08 -20.00 -29.06
CA ASP B 520 7.36 -20.47 -29.59
C ASP B 520 7.48 -21.97 -29.32
N ALA B 521 8.51 -22.58 -29.90
CA ALA B 521 8.72 -24.02 -29.76
C ALA B 521 9.61 -24.44 -28.61
N ALA B 522 9.53 -23.75 -27.47
CA ALA B 522 10.38 -24.09 -26.35
C ALA B 522 9.72 -25.00 -25.31
N PHE B 523 10.51 -25.88 -24.70
CA PHE B 523 9.99 -26.79 -23.70
C PHE B 523 9.94 -26.10 -22.37
N ARG B 524 8.83 -26.24 -21.65
CA ARG B 524 8.69 -25.61 -20.35
C ARG B 524 7.81 -26.36 -19.36
N LEU B 525 8.22 -26.36 -18.10
CA LEU B 525 7.45 -26.98 -17.04
C LEU B 525 7.06 -25.81 -16.14
N ASN B 526 5.83 -25.33 -16.32
CA ASN B 526 5.33 -24.18 -15.56
C ASN B 526 3.98 -24.44 -14.93
N TRP B 527 3.31 -23.37 -14.53
CA TRP B 527 2.00 -23.46 -13.91
C TRP B 527 1.00 -24.02 -14.91
N ALA B 528 1.09 -23.53 -16.15
CA ALA B 528 0.18 -23.97 -17.20
C ALA B 528 0.17 -25.49 -17.30
N THR B 529 1.25 -26.12 -16.90
CA THR B 529 1.32 -27.56 -16.98
C THR B 529 0.33 -28.16 -16.00
N TYR B 530 0.42 -27.73 -14.74
CA TYR B 530 -0.50 -28.20 -13.70
C TYR B 530 -1.91 -27.93 -14.18
N LEU B 531 -2.12 -26.70 -14.64
CA LEU B 531 -3.45 -26.33 -15.11
C LEU B 531 -4.01 -27.31 -16.13
N ALA B 532 -3.16 -27.83 -17.01
CA ALA B 532 -3.62 -28.76 -18.03
C ALA B 532 -3.62 -30.21 -17.52
N SER B 533 -2.48 -30.65 -16.98
CA SER B 533 -2.36 -32.01 -16.49
C SER B 533 -3.34 -32.40 -15.42
N THR B 534 -3.62 -31.49 -14.49
CA THR B 534 -4.50 -31.83 -13.40
C THR B 534 -5.86 -31.16 -13.35
N GLU B 535 -5.98 -29.96 -13.91
CA GLU B 535 -7.27 -29.29 -13.88
C GLU B 535 -7.97 -29.46 -15.23
N ASN B 536 -7.28 -30.10 -16.17
CA ASN B 536 -7.82 -30.34 -17.50
C ASN B 536 -8.27 -29.04 -18.13
N ILE B 537 -7.41 -28.03 -18.06
CA ILE B 537 -7.71 -26.72 -18.62
C ILE B 537 -6.76 -26.52 -19.77
N ILE B 538 -7.25 -25.91 -20.84
CA ILE B 538 -6.39 -25.64 -21.97
C ILE B 538 -5.76 -24.27 -21.80
N VAL B 539 -4.43 -24.21 -21.79
CA VAL B 539 -3.74 -22.94 -21.65
C VAL B 539 -3.22 -22.53 -23.04
N ALA B 540 -3.64 -21.37 -23.52
CA ALA B 540 -3.22 -20.91 -24.84
C ALA B 540 -2.70 -19.46 -24.86
N SER B 541 -1.82 -19.19 -25.81
CA SER B 541 -1.25 -17.86 -25.97
C SER B 541 -1.36 -17.56 -27.45
N PHE B 542 -1.42 -16.29 -27.81
CA PHE B 542 -1.56 -15.91 -29.21
C PHE B 542 -0.75 -14.67 -29.53
N ASP B 543 0.24 -14.77 -30.40
CA ASP B 543 1.04 -13.60 -30.77
C ASP B 543 0.32 -12.87 -31.89
N GLY B 544 -0.34 -11.77 -31.52
CA GLY B 544 -1.07 -10.98 -32.49
C GLY B 544 -0.32 -9.79 -33.03
N ARG B 545 -1.05 -8.76 -33.45
CA ARG B 545 -0.44 -7.57 -34.00
C ARG B 545 0.48 -6.89 -33.03
N GLY B 546 1.52 -6.25 -33.57
CA GLY B 546 2.50 -5.59 -32.74
C GLY B 546 3.15 -6.70 -31.96
N SER B 547 4.13 -7.34 -32.55
CA SER B 547 4.76 -8.45 -31.85
C SER B 547 5.82 -9.19 -32.63
N GLY B 548 6.28 -10.24 -31.97
CA GLY B 548 7.27 -11.15 -32.51
C GLY B 548 8.23 -10.69 -33.57
N TYR B 549 8.93 -11.67 -34.11
CA TYR B 549 9.94 -11.42 -35.12
C TYR B 549 9.38 -11.88 -36.45
N GLN B 550 8.37 -11.13 -36.91
CA GLN B 550 7.70 -11.42 -38.15
C GLN B 550 7.70 -10.20 -39.04
N GLY B 551 8.57 -9.25 -38.74
CA GLY B 551 8.63 -8.06 -39.56
C GLY B 551 7.94 -6.88 -38.92
N ASP B 552 8.38 -5.69 -39.30
CA ASP B 552 7.84 -4.46 -38.75
C ASP B 552 6.38 -4.22 -39.08
N LYS B 553 5.92 -4.65 -40.24
CA LYS B 553 4.52 -4.40 -40.59
C LYS B 553 3.64 -4.80 -39.41
N ILE B 554 3.92 -5.97 -38.86
CA ILE B 554 3.18 -6.52 -37.73
C ILE B 554 3.53 -5.83 -36.41
N MET B 555 4.81 -5.75 -36.09
CA MET B 555 5.29 -5.13 -34.85
C MET B 555 4.89 -3.67 -34.67
N HIS B 556 5.22 -2.83 -35.65
CA HIS B 556 4.88 -1.42 -35.56
C HIS B 556 3.38 -1.17 -35.68
N ALA B 557 2.62 -2.22 -35.96
CA ALA B 557 1.18 -2.06 -36.12
C ALA B 557 0.56 -1.32 -34.95
N ILE B 558 1.24 -1.37 -33.81
CA ILE B 558 0.77 -0.73 -32.59
C ILE B 558 1.30 0.67 -32.33
N ASN B 559 2.37 1.05 -33.03
CA ASN B 559 3.01 2.35 -32.86
C ASN B 559 2.07 3.50 -32.54
N LYS B 560 2.43 4.26 -31.51
CA LYS B 560 1.67 5.42 -31.04
C LYS B 560 0.30 5.10 -30.42
N ARG B 561 -0.09 3.83 -30.38
CA ARG B 561 -1.39 3.52 -29.82
C ARG B 561 -1.57 2.16 -29.17
N LEU B 562 -0.88 1.94 -28.06
CA LEU B 562 -0.97 0.70 -27.28
C LEU B 562 -2.40 0.58 -26.76
N GLY B 563 -2.78 -0.60 -26.30
CA GLY B 563 -4.12 -0.82 -25.77
C GLY B 563 -5.19 -0.82 -26.85
N THR B 564 -4.76 -1.15 -28.06
CA THR B 564 -5.62 -1.18 -29.23
C THR B 564 -5.64 -2.56 -29.86
N LEU B 565 -5.03 -2.65 -31.03
CA LEU B 565 -4.97 -3.89 -31.78
C LEU B 565 -4.45 -5.11 -31.03
N GLU B 566 -3.41 -4.96 -30.22
CA GLU B 566 -2.90 -6.11 -29.50
C GLU B 566 -3.99 -6.67 -28.58
N VAL B 567 -4.82 -5.78 -28.04
CA VAL B 567 -5.92 -6.22 -27.19
C VAL B 567 -6.95 -6.92 -28.06
N GLU B 568 -7.57 -6.19 -28.99
CA GLU B 568 -8.56 -6.78 -29.86
C GLU B 568 -8.15 -8.19 -30.33
N ASP B 569 -7.04 -8.27 -31.03
CA ASP B 569 -6.55 -9.55 -31.54
C ASP B 569 -6.49 -10.63 -30.47
N GLN B 570 -6.30 -10.24 -29.22
CA GLN B 570 -6.25 -11.25 -28.18
C GLN B 570 -7.66 -11.82 -28.02
N ILE B 571 -8.65 -10.99 -28.30
CA ILE B 571 -10.03 -11.42 -28.23
C ILE B 571 -10.35 -12.33 -29.42
N GLU B 572 -10.07 -11.85 -30.64
CA GLU B 572 -10.32 -12.65 -31.82
C GLU B 572 -9.73 -14.03 -31.63
N ALA B 573 -8.51 -14.09 -31.09
CA ALA B 573 -7.86 -15.36 -30.88
C ALA B 573 -8.74 -16.31 -30.08
N ALA B 574 -9.49 -15.76 -29.13
CA ALA B 574 -10.37 -16.59 -28.33
C ALA B 574 -11.57 -16.99 -29.16
N ARG B 575 -12.04 -16.07 -29.99
CA ARG B 575 -13.17 -16.34 -30.87
C ARG B 575 -12.79 -17.55 -31.68
N GLN B 576 -11.66 -17.42 -32.39
CA GLN B 576 -11.12 -18.48 -33.24
C GLN B 576 -10.97 -19.81 -32.53
N PHE B 577 -10.49 -19.76 -31.29
CA PHE B 577 -10.32 -20.98 -30.52
C PHE B 577 -11.65 -21.63 -30.25
N LEU B 578 -12.70 -20.84 -30.10
CA LEU B 578 -14.01 -21.39 -29.85
C LEU B 578 -14.47 -22.05 -31.13
N LYS B 579 -14.28 -21.37 -32.26
CA LYS B 579 -14.68 -21.90 -33.55
C LYS B 579 -13.95 -23.21 -33.83
N MET B 580 -12.92 -23.51 -33.04
CA MET B 580 -12.19 -24.74 -33.26
C MET B 580 -12.97 -25.92 -32.73
N GLY B 581 -13.93 -25.64 -31.84
CA GLY B 581 -14.76 -26.70 -31.28
C GLY B 581 -14.56 -27.09 -29.82
N PHE B 582 -13.44 -27.74 -29.52
CA PHE B 582 -13.11 -28.24 -28.19
C PHE B 582 -13.04 -27.29 -27.00
N VAL B 583 -13.59 -26.09 -27.10
CA VAL B 583 -13.54 -25.15 -25.99
C VAL B 583 -14.92 -24.81 -25.47
N ASP B 584 -15.10 -24.92 -24.16
CA ASP B 584 -16.37 -24.62 -23.50
C ASP B 584 -16.66 -23.12 -23.48
N SER B 585 -17.42 -22.63 -24.46
CA SER B 585 -17.71 -21.19 -24.53
C SER B 585 -18.09 -20.52 -23.20
N LYS B 586 -18.65 -21.30 -22.27
CA LYS B 586 -19.06 -20.74 -20.99
C LYS B 586 -18.02 -20.78 -19.87
N ARG B 587 -16.76 -21.05 -20.25
CA ARG B 587 -15.69 -21.10 -19.28
C ARG B 587 -14.33 -20.79 -19.91
N VAL B 588 -14.19 -19.52 -20.27
CA VAL B 588 -13.00 -18.98 -20.89
C VAL B 588 -12.47 -17.83 -20.05
N ALA B 589 -11.24 -17.95 -19.55
CA ALA B 589 -10.61 -16.92 -18.73
C ALA B 589 -9.42 -16.31 -19.46
N ILE B 590 -8.68 -15.47 -18.73
CA ILE B 590 -7.50 -14.81 -19.28
C ILE B 590 -6.75 -14.13 -18.15
N TRP B 591 -5.43 -14.24 -18.16
CA TRP B 591 -4.61 -13.62 -17.14
C TRP B 591 -3.31 -13.17 -17.73
N GLY B 592 -2.65 -12.26 -17.03
CA GLY B 592 -1.39 -11.77 -17.51
C GLY B 592 -0.62 -11.10 -16.39
N TRP B 593 0.68 -10.95 -16.62
CA TRP B 593 1.56 -10.31 -15.66
C TRP B 593 2.05 -9.09 -16.43
N SER B 594 2.50 -8.07 -15.71
CA SER B 594 3.01 -6.86 -16.34
C SER B 594 2.16 -6.38 -17.53
N TYR B 595 2.78 -6.25 -18.69
CA TYR B 595 2.04 -5.80 -19.87
C TYR B 595 0.83 -6.71 -20.07
N GLY B 596 1.01 -7.99 -19.80
CA GLY B 596 -0.07 -8.95 -19.97
C GLY B 596 -1.20 -8.63 -19.04
N GLY B 597 -0.85 -8.27 -17.81
CA GLY B 597 -1.89 -7.92 -16.85
C GLY B 597 -2.67 -6.74 -17.35
N TYR B 598 -2.03 -5.91 -18.16
CA TYR B 598 -2.68 -4.75 -18.71
C TYR B 598 -3.75 -5.24 -19.66
N VAL B 599 -3.30 -5.88 -20.73
CA VAL B 599 -4.19 -6.41 -21.74
C VAL B 599 -5.31 -7.21 -21.09
N THR B 600 -4.93 -8.12 -20.20
CA THR B 600 -5.93 -8.92 -19.49
C THR B 600 -7.02 -8.00 -18.99
N SER B 601 -6.60 -6.96 -18.28
CA SER B 601 -7.54 -5.99 -17.72
C SER B 601 -8.33 -5.28 -18.81
N MET B 602 -7.61 -4.80 -19.82
CA MET B 602 -8.24 -4.11 -20.93
C MET B 602 -9.26 -5.01 -21.64
N VAL B 603 -9.00 -6.31 -21.63
CA VAL B 603 -9.90 -7.28 -22.27
C VAL B 603 -11.14 -7.47 -21.42
N LEU B 604 -10.95 -7.77 -20.15
CA LEU B 604 -12.07 -7.96 -19.26
C LEU B 604 -12.95 -6.72 -19.29
N GLY B 605 -12.33 -5.57 -19.55
CA GLY B 605 -13.12 -4.35 -19.58
C GLY B 605 -13.69 -3.92 -20.91
N SER B 606 -13.48 -4.73 -21.94
CA SER B 606 -13.98 -4.39 -23.27
C SER B 606 -15.46 -4.67 -23.45
N GLY B 607 -16.03 -5.48 -22.55
CA GLY B 607 -17.44 -5.83 -22.64
C GLY B 607 -17.75 -6.69 -23.85
N SER B 608 -16.77 -7.47 -24.27
CA SER B 608 -16.91 -8.38 -25.40
C SER B 608 -17.74 -9.58 -25.00
N GLY B 609 -17.91 -9.76 -23.69
CA GLY B 609 -18.67 -10.88 -23.17
C GLY B 609 -18.10 -12.26 -23.49
N VAL B 610 -16.90 -12.30 -24.06
CA VAL B 610 -16.27 -13.56 -24.41
C VAL B 610 -15.57 -14.22 -23.25
N PHE B 611 -15.12 -13.41 -22.29
CA PHE B 611 -14.42 -13.95 -21.12
C PHE B 611 -15.24 -13.92 -19.84
N LYS B 612 -15.09 -14.95 -19.03
CA LYS B 612 -15.84 -15.06 -17.80
C LYS B 612 -15.12 -14.49 -16.58
N CYS B 613 -13.81 -14.55 -16.57
CA CYS B 613 -13.04 -14.05 -15.44
C CYS B 613 -11.58 -13.87 -15.87
N GLY B 614 -10.81 -13.21 -15.04
CA GLY B 614 -9.41 -13.01 -15.36
C GLY B 614 -8.58 -12.62 -14.17
N ILE B 615 -7.26 -12.61 -14.39
CA ILE B 615 -6.32 -12.23 -13.34
C ILE B 615 -5.23 -11.36 -13.90
N ALA B 616 -5.01 -10.22 -13.25
CA ALA B 616 -3.98 -9.27 -13.65
C ALA B 616 -2.98 -9.11 -12.50
N VAL B 617 -1.72 -9.45 -12.74
CA VAL B 617 -0.70 -9.32 -11.71
C VAL B 617 0.21 -8.17 -12.06
N ALA B 618 0.26 -7.18 -11.17
CA ALA B 618 1.07 -5.97 -11.32
C ALA B 618 0.93 -5.45 -12.74
N PRO B 619 -0.28 -5.06 -13.11
CA PRO B 619 -0.55 -4.54 -14.45
C PRO B 619 -0.27 -3.06 -14.56
N VAL B 620 -0.04 -2.60 -15.76
CA VAL B 620 0.13 -1.18 -15.97
C VAL B 620 -1.32 -0.75 -16.18
N SER B 621 -1.77 0.32 -15.54
CA SER B 621 -3.16 0.71 -15.73
C SER B 621 -3.32 1.92 -16.61
N ARG B 622 -2.24 2.67 -16.81
CA ARG B 622 -2.27 3.82 -17.72
C ARG B 622 -0.85 4.25 -17.95
N TRP B 623 -0.50 4.43 -19.21
CA TRP B 623 0.87 4.74 -19.57
C TRP B 623 1.61 5.88 -18.91
N GLU B 624 0.92 6.84 -18.33
CA GLU B 624 1.64 7.92 -17.67
C GLU B 624 2.40 7.36 -16.47
N TYR B 625 1.83 6.37 -15.81
CA TYR B 625 2.47 5.79 -14.64
C TYR B 625 3.73 4.96 -14.96
N TYR B 626 3.96 4.60 -16.22
CA TYR B 626 5.11 3.76 -16.47
C TYR B 626 6.33 4.55 -16.87
N ASP B 627 7.50 3.93 -16.77
CA ASP B 627 8.75 4.61 -17.07
C ASP B 627 8.82 5.18 -18.48
N SER B 628 9.59 6.26 -18.62
CA SER B 628 9.74 6.95 -19.90
C SER B 628 10.32 6.15 -21.05
N VAL B 629 11.54 5.65 -20.88
CA VAL B 629 12.20 4.90 -21.94
C VAL B 629 11.33 3.87 -22.64
N TYR B 630 10.66 3.02 -21.87
CA TYR B 630 9.81 2.01 -22.46
C TYR B 630 8.59 2.65 -23.09
N THR B 631 7.78 3.27 -22.25
CA THR B 631 6.56 3.88 -22.70
C THR B 631 6.67 4.77 -23.93
N GLU B 632 7.48 5.81 -23.84
CA GLU B 632 7.62 6.73 -24.96
C GLU B 632 8.08 6.08 -26.25
N ARG B 633 8.82 4.99 -26.12
CA ARG B 633 9.31 4.29 -27.28
C ARG B 633 8.17 3.90 -28.19
N TYR B 634 7.00 3.66 -27.61
CA TYR B 634 5.84 3.28 -28.42
C TYR B 634 4.78 4.33 -28.39
N MET B 635 4.64 4.98 -27.24
CA MET B 635 3.61 5.99 -27.06
C MET B 635 3.92 7.45 -27.34
N GLY B 636 5.20 7.79 -27.39
CA GLY B 636 5.59 9.18 -27.62
C GLY B 636 5.44 9.92 -26.30
N LEU B 637 5.37 11.24 -26.34
CA LEU B 637 5.22 11.99 -25.11
C LEU B 637 3.75 12.28 -24.82
N PRO B 638 3.35 12.16 -23.57
CA PRO B 638 1.97 12.41 -23.18
C PRO B 638 1.60 13.90 -23.19
N THR B 639 1.81 14.56 -24.32
CA THR B 639 1.50 15.99 -24.39
C THR B 639 0.62 16.35 -25.58
N PRO B 640 -0.25 17.35 -25.42
CA PRO B 640 -1.13 17.73 -26.53
C PRO B 640 -0.39 18.01 -27.81
N GLU B 641 0.90 18.30 -27.70
CA GLU B 641 1.69 18.59 -28.88
C GLU B 641 2.07 17.29 -29.58
N ASP B 642 2.08 16.20 -28.83
CA ASP B 642 2.40 14.88 -29.38
C ASP B 642 1.20 13.94 -29.33
N ASN B 643 1.30 12.91 -28.48
CA ASN B 643 0.28 11.89 -28.38
C ASN B 643 -0.56 11.81 -27.09
N LEU B 644 -0.77 12.92 -26.41
CA LEU B 644 -1.56 12.87 -25.18
C LEU B 644 -2.89 12.14 -25.32
N ASP B 645 -3.63 12.45 -26.38
CA ASP B 645 -4.92 11.83 -26.60
C ASP B 645 -4.88 10.31 -26.49
N HIS B 646 -3.94 9.66 -27.14
CA HIS B 646 -3.88 8.19 -27.05
C HIS B 646 -3.47 7.69 -25.67
N TYR B 647 -2.78 8.50 -24.90
CA TYR B 647 -2.42 8.09 -23.56
C TYR B 647 -3.73 8.01 -22.77
N ARG B 648 -4.57 9.02 -22.94
CA ARG B 648 -5.82 9.09 -22.22
C ARG B 648 -6.92 8.12 -22.64
N ASN B 649 -6.96 7.78 -23.93
CA ASN B 649 -8.00 6.88 -24.42
C ASN B 649 -7.66 5.40 -24.21
N SER B 650 -6.64 5.12 -23.40
CA SER B 650 -6.25 3.73 -23.14
C SER B 650 -6.02 3.41 -21.66
N THR B 651 -6.80 4.06 -20.80
CA THR B 651 -6.72 3.87 -19.36
C THR B 651 -7.52 2.66 -18.93
N VAL B 652 -6.99 1.80 -18.07
CA VAL B 652 -7.79 0.64 -17.64
C VAL B 652 -8.98 1.13 -16.84
N MET B 653 -8.78 2.09 -15.96
CA MET B 653 -9.89 2.56 -15.15
C MET B 653 -11.02 3.22 -15.93
N SER B 654 -10.75 3.64 -17.16
CA SER B 654 -11.82 4.26 -17.94
C SER B 654 -12.84 3.21 -18.39
N ARG B 655 -12.43 1.94 -18.34
CA ARG B 655 -13.31 0.84 -18.74
C ARG B 655 -13.89 0.14 -17.51
N ALA B 656 -13.92 0.85 -16.38
CA ALA B 656 -14.40 0.28 -15.13
C ALA B 656 -15.81 -0.29 -15.21
N GLU B 657 -16.76 0.52 -15.65
CA GLU B 657 -18.15 0.11 -15.78
C GLU B 657 -18.28 -1.33 -16.30
N ASN B 658 -17.72 -1.59 -17.47
CA ASN B 658 -17.79 -2.90 -18.09
C ASN B 658 -17.25 -4.08 -17.28
N PHE B 659 -16.75 -3.84 -16.08
CA PHE B 659 -16.22 -4.92 -15.27
C PHE B 659 -17.31 -5.63 -14.47
N LYS B 660 -18.56 -5.21 -14.60
CA LYS B 660 -19.64 -5.84 -13.84
C LYS B 660 -19.94 -7.24 -14.37
N GLN B 661 -19.65 -7.45 -15.65
CA GLN B 661 -19.91 -8.72 -16.31
C GLN B 661 -18.76 -9.70 -16.12
N VAL B 662 -17.91 -9.46 -15.11
CA VAL B 662 -16.74 -10.31 -14.90
C VAL B 662 -16.29 -10.54 -13.46
N GLU B 663 -15.65 -11.69 -13.21
CA GLU B 663 -15.09 -12.00 -11.90
C GLU B 663 -13.63 -11.62 -12.14
N TYR B 664 -13.12 -10.64 -11.39
CA TYR B 664 -11.76 -10.15 -11.60
C TYR B 664 -10.85 -10.30 -10.40
N LEU B 665 -9.59 -10.65 -10.66
CA LEU B 665 -8.60 -10.79 -9.58
C LEU B 665 -7.40 -9.92 -9.88
N LEU B 666 -7.16 -8.94 -9.01
CA LEU B 666 -6.05 -8.00 -9.14
C LEU B 666 -5.02 -8.29 -8.06
N ILE B 667 -3.77 -8.41 -8.46
CA ILE B 667 -2.71 -8.72 -7.51
C ILE B 667 -1.54 -7.76 -7.65
N HIS B 668 -0.86 -7.41 -6.55
CA HIS B 668 0.27 -6.49 -6.68
C HIS B 668 1.31 -6.49 -5.57
N GLY B 669 2.57 -6.34 -5.96
CA GLY B 669 3.63 -6.33 -4.96
C GLY B 669 3.68 -5.01 -4.21
N THR B 670 3.84 -5.08 -2.90
CA THR B 670 3.88 -3.86 -2.11
C THR B 670 5.15 -3.06 -2.30
N ALA B 671 6.18 -3.72 -2.81
CA ALA B 671 7.46 -3.06 -3.00
C ALA B 671 7.85 -3.07 -4.46
N ASP B 672 6.85 -3.03 -5.32
CA ASP B 672 7.11 -3.05 -6.76
C ASP B 672 7.74 -1.72 -7.20
N ASP B 673 9.02 -1.76 -7.55
CA ASP B 673 9.70 -0.55 -7.98
C ASP B 673 9.55 -0.33 -9.49
N ASN B 674 9.10 -1.36 -10.21
CA ASN B 674 8.94 -1.30 -11.65
C ASN B 674 7.55 -0.79 -12.07
N VAL B 675 6.53 -1.47 -11.59
CA VAL B 675 5.14 -1.09 -11.85
C VAL B 675 4.63 -0.72 -10.47
N HIS B 676 4.84 0.54 -10.14
CA HIS B 676 4.54 1.13 -8.84
C HIS B 676 3.43 0.78 -7.84
N PHE B 677 2.35 0.12 -8.25
CA PHE B 677 1.25 -0.25 -7.32
C PHE B 677 0.22 0.84 -7.47
N GLN B 678 0.72 2.05 -7.58
CA GLN B 678 -0.13 3.20 -7.80
C GLN B 678 -1.04 2.71 -8.91
N GLN B 679 -0.44 2.00 -9.85
CA GLN B 679 -1.14 1.48 -11.00
C GLN B 679 -2.36 0.67 -10.64
N SER B 680 -2.22 -0.26 -9.71
CA SER B 680 -3.34 -1.06 -9.33
C SER B 680 -4.24 -0.28 -8.39
N ALA B 681 -3.64 0.48 -7.46
CA ALA B 681 -4.42 1.26 -6.52
C ALA B 681 -5.37 2.14 -7.28
N GLN B 682 -4.90 2.64 -8.41
CA GLN B 682 -5.70 3.50 -9.24
C GLN B 682 -6.85 2.72 -9.86
N ILE B 683 -6.59 1.46 -10.19
CA ILE B 683 -7.60 0.58 -10.78
C ILE B 683 -8.67 0.24 -9.77
N SER B 684 -8.26 -0.33 -8.64
CA SER B 684 -9.19 -0.70 -7.61
C SER B 684 -10.11 0.48 -7.41
N LYS B 685 -9.52 1.61 -7.03
CA LYS B 685 -10.26 2.84 -6.80
C LYS B 685 -11.35 3.03 -7.84
N ALA B 686 -10.96 2.97 -9.11
CA ALA B 686 -11.89 3.15 -10.22
C ALA B 686 -13.08 2.22 -10.16
N LEU B 687 -12.79 0.94 -9.96
CA LEU B 687 -13.83 -0.08 -9.87
C LEU B 687 -14.77 0.18 -8.71
N VAL B 688 -14.20 0.61 -7.59
CA VAL B 688 -14.98 0.91 -6.39
C VAL B 688 -15.93 2.05 -6.69
N ASP B 689 -15.44 3.07 -7.38
CA ASP B 689 -16.28 4.21 -7.71
C ASP B 689 -17.36 3.81 -8.72
N ALA B 690 -17.12 2.72 -9.43
CA ALA B 690 -18.06 2.24 -10.42
C ALA B 690 -19.10 1.33 -9.78
N GLY B 691 -18.83 0.92 -8.55
CA GLY B 691 -19.75 0.04 -7.85
C GLY B 691 -19.55 -1.41 -8.23
N VAL B 692 -18.43 -1.70 -8.89
CA VAL B 692 -18.08 -3.05 -9.34
C VAL B 692 -17.34 -3.84 -8.30
N ASP B 693 -17.75 -5.06 -8.03
CA ASP B 693 -17.03 -5.86 -7.04
C ASP B 693 -15.96 -6.71 -7.70
N PHE B 694 -14.85 -6.91 -7.01
CA PHE B 694 -13.74 -7.69 -7.55
C PHE B 694 -12.93 -8.28 -6.41
N GLN B 695 -11.90 -9.04 -6.75
CA GLN B 695 -11.05 -9.64 -5.74
C GLN B 695 -9.62 -9.13 -5.80
N ALA B 696 -9.08 -8.76 -4.65
CA ALA B 696 -7.73 -8.26 -4.61
C ALA B 696 -6.80 -9.04 -3.66
N MET B 697 -5.51 -8.80 -3.81
CA MET B 697 -4.49 -9.44 -3.02
C MET B 697 -3.19 -8.64 -3.19
N TRP B 698 -2.62 -8.22 -2.06
CA TRP B 698 -1.38 -7.47 -2.09
C TRP B 698 -0.31 -8.36 -1.47
N TYR B 699 0.93 -8.21 -1.92
CA TYR B 699 1.99 -9.00 -1.33
C TYR B 699 3.00 -8.08 -0.69
N THR B 700 2.93 -8.05 0.64
CA THR B 700 3.78 -7.21 1.46
C THR B 700 5.25 -7.38 1.15
N ASP B 701 5.90 -6.27 0.83
CA ASP B 701 7.33 -6.25 0.54
C ASP B 701 7.84 -7.08 -0.64
N GLU B 702 6.97 -7.40 -1.60
CA GLU B 702 7.41 -8.18 -2.74
C GLU B 702 7.78 -7.31 -3.93
N ASP B 703 8.69 -7.79 -4.76
CA ASP B 703 9.16 -7.08 -5.94
C ASP B 703 8.11 -7.08 -7.02
N HIS B 704 8.54 -6.80 -8.24
CA HIS B 704 7.61 -6.82 -9.36
C HIS B 704 7.57 -8.26 -9.82
N GLY B 705 8.19 -9.13 -9.04
CA GLY B 705 8.22 -10.54 -9.40
C GLY B 705 7.55 -11.43 -8.36
N ILE B 706 7.33 -10.88 -7.17
CA ILE B 706 6.70 -11.65 -6.10
C ILE B 706 7.40 -13.01 -6.21
N ALA B 707 8.73 -12.95 -6.26
CA ALA B 707 9.54 -14.14 -6.44
C ALA B 707 10.12 -14.79 -5.20
N SER B 708 9.84 -14.25 -4.02
CA SER B 708 10.38 -14.88 -2.83
C SER B 708 9.76 -16.26 -2.85
N SER B 709 10.36 -17.21 -2.14
CA SER B 709 9.79 -18.57 -2.12
C SER B 709 8.33 -18.51 -1.64
N THR B 710 8.16 -18.30 -0.34
CA THR B 710 6.86 -18.21 0.29
C THR B 710 5.81 -17.48 -0.52
N ALA B 711 6.16 -16.32 -1.05
CA ALA B 711 5.22 -15.53 -1.83
C ALA B 711 4.93 -16.16 -3.17
N HIS B 712 5.95 -16.74 -3.78
CA HIS B 712 5.78 -17.38 -5.08
C HIS B 712 4.74 -18.51 -4.99
N GLN B 713 4.92 -19.36 -3.98
CA GLN B 713 4.01 -20.46 -3.77
C GLN B 713 2.63 -19.89 -3.51
N HIS B 714 2.56 -18.94 -2.57
CA HIS B 714 1.30 -18.32 -2.21
C HIS B 714 0.46 -17.78 -3.35
N ILE B 715 1.04 -16.89 -4.15
CA ILE B 715 0.28 -16.32 -5.24
C ILE B 715 -0.20 -17.33 -6.27
N TYR B 716 0.56 -18.36 -6.58
CA TYR B 716 0.04 -19.28 -7.58
C TYR B 716 -1.08 -20.11 -6.99
N SER B 717 -0.91 -20.53 -5.73
CA SER B 717 -1.94 -21.33 -5.11
C SER B 717 -3.21 -20.50 -5.17
N HIS B 718 -3.08 -19.22 -4.83
CA HIS B 718 -4.23 -18.33 -4.83
C HIS B 718 -4.87 -18.24 -6.20
N MET B 719 -4.10 -17.96 -7.22
CA MET B 719 -4.67 -17.85 -8.54
C MET B 719 -5.35 -19.16 -8.93
N SER B 720 -4.74 -20.27 -8.53
CA SER B 720 -5.29 -21.56 -8.86
C SER B 720 -6.70 -21.61 -8.33
N HIS B 721 -6.85 -21.40 -7.02
CA HIS B 721 -8.16 -21.43 -6.39
C HIS B 721 -9.09 -20.42 -7.06
N PHE B 722 -8.55 -19.32 -7.56
CA PHE B 722 -9.42 -18.35 -8.21
C PHE B 722 -10.00 -18.95 -9.47
N LEU B 723 -9.18 -19.72 -10.18
CA LEU B 723 -9.64 -20.35 -11.41
C LEU B 723 -10.59 -21.46 -11.07
N GLN B 724 -10.26 -22.18 -10.01
CA GLN B 724 -11.11 -23.26 -9.58
C GLN B 724 -12.49 -22.70 -9.31
N GLN B 725 -12.57 -21.63 -8.50
CA GLN B 725 -13.87 -21.02 -8.22
C GLN B 725 -14.52 -20.60 -9.54
N CYS B 726 -13.78 -19.86 -10.36
CA CYS B 726 -14.33 -19.38 -11.62
C CYS B 726 -14.81 -20.49 -12.55
N PHE B 727 -14.06 -21.59 -12.63
CA PHE B 727 -14.42 -22.68 -13.51
C PHE B 727 -15.33 -23.74 -12.90
N SER B 728 -15.84 -23.47 -11.70
CA SER B 728 -16.73 -24.40 -11.02
C SER B 728 -16.11 -25.77 -10.71
N LEU B 729 -14.80 -25.79 -10.46
CA LEU B 729 -14.11 -27.04 -10.13
C LEU B 729 -13.93 -27.08 -8.63
N ARG B 730 -12.70 -27.36 -8.19
CA ARG B 730 -12.37 -27.44 -6.76
C ARG B 730 -13.45 -28.13 -5.96
#